data_2O4T
# 
_entry.id   2O4T 
# 
_audit_conform.dict_name       mmcif_pdbx.dic 
_audit_conform.dict_version    5.398 
_audit_conform.dict_location   http://mmcif.pdb.org/dictionaries/ascii/mmcif_pdbx.dic 
# 
loop_
_database_2.database_id 
_database_2.database_code 
_database_2.pdbx_database_accession 
_database_2.pdbx_DOI 
PDB   2O4T         pdb_00002o4t 10.2210/pdb2o4t/pdb 
RCSB  RCSB040687   ?            ?                   
WWPDB D_1000040687 ?            ?                   
# 
loop_
_pdbx_audit_revision_history.ordinal 
_pdbx_audit_revision_history.data_content_type 
_pdbx_audit_revision_history.major_revision 
_pdbx_audit_revision_history.minor_revision 
_pdbx_audit_revision_history.revision_date 
1 'Structure model' 1 0 2006-12-26 
2 'Structure model' 1 1 2008-05-01 
3 'Structure model' 1 2 2011-07-13 
4 'Structure model' 1 3 2017-10-18 
5 'Structure model' 1 4 2017-10-25 
6 'Structure model' 1 5 2023-01-25 
7 'Structure model' 1 6 2023-09-20 
8 'Structure model' 1 7 2023-11-15 
9 'Structure model' 1 8 2024-10-30 
# 
_pdbx_audit_revision_details.ordinal             1 
_pdbx_audit_revision_details.revision_ordinal    1 
_pdbx_audit_revision_details.data_content_type   'Structure model' 
_pdbx_audit_revision_details.provider            repository 
_pdbx_audit_revision_details.type                'Initial release' 
_pdbx_audit_revision_details.description         ? 
_pdbx_audit_revision_details.details             ? 
# 
loop_
_pdbx_audit_revision_group.ordinal 
_pdbx_audit_revision_group.revision_ordinal 
_pdbx_audit_revision_group.data_content_type 
_pdbx_audit_revision_group.group 
1  2 'Structure model' 'Version format compliance'  
2  3 'Structure model' Advisory                     
3  3 'Structure model' 'Derived calculations'       
4  3 'Structure model' 'Version format compliance'  
5  4 'Structure model' 'Refinement description'     
6  5 'Structure model' 'Author supporting evidence' 
7  6 'Structure model' 'Database references'        
8  6 'Structure model' 'Derived calculations'       
9  7 'Structure model' 'Data collection'            
10 7 'Structure model' 'Refinement description'     
11 8 'Structure model' 'Data collection'            
12 9 'Structure model' 'Structure summary'          
# 
loop_
_pdbx_audit_revision_category.ordinal 
_pdbx_audit_revision_category.revision_ordinal 
_pdbx_audit_revision_category.data_content_type 
_pdbx_audit_revision_category.category 
1  4 'Structure model' software                           
2  5 'Structure model' pdbx_struct_assembly_auth_evidence 
3  6 'Structure model' database_2                         
4  6 'Structure model' struct_ref_seq_dif                 
5  6 'Structure model' struct_site                        
6  7 'Structure model' chem_comp_atom                     
7  7 'Structure model' chem_comp_bond                     
8  7 'Structure model' pdbx_initial_refinement_model      
9  8 'Structure model' chem_comp_atom                     
10 8 'Structure model' chem_comp_bond                     
11 9 'Structure model' pdbx_entry_details                 
# 
loop_
_pdbx_audit_revision_item.ordinal 
_pdbx_audit_revision_item.revision_ordinal 
_pdbx_audit_revision_item.data_content_type 
_pdbx_audit_revision_item.item 
1  4 'Structure model' '_software.classification'            
2  4 'Structure model' '_software.name'                      
3  6 'Structure model' '_database_2.pdbx_DOI'                
4  6 'Structure model' '_database_2.pdbx_database_accession' 
5  6 'Structure model' '_struct_ref_seq_dif.details'         
6  6 'Structure model' '_struct_site.pdbx_auth_asym_id'      
7  6 'Structure model' '_struct_site.pdbx_auth_comp_id'      
8  6 'Structure model' '_struct_site.pdbx_auth_seq_id'       
9  8 'Structure model' '_chem_comp_atom.atom_id'             
10 8 'Structure model' '_chem_comp_bond.atom_id_2'           
# 
_pdbx_database_status.SG_entry                        Y 
_pdbx_database_status.entry_id                        2O4T 
_pdbx_database_status.deposit_site                    RCSB 
_pdbx_database_status.process_site                    RCSB 
_pdbx_database_status.recvd_initial_deposition_date   2006-12-04 
_pdbx_database_status.status_code                     REL 
_pdbx_database_status.status_code_sf                  REL 
_pdbx_database_status.status_code_mr                  ? 
_pdbx_database_status.pdb_format_compatible           Y 
_pdbx_database_status.status_code_cs                  ? 
_pdbx_database_status.methods_development_category    ? 
_pdbx_database_status.status_code_nmr_data            ? 
# 
_pdbx_database_related.db_name        TargetDB 
_pdbx_database_related.db_id          372074 
_pdbx_database_related.details        . 
_pdbx_database_related.content_type   unspecified 
# 
_audit_author.name           'Joint Center for Structural Genomics (JCSG)' 
_audit_author.pdbx_ordinal   1 
# 
_citation.id                        primary 
_citation.title                     'Crystal structure of BH3976 (10176601) from Bacillus halodurans at 1.95 A resolution' 
_citation.journal_abbrev            'To be published' 
_citation.journal_volume            ? 
_citation.page_first                ? 
_citation.page_last                 ? 
_citation.year                      ? 
_citation.journal_id_ASTM           ? 
_citation.country                   ? 
_citation.journal_id_ISSN           ? 
_citation.journal_id_CSD            0353 
_citation.book_publisher            ? 
_citation.pdbx_database_id_PubMed   ? 
_citation.pdbx_database_id_DOI      ? 
# 
_citation_author.citation_id        primary 
_citation_author.name               'Joint Center for Structural Genomics (JCSG)' 
_citation_author.ordinal            1 
_citation_author.identifier_ORCID   ? 
# 
loop_
_entity.id 
_entity.type 
_entity.src_method 
_entity.pdbx_description 
_entity.formula_weight 
_entity.pdbx_number_of_molecules 
_entity.pdbx_ec 
_entity.pdbx_mutation 
_entity.pdbx_fragment 
_entity.details 
1 polymer     man 'BH3976 protein'        11075.263 1  ? ? 'residues 15-113' ? 
2 non-polymer syn 'DI(HYDROXYETHYL)ETHER' 106.120   2  ? ? ?                 ? 
3 water       nat water                   18.015    56 ? ? ?                 ? 
# 
_entity_poly.entity_id                      1 
_entity_poly.type                           'polypeptide(L)' 
_entity_poly.nstd_linkage                   no 
_entity_poly.nstd_monomer                   yes 
_entity_poly.pdbx_seq_one_letter_code       
;GAHVSRVEKLPKDYQIVYKEIQKYLFKVGPVELNEGIGLLSEILGFFEEGAAAGKGVLDVTGTDVAAFCDALIGDSKTYA
DLYQESIQQHVDKA(MSE)KN(MSE)KD
;
_entity_poly.pdbx_seq_one_letter_code_can   
;GAHVSRVEKLPKDYQIVYKEIQKYLFKVGPVELNEGIGLLSEILGFFEEGAAAGKGVLDVTGTDVAAFCDALIGDSKTYA
DLYQESIQQHVDKAMKNMKD
;
_entity_poly.pdbx_strand_id                 A 
_entity_poly.pdbx_target_identifier         372074 
# 
loop_
_pdbx_entity_nonpoly.entity_id 
_pdbx_entity_nonpoly.name 
_pdbx_entity_nonpoly.comp_id 
2 'DI(HYDROXYETHYL)ETHER' PEG 
3 water                   HOH 
# 
loop_
_entity_poly_seq.entity_id 
_entity_poly_seq.num 
_entity_poly_seq.mon_id 
_entity_poly_seq.hetero 
1 1   GLY n 
1 2   ALA n 
1 3   HIS n 
1 4   VAL n 
1 5   SER n 
1 6   ARG n 
1 7   VAL n 
1 8   GLU n 
1 9   LYS n 
1 10  LEU n 
1 11  PRO n 
1 12  LYS n 
1 13  ASP n 
1 14  TYR n 
1 15  GLN n 
1 16  ILE n 
1 17  VAL n 
1 18  TYR n 
1 19  LYS n 
1 20  GLU n 
1 21  ILE n 
1 22  GLN n 
1 23  LYS n 
1 24  TYR n 
1 25  LEU n 
1 26  PHE n 
1 27  LYS n 
1 28  VAL n 
1 29  GLY n 
1 30  PRO n 
1 31  VAL n 
1 32  GLU n 
1 33  LEU n 
1 34  ASN n 
1 35  GLU n 
1 36  GLY n 
1 37  ILE n 
1 38  GLY n 
1 39  LEU n 
1 40  LEU n 
1 41  SER n 
1 42  GLU n 
1 43  ILE n 
1 44  LEU n 
1 45  GLY n 
1 46  PHE n 
1 47  PHE n 
1 48  GLU n 
1 49  GLU n 
1 50  GLY n 
1 51  ALA n 
1 52  ALA n 
1 53  ALA n 
1 54  GLY n 
1 55  LYS n 
1 56  GLY n 
1 57  VAL n 
1 58  LEU n 
1 59  ASP n 
1 60  VAL n 
1 61  THR n 
1 62  GLY n 
1 63  THR n 
1 64  ASP n 
1 65  VAL n 
1 66  ALA n 
1 67  ALA n 
1 68  PHE n 
1 69  CYS n 
1 70  ASP n 
1 71  ALA n 
1 72  LEU n 
1 73  ILE n 
1 74  GLY n 
1 75  ASP n 
1 76  SER n 
1 77  LYS n 
1 78  THR n 
1 79  TYR n 
1 80  ALA n 
1 81  ASP n 
1 82  LEU n 
1 83  TYR n 
1 84  GLN n 
1 85  GLU n 
1 86  SER n 
1 87  ILE n 
1 88  GLN n 
1 89  GLN n 
1 90  HIS n 
1 91  VAL n 
1 92  ASP n 
1 93  LYS n 
1 94  ALA n 
1 95  MSE n 
1 96  LYS n 
1 97  ASN n 
1 98  MSE n 
1 99  LYS n 
1 100 ASP n 
# 
_entity_src_gen.entity_id                          1 
_entity_src_gen.pdbx_src_id                        1 
_entity_src_gen.pdbx_alt_source_flag               sample 
_entity_src_gen.pdbx_seq_type                      ? 
_entity_src_gen.pdbx_beg_seq_num                   ? 
_entity_src_gen.pdbx_end_seq_num                   ? 
_entity_src_gen.gene_src_common_name               ? 
_entity_src_gen.gene_src_genus                     Bacillus 
_entity_src_gen.pdbx_gene_src_gene                 10176601 
_entity_src_gen.gene_src_species                   ? 
_entity_src_gen.gene_src_strain                    ? 
_entity_src_gen.gene_src_tissue                    ? 
_entity_src_gen.gene_src_tissue_fraction           ? 
_entity_src_gen.gene_src_details                   ? 
_entity_src_gen.pdbx_gene_src_fragment             ? 
_entity_src_gen.pdbx_gene_src_scientific_name      'Bacillus halodurans' 
_entity_src_gen.pdbx_gene_src_ncbi_taxonomy_id     86665 
_entity_src_gen.pdbx_gene_src_variant              ? 
_entity_src_gen.pdbx_gene_src_cell_line            ? 
_entity_src_gen.pdbx_gene_src_atcc                 ? 
_entity_src_gen.pdbx_gene_src_organ                ? 
_entity_src_gen.pdbx_gene_src_organelle            ? 
_entity_src_gen.pdbx_gene_src_cell                 ? 
_entity_src_gen.pdbx_gene_src_cellular_location    ? 
_entity_src_gen.host_org_common_name               ? 
_entity_src_gen.pdbx_host_org_scientific_name      'Escherichia coli' 
_entity_src_gen.pdbx_host_org_ncbi_taxonomy_id     562 
_entity_src_gen.host_org_genus                     Escherichia 
_entity_src_gen.pdbx_host_org_gene                 ? 
_entity_src_gen.pdbx_host_org_organ                ? 
_entity_src_gen.host_org_species                   ? 
_entity_src_gen.pdbx_host_org_tissue               ? 
_entity_src_gen.pdbx_host_org_tissue_fraction      ? 
_entity_src_gen.pdbx_host_org_strain               ? 
_entity_src_gen.pdbx_host_org_variant              ? 
_entity_src_gen.pdbx_host_org_cell_line            ? 
_entity_src_gen.pdbx_host_org_atcc                 ? 
_entity_src_gen.pdbx_host_org_culture_collection   ? 
_entity_src_gen.pdbx_host_org_cell                 ? 
_entity_src_gen.pdbx_host_org_organelle            ? 
_entity_src_gen.pdbx_host_org_cellular_location    ? 
_entity_src_gen.pdbx_host_org_vector_type          Plasmid 
_entity_src_gen.pdbx_host_org_vector               ? 
_entity_src_gen.host_org_details                   ? 
_entity_src_gen.expression_system_id               ? 
_entity_src_gen.plasmid_name                       ? 
_entity_src_gen.plasmid_details                    ? 
_entity_src_gen.pdbx_description                   ? 
# 
loop_
_chem_comp.id 
_chem_comp.type 
_chem_comp.mon_nstd_flag 
_chem_comp.name 
_chem_comp.pdbx_synonyms 
_chem_comp.formula 
_chem_comp.formula_weight 
ALA 'L-peptide linking' y ALANINE                 ? 'C3 H7 N O2'     89.093  
ARG 'L-peptide linking' y ARGININE                ? 'C6 H15 N4 O2 1' 175.209 
ASN 'L-peptide linking' y ASPARAGINE              ? 'C4 H8 N2 O3'    132.118 
ASP 'L-peptide linking' y 'ASPARTIC ACID'         ? 'C4 H7 N O4'     133.103 
CYS 'L-peptide linking' y CYSTEINE                ? 'C3 H7 N O2 S'   121.158 
GLN 'L-peptide linking' y GLUTAMINE               ? 'C5 H10 N2 O3'   146.144 
GLU 'L-peptide linking' y 'GLUTAMIC ACID'         ? 'C5 H9 N O4'     147.129 
GLY 'peptide linking'   y GLYCINE                 ? 'C2 H5 N O2'     75.067  
HIS 'L-peptide linking' y HISTIDINE               ? 'C6 H10 N3 O2 1' 156.162 
HOH non-polymer         . WATER                   ? 'H2 O'           18.015  
ILE 'L-peptide linking' y ISOLEUCINE              ? 'C6 H13 N O2'    131.173 
LEU 'L-peptide linking' y LEUCINE                 ? 'C6 H13 N O2'    131.173 
LYS 'L-peptide linking' y LYSINE                  ? 'C6 H15 N2 O2 1' 147.195 
MET 'L-peptide linking' y METHIONINE              ? 'C5 H11 N O2 S'  149.211 
MSE 'L-peptide linking' n SELENOMETHIONINE        ? 'C5 H11 N O2 Se' 196.106 
PEG non-polymer         . 'DI(HYDROXYETHYL)ETHER' ? 'C4 H10 O3'      106.120 
PHE 'L-peptide linking' y PHENYLALANINE           ? 'C9 H11 N O2'    165.189 
PRO 'L-peptide linking' y PROLINE                 ? 'C5 H9 N O2'     115.130 
SER 'L-peptide linking' y SERINE                  ? 'C3 H7 N O3'     105.093 
THR 'L-peptide linking' y THREONINE               ? 'C4 H9 N O3'     119.119 
TYR 'L-peptide linking' y TYROSINE                ? 'C9 H11 N O3'    181.189 
VAL 'L-peptide linking' y VALINE                  ? 'C5 H11 N O2'    117.146 
# 
loop_
_pdbx_poly_seq_scheme.asym_id 
_pdbx_poly_seq_scheme.entity_id 
_pdbx_poly_seq_scheme.seq_id 
_pdbx_poly_seq_scheme.mon_id 
_pdbx_poly_seq_scheme.ndb_seq_num 
_pdbx_poly_seq_scheme.pdb_seq_num 
_pdbx_poly_seq_scheme.auth_seq_num 
_pdbx_poly_seq_scheme.pdb_mon_id 
_pdbx_poly_seq_scheme.auth_mon_id 
_pdbx_poly_seq_scheme.pdb_strand_id 
_pdbx_poly_seq_scheme.pdb_ins_code 
_pdbx_poly_seq_scheme.hetero 
A 1 1   GLY 1   14  ?   ?   ?   A . n 
A 1 2   ALA 2   15  ?   ?   ?   A . n 
A 1 3   HIS 3   16  16  HIS HIS A . n 
A 1 4   VAL 4   17  17  VAL VAL A . n 
A 1 5   SER 5   18  18  SER SER A . n 
A 1 6   ARG 6   19  19  ARG ARG A . n 
A 1 7   VAL 7   20  20  VAL VAL A . n 
A 1 8   GLU 8   21  21  GLU GLU A . n 
A 1 9   LYS 9   22  22  LYS LYS A . n 
A 1 10  LEU 10  23  23  LEU LEU A . n 
A 1 11  PRO 11  24  24  PRO PRO A . n 
A 1 12  LYS 12  25  25  LYS LYS A . n 
A 1 13  ASP 13  26  26  ASP ASP A . n 
A 1 14  TYR 14  27  27  TYR TYR A . n 
A 1 15  GLN 15  28  28  GLN GLN A . n 
A 1 16  ILE 16  29  29  ILE ILE A . n 
A 1 17  VAL 17  30  30  VAL VAL A . n 
A 1 18  TYR 18  31  31  TYR TYR A . n 
A 1 19  LYS 19  32  32  LYS LYS A . n 
A 1 20  GLU 20  33  33  GLU GLU A . n 
A 1 21  ILE 21  34  34  ILE ILE A . n 
A 1 22  GLN 22  35  35  GLN GLN A . n 
A 1 23  LYS 23  36  36  LYS LYS A . n 
A 1 24  TYR 24  37  37  TYR TYR A . n 
A 1 25  LEU 25  38  38  LEU LEU A . n 
A 1 26  PHE 26  39  39  PHE PHE A . n 
A 1 27  LYS 27  40  40  LYS LYS A . n 
A 1 28  VAL 28  41  41  VAL VAL A . n 
A 1 29  GLY 29  42  42  GLY GLY A . n 
A 1 30  PRO 30  43  43  PRO PRO A . n 
A 1 31  VAL 31  44  44  VAL VAL A . n 
A 1 32  GLU 32  45  45  GLU GLU A . n 
A 1 33  LEU 33  46  46  LEU LEU A . n 
A 1 34  ASN 34  47  47  ASN ASN A . n 
A 1 35  GLU 35  48  48  GLU GLU A . n 
A 1 36  GLY 36  49  49  GLY GLY A . n 
A 1 37  ILE 37  50  50  ILE ILE A . n 
A 1 38  GLY 38  51  51  GLY GLY A . n 
A 1 39  LEU 39  52  52  LEU LEU A . n 
A 1 40  LEU 40  53  53  LEU LEU A . n 
A 1 41  SER 41  54  54  SER SER A . n 
A 1 42  GLU 42  55  55  GLU GLU A . n 
A 1 43  ILE 43  56  56  ILE ILE A . n 
A 1 44  LEU 44  57  57  LEU LEU A . n 
A 1 45  GLY 45  58  58  GLY GLY A . n 
A 1 46  PHE 46  59  59  PHE PHE A . n 
A 1 47  PHE 47  60  60  PHE PHE A . n 
A 1 48  GLU 48  61  61  GLU GLU A . n 
A 1 49  GLU 49  62  62  GLU GLU A . n 
A 1 50  GLY 50  63  63  GLY GLY A . n 
A 1 51  ALA 51  64  64  ALA ALA A . n 
A 1 52  ALA 52  65  65  ALA ALA A . n 
A 1 53  ALA 53  66  66  ALA ALA A . n 
A 1 54  GLY 54  67  67  GLY GLY A . n 
A 1 55  LYS 55  68  68  LYS LYS A . n 
A 1 56  GLY 56  69  69  GLY GLY A . n 
A 1 57  VAL 57  70  70  VAL VAL A . n 
A 1 58  LEU 58  71  71  LEU LEU A . n 
A 1 59  ASP 59  72  72  ASP ASP A . n 
A 1 60  VAL 60  73  73  VAL VAL A . n 
A 1 61  THR 61  74  74  THR THR A . n 
A 1 62  GLY 62  75  75  GLY GLY A . n 
A 1 63  THR 63  76  76  THR THR A . n 
A 1 64  ASP 64  77  77  ASP ASP A . n 
A 1 65  VAL 65  78  78  VAL VAL A . n 
A 1 66  ALA 66  79  79  ALA ALA A . n 
A 1 67  ALA 67  80  80  ALA ALA A . n 
A 1 68  PHE 68  81  81  PHE PHE A . n 
A 1 69  CYS 69  82  82  CYS CYS A . n 
A 1 70  ASP 70  83  83  ASP ASP A . n 
A 1 71  ALA 71  84  84  ALA ALA A . n 
A 1 72  LEU 72  85  85  LEU LEU A . n 
A 1 73  ILE 73  86  86  ILE ILE A . n 
A 1 74  GLY 74  87  87  GLY GLY A . n 
A 1 75  ASP 75  88  88  ASP ASP A . n 
A 1 76  SER 76  89  89  SER SER A . n 
A 1 77  LYS 77  90  90  LYS LYS A . n 
A 1 78  THR 78  91  91  THR THR A . n 
A 1 79  TYR 79  92  92  TYR TYR A . n 
A 1 80  ALA 80  93  93  ALA ALA A . n 
A 1 81  ASP 81  94  94  ASP ASP A . n 
A 1 82  LEU 82  95  95  LEU LEU A . n 
A 1 83  TYR 83  96  96  TYR TYR A . n 
A 1 84  GLN 84  97  97  GLN GLN A . n 
A 1 85  GLU 85  98  98  GLU GLU A . n 
A 1 86  SER 86  99  99  SER SER A . n 
A 1 87  ILE 87  100 100 ILE ILE A . n 
A 1 88  GLN 88  101 101 GLN GLN A . n 
A 1 89  GLN 89  102 102 GLN GLN A . n 
A 1 90  HIS 90  103 103 HIS HIS A . n 
A 1 91  VAL 91  104 104 VAL VAL A . n 
A 1 92  ASP 92  105 105 ASP ASP A . n 
A 1 93  LYS 93  106 ?   ?   ?   A . n 
A 1 94  ALA 94  107 ?   ?   ?   A . n 
A 1 95  MSE 95  108 ?   ?   ?   A . n 
A 1 96  LYS 96  109 ?   ?   ?   A . n 
A 1 97  ASN 97  110 ?   ?   ?   A . n 
A 1 98  MSE 98  111 ?   ?   ?   A . n 
A 1 99  LYS 99  112 ?   ?   ?   A . n 
A 1 100 ASP 100 113 ?   ?   ?   A . n 
# 
loop_
_pdbx_nonpoly_scheme.asym_id 
_pdbx_nonpoly_scheme.entity_id 
_pdbx_nonpoly_scheme.mon_id 
_pdbx_nonpoly_scheme.ndb_seq_num 
_pdbx_nonpoly_scheme.pdb_seq_num 
_pdbx_nonpoly_scheme.auth_seq_num 
_pdbx_nonpoly_scheme.pdb_mon_id 
_pdbx_nonpoly_scheme.auth_mon_id 
_pdbx_nonpoly_scheme.pdb_strand_id 
_pdbx_nonpoly_scheme.pdb_ins_code 
B 2 PEG 1  1   1  PEG PEG A . 
C 2 PEG 1  2   2  PEG PEG A . 
D 3 HOH 1  114 3  HOH HOH A . 
D 3 HOH 2  115 4  HOH HOH A . 
D 3 HOH 3  116 5  HOH HOH A . 
D 3 HOH 4  117 6  HOH HOH A . 
D 3 HOH 5  118 7  HOH HOH A . 
D 3 HOH 6  119 8  HOH HOH A . 
D 3 HOH 7  120 9  HOH HOH A . 
D 3 HOH 8  121 10 HOH HOH A . 
D 3 HOH 9  122 11 HOH HOH A . 
D 3 HOH 10 123 12 HOH HOH A . 
D 3 HOH 11 124 13 HOH HOH A . 
D 3 HOH 12 125 14 HOH HOH A . 
D 3 HOH 13 126 15 HOH HOH A . 
D 3 HOH 14 127 16 HOH HOH A . 
D 3 HOH 15 128 17 HOH HOH A . 
D 3 HOH 16 129 18 HOH HOH A . 
D 3 HOH 17 130 19 HOH HOH A . 
D 3 HOH 18 131 20 HOH HOH A . 
D 3 HOH 19 132 21 HOH HOH A . 
D 3 HOH 20 133 22 HOH HOH A . 
D 3 HOH 21 134 23 HOH HOH A . 
D 3 HOH 22 135 24 HOH HOH A . 
D 3 HOH 23 136 25 HOH HOH A . 
D 3 HOH 24 137 26 HOH HOH A . 
D 3 HOH 25 138 27 HOH HOH A . 
D 3 HOH 26 139 28 HOH HOH A . 
D 3 HOH 27 140 29 HOH HOH A . 
D 3 HOH 28 141 30 HOH HOH A . 
D 3 HOH 29 142 31 HOH HOH A . 
D 3 HOH 30 143 32 HOH HOH A . 
D 3 HOH 31 144 33 HOH HOH A . 
D 3 HOH 32 145 34 HOH HOH A . 
D 3 HOH 33 146 35 HOH HOH A . 
D 3 HOH 34 147 36 HOH HOH A . 
D 3 HOH 35 148 37 HOH HOH A . 
D 3 HOH 36 149 38 HOH HOH A . 
D 3 HOH 37 150 39 HOH HOH A . 
D 3 HOH 38 151 40 HOH HOH A . 
D 3 HOH 39 152 41 HOH HOH A . 
D 3 HOH 40 153 42 HOH HOH A . 
D 3 HOH 41 154 43 HOH HOH A . 
D 3 HOH 42 155 44 HOH HOH A . 
D 3 HOH 43 156 45 HOH HOH A . 
D 3 HOH 44 157 46 HOH HOH A . 
D 3 HOH 45 158 47 HOH HOH A . 
D 3 HOH 46 159 48 HOH HOH A . 
D 3 HOH 47 160 49 HOH HOH A . 
D 3 HOH 48 161 50 HOH HOH A . 
D 3 HOH 49 162 51 HOH HOH A . 
D 3 HOH 50 163 52 HOH HOH A . 
D 3 HOH 51 164 53 HOH HOH A . 
D 3 HOH 52 165 54 HOH HOH A . 
D 3 HOH 53 166 55 HOH HOH A . 
D 3 HOH 54 167 56 HOH HOH A . 
D 3 HOH 55 168 57 HOH HOH A . 
D 3 HOH 56 169 58 HOH HOH A . 
# 
loop_
_pdbx_unobs_or_zero_occ_atoms.id 
_pdbx_unobs_or_zero_occ_atoms.PDB_model_num 
_pdbx_unobs_or_zero_occ_atoms.polymer_flag 
_pdbx_unobs_or_zero_occ_atoms.occupancy_flag 
_pdbx_unobs_or_zero_occ_atoms.auth_asym_id 
_pdbx_unobs_or_zero_occ_atoms.auth_comp_id 
_pdbx_unobs_or_zero_occ_atoms.auth_seq_id 
_pdbx_unobs_or_zero_occ_atoms.PDB_ins_code 
_pdbx_unobs_or_zero_occ_atoms.auth_atom_id 
_pdbx_unobs_or_zero_occ_atoms.label_alt_id 
_pdbx_unobs_or_zero_occ_atoms.label_asym_id 
_pdbx_unobs_or_zero_occ_atoms.label_comp_id 
_pdbx_unobs_or_zero_occ_atoms.label_seq_id 
_pdbx_unobs_or_zero_occ_atoms.label_atom_id 
1  1 Y 1 A LYS 25 ? CG  ? A LYS 12 CG  
2  1 Y 1 A LYS 25 ? CD  ? A LYS 12 CD  
3  1 Y 1 A LYS 25 ? CE  ? A LYS 12 CE  
4  1 Y 1 A LYS 25 ? NZ  ? A LYS 12 NZ  
5  1 Y 1 A LYS 32 ? CE  ? A LYS 19 CE  
6  1 Y 1 A LYS 32 ? NZ  ? A LYS 19 NZ  
7  1 Y 1 A LYS 90 ? CD  ? A LYS 77 CD  
8  1 Y 1 A LYS 90 ? CE  ? A LYS 77 CE  
9  1 Y 1 A LYS 90 ? NZ  ? A LYS 77 NZ  
10 1 Y 1 A GLU 98 ? CD  ? A GLU 85 CD  
11 1 Y 1 A GLU 98 ? OE1 ? A GLU 85 OE1 
12 1 Y 1 A GLU 98 ? OE2 ? A GLU 85 OE2 
# 
loop_
_software.name 
_software.version 
_software.date 
_software.type 
_software.contact_author 
_software.contact_author_email 
_software.classification 
_software.location 
_software.language 
_software.citation_id 
_software.pdbx_ordinal 
MolProbity  3beta29   ?                package 'D.C. & J.S. Richardson lab' molprobity@kinemage.biochem.duke.edu 'model building'  
http://kinemage.biochem.duke.edu/molprobity/ ?          ? 1 
REFMAC      5.2.0005  ?                program 'Murshudov, G.N.'            ccp4@dl.ac.uk                        refinement        
http://www.ccp4.ac.uk/main.html              Fortran_77 ? 2 
SCALA       .         ?                other   'Phil Evans'                 pre@mrc-lmb.cam.ac.uk                'data scaling'    
http://www.ccp4.ac.uk/dist/html/INDEX.html   Fortran_77 ? 3 
PDB_EXTRACT 2.000     'April. 3, 2006' package PDB                          sw-help@rcsb.rutgers.edu             'data extraction' 
http://pdb.rutgers.edu/software/             C++        ? 4 
MOSFLM      .         ?                ?       ?                            ?                                    'data reduction'  
?                                            ?          ? 5 
CCP4        '(SCALA)' ?                ?       ?                            ?                                    'data scaling'    
?                                            ?          ? 6 
MOLREP      .         ?                ?       ?                            ?                                    phasing           
?                                            ?          ? 7 
# 
_cell.entry_id           2O4T 
_cell.length_a           85.577 
_cell.length_b           85.577 
_cell.length_c           104.575 
_cell.angle_alpha        90.00 
_cell.angle_beta         90.00 
_cell.angle_gamma        120.00 
_cell.Z_PDB              18 
_cell.pdbx_unique_axis   ? 
_cell.length_a_esd       ? 
_cell.length_b_esd       ? 
_cell.length_c_esd       ? 
_cell.angle_alpha_esd    ? 
_cell.angle_beta_esd     ? 
_cell.angle_gamma_esd    ? 
# 
_symmetry.entry_id                         2O4T 
_symmetry.space_group_name_H-M             'H 3 2' 
_symmetry.pdbx_full_space_group_name_H-M   ? 
_symmetry.cell_setting                     ? 
_symmetry.Int_Tables_number                155 
_symmetry.space_group_name_Hall            ? 
# 
_exptl.crystals_number   1 
_exptl.method            'X-RAY DIFFRACTION' 
_exptl.entry_id          2O4T 
# 
_exptl_crystal.id                    1 
_exptl_crystal.density_Matthews      3.33 
_exptl_crystal.density_meas          ? 
_exptl_crystal.density_percent_sol   63.02 
_exptl_crystal.description           ? 
_exptl_crystal.F_000                 ? 
_exptl_crystal.preparation           ? 
# 
_exptl_crystal_grow.crystal_id      1 
_exptl_crystal_grow.method          'VAPOR DIFFUSION, SITTING DROP, NANODROP' 
_exptl_crystal_grow.pH              4.2 
_exptl_crystal_grow.temp            277 
_exptl_crystal_grow.pdbx_details    
;0.2M (NH4)2SO4, 10.0% Glycerol, 20.0% PEG-300, 0.1M Phosphate Citrate pH 4.2, VAPOR DIFFUSION, SITTING DROP, NANODROP, temperature 277K
;
_exptl_crystal_grow.temp_details    ? 
_exptl_crystal_grow.pdbx_pH_range   . 
# 
_diffrn.id                     1 
_diffrn.ambient_temp           100 
_diffrn.ambient_temp_details   ? 
_diffrn.crystal_id             1 
# 
_diffrn_detector.diffrn_id              1 
_diffrn_detector.detector               CCD 
_diffrn_detector.type                   'MARMOSAIC 300 mm CCD' 
_diffrn_detector.details                'Adjustable focusing mirrors in K-B geometry' 
_diffrn_detector.pdbx_collection_date   2006-10-19 
# 
_diffrn_radiation.diffrn_id                        1 
_diffrn_radiation.pdbx_monochromatic_or_laue_m_l   M 
_diffrn_radiation.monochromator                    'Si(111) Double Crystal Monochromator' 
_diffrn_radiation.pdbx_diffrn_protocol             'SINGLE WAVELENGTH' 
_diffrn_radiation.wavelength_id                    1 
_diffrn_radiation.pdbx_scattering_type             x-ray 
# 
_diffrn_radiation_wavelength.id           1 
_diffrn_radiation_wavelength.wavelength   0.97942 
_diffrn_radiation_wavelength.wt           1.0 
# 
_diffrn_source.diffrn_id                   1 
_diffrn_source.source                      SYNCHROTRON 
_diffrn_source.pdbx_synchrotron_beamline   23-ID-D 
_diffrn_source.type                        'APS BEAMLINE 23-ID-D' 
_diffrn_source.pdbx_wavelength             0.97942 
_diffrn_source.pdbx_wavelength_list        ? 
_diffrn_source.pdbx_synchrotron_site       APS 
# 
_reflns.entry_id                     2O4T 
_reflns.d_resolution_high            1.950 
_reflns.d_resolution_low             60.412 
_reflns.number_obs                   10900 
_reflns.pdbx_Rmerge_I_obs            0.091 
_reflns.pdbx_netI_over_sigmaI        4.100 
_reflns.pdbx_Rsym_value              0.091 
_reflns.pdbx_redundancy              5.100 
_reflns.percent_possible_obs         99.800 
_reflns.observed_criterion_sigma_F   ? 
_reflns.observed_criterion_sigma_I   ? 
_reflns.number_all                   ? 
_reflns.B_iso_Wilson_estimate        35.00 
_reflns.R_free_details               ? 
_reflns.limit_h_max                  ? 
_reflns.limit_h_min                  ? 
_reflns.limit_k_max                  ? 
_reflns.limit_k_min                  ? 
_reflns.limit_l_max                  ? 
_reflns.limit_l_min                  ? 
_reflns.observed_criterion_F_max     ? 
_reflns.observed_criterion_F_min     ? 
_reflns.pdbx_chi_squared             ? 
_reflns.pdbx_scaling_rejects         ? 
_reflns.pdbx_ordinal                 1 
_reflns.pdbx_diffrn_id               1 
# 
loop_
_reflns_shell.d_res_high 
_reflns_shell.d_res_low 
_reflns_shell.number_measured_obs 
_reflns_shell.number_measured_all 
_reflns_shell.number_unique_obs 
_reflns_shell.Rmerge_I_obs 
_reflns_shell.meanI_over_sigI_obs 
_reflns_shell.pdbx_Rsym_value 
_reflns_shell.pdbx_chi_squared 
_reflns_shell.pdbx_redundancy 
_reflns_shell.percent_possible_obs 
_reflns_shell.number_unique_all 
_reflns_shell.percent_possible_all 
_reflns_shell.pdbx_ordinal 
_reflns_shell.pdbx_diffrn_id 
1.95 2.00  ? 2463 ? 0.521 1.4 0.521 ? 3.20 ? 759 98.90  1  1 
2.00 2.06  ? 2970 ? 0.456 1.6 0.456 ? 3.80 ? 779 99.10  2  1 
2.06 2.12  ? 3680 ? 0.44  1.7 0.44  ? 4.90 ? 756 100.00 3  1 
2.12 2.18  ? 4103 ? 0.398 1.8 0.398 ? 5.50 ? 743 100.00 4  1 
2.18 2.25  ? 3971 ? 0.307 2.3 0.307 ? 5.50 ? 718 100.00 5  1 
2.25 2.33  ? 3898 ? 0.231 3.0 0.231 ? 5.60 ? 700 100.00 6  1 
2.33 2.42  ? 3667 ? 0.193 3.6 0.193 ? 5.50 ? 663 100.00 7  1 
2.42 2.52  ? 3574 ? 0.161 4.2 0.161 ? 5.50 ? 644 100.00 8  1 
2.52 2.63  ? 3379 ? 0.135 4.9 0.135 ? 5.50 ? 611 100.00 9  1 
2.63 2.76  ? 3309 ? 0.129 4.6 0.129 ? 5.50 ? 599 100.00 10 1 
2.76 2.91  ? 3033 ? 0.115 4.8 0.115 ? 5.50 ? 552 100.00 11 1 
2.91 3.08  ? 2957 ? 0.102 5.7 0.102 ? 5.50 ? 541 100.00 12 1 
3.08 3.30  ? 2775 ? 0.086 6.3 0.086 ? 5.50 ? 508 100.00 13 1 
3.30 3.56  ? 2593 ? 0.074 7.2 0.074 ? 5.50 ? 474 100.00 14 1 
3.56 3.90  ? 2320 ? 0.077 6.7 0.077 ? 5.40 ? 432 100.00 15 1 
3.90 4.36  ? 2102 ? 0.079 7.1 0.079 ? 5.30 ? 396 100.00 16 1 
4.36 5.04  ? 1891 ? 0.071 7.8 0.071 ? 5.40 ? 352 99.90  17 1 
5.04 6.17  ? 1589 ? 0.066 8.6 0.066 ? 5.30 ? 299 99.90  18 1 
6.17 8.72  ? 1220 ? 0.072 7.7 0.072 ? 5.10 ? 237 99.80  19 1 
8.72 60.47 ? 606  ? 0.069 8.6 0.069 ? 4.40 ? 137 98.60  20 1 
# 
_refine.entry_id                                 2O4T 
_refine.ls_d_res_high                            1.950 
_refine.ls_d_res_low                             60.412 
_refine.pdbx_ls_sigma_F                          0.00 
_refine.ls_percent_reflns_obs                    99.750 
_refine.ls_number_reflns_obs                     10898 
_refine.pdbx_ls_cross_valid_method               THROUGHOUT 
_refine.pdbx_R_Free_selection_details            RANDOM 
_refine.details                                  
;1. HYDROGENS HAVE BEEN ADDED IN THE RIDING POSITIONS. 2. ATOM RECORD CONTAINS RESIDUAL B FACTORS ONLY.
 3. ELECTRON DENSITIES FOR RESIDUE 15 AND RESIDUE 106-113 WERE DISORDERED, THEREFORE THESE RESIDUES WERE NOT MODELED. 4. TWO MOLECULES OF POLYETHYLENE GLYCOL 300 FROM THE CRYSTALLIZATION WERE MOLDELED INTO THE STRUCTURE. ONE OF THESE PEG MOLECULES IS ON A SPECIAL POSITION BETWEEN SYMMETRY-RELATED SUBUNITS.
;
_refine.ls_R_factor_all                          0.205 
_refine.ls_R_factor_R_work                       0.203 
_refine.ls_R_factor_R_free                       0.255 
_refine.ls_percent_reflns_R_free                 4.800 
_refine.ls_number_reflns_R_free                  523 
_refine.B_iso_mean                               43.239 
_refine.aniso_B[1][1]                            2.840 
_refine.aniso_B[2][2]                            2.840 
_refine.aniso_B[3][3]                            -4.250 
_refine.aniso_B[1][2]                            1.420 
_refine.aniso_B[1][3]                            0.000 
_refine.aniso_B[2][3]                            0.000 
_refine.correlation_coeff_Fo_to_Fc               0.958 
_refine.correlation_coeff_Fo_to_Fc_free          0.920 
_refine.pdbx_overall_ESU_R                       0.131 
_refine.pdbx_overall_ESU_R_Free                  0.138 
_refine.overall_SU_ML                            0.124 
_refine.overall_SU_B                             8.919 
_refine.solvent_model_details                    'BABINET MODEL WITH MASK' 
_refine.pdbx_solvent_vdw_probe_radii             1.200 
_refine.pdbx_solvent_ion_probe_radii             0.800 
_refine.pdbx_solvent_shrinkage_radii             0.800 
_refine.pdbx_method_to_determine_struct          'MOLECULAR REPLACEMENT' 
_refine.pdbx_stereochemistry_target_values       'MAXIMUM LIKELIHOOD' 
_refine.pdbx_starting_model                      'pdb enrty 2o3l' 
_refine.pdbx_ls_sigma_I                          ? 
_refine.ls_number_reflns_all                     ? 
_refine.ls_R_factor_obs                          0.205 
_refine.ls_redundancy_reflns_obs                 ? 
_refine.pdbx_data_cutoff_high_absF               ? 
_refine.pdbx_data_cutoff_low_absF                ? 
_refine.ls_number_parameters                     ? 
_refine.ls_number_restraints                     ? 
_refine.ls_R_factor_R_free_error                 ? 
_refine.ls_R_factor_R_free_error_details         ? 
_refine.pdbx_stereochem_target_val_spec_case     ? 
_refine.solvent_model_param_bsol                 ? 
_refine.solvent_model_param_ksol                 ? 
_refine.occupancy_max                            ? 
_refine.occupancy_min                            ? 
_refine.pdbx_isotropic_thermal_model             ? 
_refine.B_iso_min                                ? 
_refine.B_iso_max                                ? 
_refine.overall_SU_R_Cruickshank_DPI             ? 
_refine.overall_SU_R_free                        ? 
_refine.pdbx_data_cutoff_high_rms_absF           ? 
_refine.ls_wR_factor_R_free                      ? 
_refine.ls_wR_factor_R_work                      ? 
_refine.overall_FOM_free_R_set                   ? 
_refine.overall_FOM_work_R_set                   ? 
_refine.pdbx_refine_id                           'X-RAY DIFFRACTION' 
_refine.pdbx_TLS_residual_ADP_flag               'LIKELY RESIDUAL' 
_refine.pdbx_diffrn_id                           1 
_refine.pdbx_overall_phase_error                 ? 
_refine.pdbx_overall_SU_R_free_Cruickshank_DPI   ? 
_refine.pdbx_overall_SU_R_Blow_DPI               ? 
_refine.pdbx_overall_SU_R_free_Blow_DPI          ? 
# 
_refine_hist.pdbx_refine_id                   'X-RAY DIFFRACTION' 
_refine_hist.cycle_id                         LAST 
_refine_hist.pdbx_number_atoms_protein        686 
_refine_hist.pdbx_number_atoms_nucleic_acid   0 
_refine_hist.pdbx_number_atoms_ligand         14 
_refine_hist.number_atoms_solvent             56 
_refine_hist.number_atoms_total               756 
_refine_hist.d_res_high                       1.950 
_refine_hist.d_res_low                        60.412 
# 
loop_
_refine_ls_restr.type 
_refine_ls_restr.number 
_refine_ls_restr.dev_ideal 
_refine_ls_restr.dev_ideal_target 
_refine_ls_restr.weight 
_refine_ls_restr.pdbx_refine_id 
_refine_ls_restr.pdbx_restraint_function 
r_bond_refined_d         727  0.016  0.022  ? 'X-RAY DIFFRACTION' ? 
r_bond_other_d           660  0.002  0.020  ? 'X-RAY DIFFRACTION' ? 
r_angle_refined_deg      984  1.442  1.979  ? 'X-RAY DIFFRACTION' ? 
r_angle_other_deg        1539 0.819  3.000  ? 'X-RAY DIFFRACTION' ? 
r_dihedral_angle_1_deg   95   5.750  5.000  ? 'X-RAY DIFFRACTION' ? 
r_dihedral_angle_2_deg   34   38.084 26.176 ? 'X-RAY DIFFRACTION' ? 
r_dihedral_angle_3_deg   117  12.884 15.000 ? 'X-RAY DIFFRACTION' ? 
r_dihedral_angle_4_deg   1    0.682  15.000 ? 'X-RAY DIFFRACTION' ? 
r_chiral_restr           111  0.094  0.200  ? 'X-RAY DIFFRACTION' ? 
r_gen_planes_refined     819  0.006  0.020  ? 'X-RAY DIFFRACTION' ? 
r_gen_planes_other       138  0.001  0.020  ? 'X-RAY DIFFRACTION' ? 
r_nbd_refined            181  0.237  0.200  ? 'X-RAY DIFFRACTION' ? 
r_nbd_other              620  0.161  0.200  ? 'X-RAY DIFFRACTION' ? 
r_nbtor_refined          378  0.193  0.200  ? 'X-RAY DIFFRACTION' ? 
r_nbtor_other            404  0.088  0.200  ? 'X-RAY DIFFRACTION' ? 
r_xyhbond_nbd_refined    43   0.199  0.200  ? 'X-RAY DIFFRACTION' ? 
r_xyhbond_nbd_other      1    0.035  0.200  ? 'X-RAY DIFFRACTION' ? 
r_symmetry_vdw_refined   24   0.284  0.200  ? 'X-RAY DIFFRACTION' ? 
r_symmetry_vdw_other     54   0.173  0.200  ? 'X-RAY DIFFRACTION' ? 
r_symmetry_hbond_refined 3    0.164  0.200  ? 'X-RAY DIFFRACTION' ? 
r_mcbond_it              495  2.502  3.000  ? 'X-RAY DIFFRACTION' ? 
r_mcbond_other           192  0.665  3.000  ? 'X-RAY DIFFRACTION' ? 
r_mcangle_it             724  3.278  5.000  ? 'X-RAY DIFFRACTION' ? 
r_scbond_it              301  5.260  8.000  ? 'X-RAY DIFFRACTION' ? 
r_scangle_it             257  6.712  11.000 ? 'X-RAY DIFFRACTION' ? 
# 
_refine_ls_shell.d_res_high                       1.950 
_refine_ls_shell.d_res_low                        2.001 
_refine_ls_shell.pdbx_total_number_of_bins_used   20 
_refine_ls_shell.percent_reflns_obs               98.830 
_refine_ls_shell.number_reflns_R_work             724 
_refine_ls_shell.R_factor_all                     ? 
_refine_ls_shell.R_factor_R_work                  0.292 
_refine_ls_shell.R_factor_R_free                  0.335 
_refine_ls_shell.percent_reflns_R_free            ? 
_refine_ls_shell.number_reflns_R_free             33 
_refine_ls_shell.R_factor_R_free_error            ? 
_refine_ls_shell.number_reflns_all                ? 
_refine_ls_shell.number_reflns_obs                757 
_refine_ls_shell.redundancy_reflns_obs            ? 
_refine_ls_shell.pdbx_refine_id                   'X-RAY DIFFRACTION' 
# 
_struct.entry_id                  2O4T 
_struct.title                     
;CRYSTAL STRUCTURE OF a protein of the DUF1048 family with a left-handed superhelix fold (BH3976) FROM BACILLUS HALODURANS AT 1.95 A RESOLUTION
;
_struct.pdbx_model_details        ? 
_struct.pdbx_CASP_flag            ? 
_struct.pdbx_model_type_details   ? 
# 
_struct_keywords.text            
;LEFT-HANDED SUPERHELIX FOLD, STRUCTURAL GENOMICS, JOINT CENTER FOR STRUCTURAL GENOMICS, JCSG, PROTEIN STRUCTURE INITIATIVE, PSI-2, UNKNOWN FUNCTION
;
_struct_keywords.pdbx_keywords   'UNKNOWN FUNCTION' 
_struct_keywords.entry_id        2O4T 
# 
loop_
_struct_asym.id 
_struct_asym.pdbx_blank_PDB_chainid_flag 
_struct_asym.pdbx_modified 
_struct_asym.entity_id 
_struct_asym.details 
A N N 1 ? 
B N N 2 ? 
C N N 2 ? 
D N N 3 ? 
# 
_struct_ref.id                         1 
_struct_ref.db_name                    UNP 
_struct_ref.db_code                    Q9K5W1_BACHD 
_struct_ref.pdbx_db_accession          Q9K5W1 
_struct_ref.entity_id                  1 
_struct_ref.pdbx_seq_one_letter_code   
;AHVSRVEKLPKDYQIVYKEIQKYLFKVGPVELNEGIGLLSEILGFFEEGAAAGKGVLDVTGTDVAAFCDALIGDSKTYAD
LYQESIQQHVDKAMKNMKD
;
_struct_ref.pdbx_align_begin           15 
_struct_ref.pdbx_db_isoform            ? 
# 
_struct_ref_seq.align_id                      1 
_struct_ref_seq.ref_id                        1 
_struct_ref_seq.pdbx_PDB_id_code              2O4T 
_struct_ref_seq.pdbx_strand_id                A 
_struct_ref_seq.seq_align_beg                 2 
_struct_ref_seq.pdbx_seq_align_beg_ins_code   ? 
_struct_ref_seq.seq_align_end                 100 
_struct_ref_seq.pdbx_seq_align_end_ins_code   ? 
_struct_ref_seq.pdbx_db_accession             Q9K5W1 
_struct_ref_seq.db_align_beg                  15 
_struct_ref_seq.pdbx_db_align_beg_ins_code    ? 
_struct_ref_seq.db_align_end                  113 
_struct_ref_seq.pdbx_db_align_end_ins_code    ? 
_struct_ref_seq.pdbx_auth_seq_align_beg       15 
_struct_ref_seq.pdbx_auth_seq_align_end       113 
# 
loop_
_struct_ref_seq_dif.align_id 
_struct_ref_seq_dif.pdbx_pdb_id_code 
_struct_ref_seq_dif.mon_id 
_struct_ref_seq_dif.pdbx_pdb_strand_id 
_struct_ref_seq_dif.seq_num 
_struct_ref_seq_dif.pdbx_pdb_ins_code 
_struct_ref_seq_dif.pdbx_seq_db_name 
_struct_ref_seq_dif.pdbx_seq_db_accession_code 
_struct_ref_seq_dif.db_mon_id 
_struct_ref_seq_dif.pdbx_seq_db_seq_num 
_struct_ref_seq_dif.details 
_struct_ref_seq_dif.pdbx_auth_seq_num 
_struct_ref_seq_dif.pdbx_ordinal 
1 2O4T GLY A 1  ? UNP Q9K5W1 ?   ?   'expression tag'   14  1 
1 2O4T MSE A 95 ? UNP Q9K5W1 MET 108 'modified residue' 108 2 
1 2O4T MSE A 98 ? UNP Q9K5W1 MET 111 'modified residue' 111 3 
# 
_pdbx_struct_assembly.id                   1 
_pdbx_struct_assembly.details              author_and_software_defined_assembly 
_pdbx_struct_assembly.method_details       PISA 
_pdbx_struct_assembly.oligomeric_details   dimeric 
_pdbx_struct_assembly.oligomeric_count     2 
# 
loop_
_pdbx_struct_assembly_prop.biol_id 
_pdbx_struct_assembly_prop.type 
_pdbx_struct_assembly_prop.value 
_pdbx_struct_assembly_prop.details 
1 'ABSA (A^2)' 4720 ? 
1 MORE         -15  ? 
1 'SSA (A^2)'  9010 ? 
# 
_pdbx_struct_assembly_gen.assembly_id       1 
_pdbx_struct_assembly_gen.oper_expression   1,2 
_pdbx_struct_assembly_gen.asym_id_list      A,B,C,D 
# 
loop_
_pdbx_struct_assembly_auth_evidence.id 
_pdbx_struct_assembly_auth_evidence.assembly_id 
_pdbx_struct_assembly_auth_evidence.experimental_support 
_pdbx_struct_assembly_auth_evidence.details 
1 1 'gel filtration'   ? 
2 1 'light scattering' ? 
# 
loop_
_pdbx_struct_oper_list.id 
_pdbx_struct_oper_list.type 
_pdbx_struct_oper_list.name 
_pdbx_struct_oper_list.symmetry_operation 
_pdbx_struct_oper_list.matrix[1][1] 
_pdbx_struct_oper_list.matrix[1][2] 
_pdbx_struct_oper_list.matrix[1][3] 
_pdbx_struct_oper_list.vector[1] 
_pdbx_struct_oper_list.matrix[2][1] 
_pdbx_struct_oper_list.matrix[2][2] 
_pdbx_struct_oper_list.matrix[2][3] 
_pdbx_struct_oper_list.vector[2] 
_pdbx_struct_oper_list.matrix[3][1] 
_pdbx_struct_oper_list.matrix[3][2] 
_pdbx_struct_oper_list.matrix[3][3] 
_pdbx_struct_oper_list.vector[3] 
1 'identity operation'         1_555 x,y,z       1.0000000000  0.0000000000 0.0000000000 0.0000000000 0.0000000000 1.0000000000 0.0000000000 0.0000000000  0.0000000000 0.0000000000 1.0000000000  0.0000000000 
2 'crystal symmetry operation' 5_556 x-y,-y,-z+1 -0.9998312163 0.0172811825 0.0062369522 7.6204242675 0.0172811825 0.7693612098 0.6385802140 -2.2783423024 0.0062369522 0.6385802140 -0.7695299934 6.1065477200 
# 
_struct_biol.id                    1 
_struct_biol.details               
;SIZE EXCLUSION CHROMATOGRAPHY WITH STATIC               
LIGHT SCATTERING SUPPORTS THE ASSIGNMENT OF A DIMER AS A             
BIOLOGICALLY SIGNIFICANT OLIGOMERIZATION STATE.
;
_struct_biol.pdbx_parent_biol_id   ? 
# 
loop_
_struct_conf.conf_type_id 
_struct_conf.id 
_struct_conf.pdbx_PDB_helix_id 
_struct_conf.beg_label_comp_id 
_struct_conf.beg_label_asym_id 
_struct_conf.beg_label_seq_id 
_struct_conf.pdbx_beg_PDB_ins_code 
_struct_conf.end_label_comp_id 
_struct_conf.end_label_asym_id 
_struct_conf.end_label_seq_id 
_struct_conf.pdbx_end_PDB_ins_code 
_struct_conf.beg_auth_comp_id 
_struct_conf.beg_auth_asym_id 
_struct_conf.beg_auth_seq_id 
_struct_conf.end_auth_comp_id 
_struct_conf.end_auth_asym_id 
_struct_conf.end_auth_seq_id 
_struct_conf.pdbx_PDB_helix_class 
_struct_conf.details 
_struct_conf.pdbx_PDB_helix_length 
HELX_P HELX_P1 1 SER A 5  ? LEU A 10 ? SER A 18 LEU A 23  5 ? 6  
HELX_P HELX_P2 2 PRO A 11 ? GLY A 29 ? PRO A 24 GLY A 42  1 ? 19 
HELX_P HELX_P3 3 GLU A 32 ? ALA A 53 ? GLU A 45 ALA A 66  1 ? 22 
HELX_P HELX_P4 4 GLY A 56 ? GLY A 62 ? GLY A 69 GLY A 75  1 ? 7  
HELX_P HELX_P5 5 ASP A 64 ? LEU A 72 ? ASP A 77 LEU A 85  1 ? 9  
HELX_P HELX_P6 6 SER A 76 ? VAL A 91 ? SER A 89 VAL A 104 1 ? 16 
# 
_struct_conf_type.id          HELX_P 
_struct_conf_type.criteria    ? 
_struct_conf_type.reference   ? 
# 
loop_
_struct_site.id 
_struct_site.pdbx_evidence_code 
_struct_site.pdbx_auth_asym_id 
_struct_site.pdbx_auth_comp_id 
_struct_site.pdbx_auth_seq_id 
_struct_site.pdbx_auth_ins_code 
_struct_site.pdbx_num_residues 
_struct_site.details 
AC1 Software A PEG 1 ? 4 'BINDING SITE FOR RESIDUE PEG A 1' 
AC2 Software A PEG 2 ? 4 'BINDING SITE FOR RESIDUE PEG A 2' 
# 
loop_
_struct_site_gen.id 
_struct_site_gen.site_id 
_struct_site_gen.pdbx_num_res 
_struct_site_gen.label_comp_id 
_struct_site_gen.label_asym_id 
_struct_site_gen.label_seq_id 
_struct_site_gen.pdbx_auth_ins_code 
_struct_site_gen.auth_comp_id 
_struct_site_gen.auth_asym_id 
_struct_site_gen.auth_seq_id 
_struct_site_gen.label_atom_id 
_struct_site_gen.label_alt_id 
_struct_site_gen.symmetry 
_struct_site_gen.details 
1 AC1 4 GLU A 20 ? GLU A 33  . ? 1_555  ? 
2 AC1 4 TYR A 24 ? TYR A 37  . ? 16_545 ? 
3 AC1 4 VAL A 65 ? VAL A 78  . ? 1_555  ? 
4 AC1 4 HOH D .  ? HOH A 148 . ? 16_545 ? 
5 AC2 4 ASP A 59 ? ASP A 72  . ? 1_555  ? 
6 AC2 4 VAL A 60 ? VAL A 73  . ? 1_555  ? 
7 AC2 4 THR A 61 ? THR A 74  . ? 1_555  ? 
8 AC2 4 PHE A 68 ? PHE A 81  . ? 1_555  ? 
# 
_pdbx_entry_details.entry_id                   2O4T 
_pdbx_entry_details.compound_details           ? 
_pdbx_entry_details.source_details             ? 
_pdbx_entry_details.nonpolymer_details         ? 
_pdbx_entry_details.sequence_details           ? 
_pdbx_entry_details.has_ligand_of_interest     ? 
_pdbx_entry_details.has_protein_modification   N 
# 
_pdbx_validate_close_contact.id               1 
_pdbx_validate_close_contact.PDB_model_num    1 
_pdbx_validate_close_contact.auth_atom_id_1   O 
_pdbx_validate_close_contact.auth_asym_id_1   A 
_pdbx_validate_close_contact.auth_comp_id_1   GLN 
_pdbx_validate_close_contact.auth_seq_id_1    102 
_pdbx_validate_close_contact.PDB_ins_code_1   ? 
_pdbx_validate_close_contact.label_alt_id_1   ? 
_pdbx_validate_close_contact.auth_atom_id_2   N 
_pdbx_validate_close_contact.auth_asym_id_2   A 
_pdbx_validate_close_contact.auth_comp_id_2   ASP 
_pdbx_validate_close_contact.auth_seq_id_2    105 
_pdbx_validate_close_contact.PDB_ins_code_2   ? 
_pdbx_validate_close_contact.label_alt_id_2   ? 
_pdbx_validate_close_contact.dist             2.16 
# 
_pdbx_SG_project.project_name          'PSI, Protein Structure Initiative' 
_pdbx_SG_project.full_name_of_center   'Joint Center for Structural Genomics' 
_pdbx_SG_project.id                    1 
_pdbx_SG_project.initial_of_center     JCSG 
# 
_pdbx_struct_special_symmetry.id              1 
_pdbx_struct_special_symmetry.PDB_model_num   1 
_pdbx_struct_special_symmetry.auth_asym_id    A 
_pdbx_struct_special_symmetry.auth_comp_id    HOH 
_pdbx_struct_special_symmetry.auth_seq_id     137 
_pdbx_struct_special_symmetry.PDB_ins_code    ? 
_pdbx_struct_special_symmetry.label_asym_id   D 
_pdbx_struct_special_symmetry.label_comp_id   HOH 
_pdbx_struct_special_symmetry.label_seq_id    . 
# 
_pdbx_refine_tls.id               1 
_pdbx_refine_tls.details          ? 
_pdbx_refine_tls.method           refined 
_pdbx_refine_tls.origin_x         -0.2808 
_pdbx_refine_tls.origin_y         -0.4214 
_pdbx_refine_tls.origin_z         -0.1683 
_pdbx_refine_tls.T[1][1]          -0.1502 
_pdbx_refine_tls.T[2][2]          -0.2157 
_pdbx_refine_tls.T[3][3]          -0.2187 
_pdbx_refine_tls.T[1][2]          -0.0609 
_pdbx_refine_tls.T[1][3]          0.0152 
_pdbx_refine_tls.T[2][3]          0.0819 
_pdbx_refine_tls.L[1][1]          4.6789 
_pdbx_refine_tls.L[2][2]          4.1227 
_pdbx_refine_tls.L[3][3]          3.6204 
_pdbx_refine_tls.L[1][2]          -1.9812 
_pdbx_refine_tls.L[1][3]          0.7087 
_pdbx_refine_tls.L[2][3]          0.8702 
_pdbx_refine_tls.S[1][1]          -0.0334 
_pdbx_refine_tls.S[2][2]          0.1410 
_pdbx_refine_tls.S[3][3]          -0.1075 
_pdbx_refine_tls.S[1][2]          -0.2268 
_pdbx_refine_tls.S[1][3]          -0.0857 
_pdbx_refine_tls.S[2][3]          0.0806 
_pdbx_refine_tls.S[2][1]          -0.2220 
_pdbx_refine_tls.S[3][1]          0.1389 
_pdbx_refine_tls.S[3][2]          0.1399 
_pdbx_refine_tls.pdbx_refine_id   'X-RAY DIFFRACTION' 
# 
_pdbx_refine_tls_group.id                  1 
_pdbx_refine_tls_group.refine_tls_id       1 
_pdbx_refine_tls_group.beg_label_asym_id   A 
_pdbx_refine_tls_group.beg_label_seq_id    3 
_pdbx_refine_tls_group.end_label_asym_id   A 
_pdbx_refine_tls_group.end_label_seq_id    92 
_pdbx_refine_tls_group.selection           ALL 
_pdbx_refine_tls_group.beg_auth_asym_id    A 
_pdbx_refine_tls_group.beg_auth_seq_id     16 
_pdbx_refine_tls_group.end_auth_asym_id    A 
_pdbx_refine_tls_group.end_auth_seq_id     105 
_pdbx_refine_tls_group.pdbx_refine_id      'X-RAY DIFFRACTION' 
_pdbx_refine_tls_group.selection_details   ? 
# 
_phasing.method   MR 
# 
loop_
_pdbx_database_remark.id 
_pdbx_database_remark.text 
300 
;BIOMOLECULE: 1
THIS ENTRY CONTAINS THE CRYSTALLOGRAPHIC
ASYMMETRIC UNIT WHICH CONSISTS OF 1 CHAIN(S). SEE REMARK
350 FOR INFORMATION ON GENERATING THE BIOLOGICAL
MOLECULE(S). SIZE EXCLUSION CHROMATOGRAPHY WITH STATIC
LIGHT SCATTERING SUPPORTS THE ASSIGNMENT OF A DIMER AS A
BIOLOGICALLY SIGNIFICANT OLIGOMERIZATION STATE.
;
999 
;SEQUENCE 
THE CONSTRUCT WAS EXPRESSED WITH A PURIFICATION
TAG MGSDKIHHHHHHENLYFQG. THE TAG WAS REMOVED WITH TEV
PROTEASE LEAVING ONLY A GLYCINE (0) FOLLOWED BY RESIDUE
15 OF THE TARGET SEQUENCE.
;
# 
loop_
_pdbx_unobs_or_zero_occ_residues.id 
_pdbx_unobs_or_zero_occ_residues.PDB_model_num 
_pdbx_unobs_or_zero_occ_residues.polymer_flag 
_pdbx_unobs_or_zero_occ_residues.occupancy_flag 
_pdbx_unobs_or_zero_occ_residues.auth_asym_id 
_pdbx_unobs_or_zero_occ_residues.auth_comp_id 
_pdbx_unobs_or_zero_occ_residues.auth_seq_id 
_pdbx_unobs_or_zero_occ_residues.PDB_ins_code 
_pdbx_unobs_or_zero_occ_residues.label_asym_id 
_pdbx_unobs_or_zero_occ_residues.label_comp_id 
_pdbx_unobs_or_zero_occ_residues.label_seq_id 
1  1 Y 1 A GLY 14  ? A GLY 1   
2  1 Y 1 A ALA 15  ? A ALA 2   
3  1 Y 1 A LYS 106 ? A LYS 93  
4  1 Y 1 A ALA 107 ? A ALA 94  
5  1 Y 1 A MSE 108 ? A MSE 95  
6  1 Y 1 A LYS 109 ? A LYS 96  
7  1 Y 1 A ASN 110 ? A ASN 97  
8  1 Y 1 A MSE 111 ? A MSE 98  
9  1 Y 1 A LYS 112 ? A LYS 99  
10 1 Y 1 A ASP 113 ? A ASP 100 
# 
loop_
_chem_comp_atom.comp_id 
_chem_comp_atom.atom_id 
_chem_comp_atom.type_symbol 
_chem_comp_atom.pdbx_aromatic_flag 
_chem_comp_atom.pdbx_stereo_config 
_chem_comp_atom.pdbx_ordinal 
ALA N    N  N N 1   
ALA CA   C  N S 2   
ALA C    C  N N 3   
ALA O    O  N N 4   
ALA CB   C  N N 5   
ALA OXT  O  N N 6   
ALA H    H  N N 7   
ALA H2   H  N N 8   
ALA HA   H  N N 9   
ALA HB1  H  N N 10  
ALA HB2  H  N N 11  
ALA HB3  H  N N 12  
ALA HXT  H  N N 13  
ARG N    N  N N 14  
ARG CA   C  N S 15  
ARG C    C  N N 16  
ARG O    O  N N 17  
ARG CB   C  N N 18  
ARG CG   C  N N 19  
ARG CD   C  N N 20  
ARG NE   N  N N 21  
ARG CZ   C  N N 22  
ARG NH1  N  N N 23  
ARG NH2  N  N N 24  
ARG OXT  O  N N 25  
ARG H    H  N N 26  
ARG H2   H  N N 27  
ARG HA   H  N N 28  
ARG HB2  H  N N 29  
ARG HB3  H  N N 30  
ARG HG2  H  N N 31  
ARG HG3  H  N N 32  
ARG HD2  H  N N 33  
ARG HD3  H  N N 34  
ARG HE   H  N N 35  
ARG HH11 H  N N 36  
ARG HH12 H  N N 37  
ARG HH21 H  N N 38  
ARG HH22 H  N N 39  
ARG HXT  H  N N 40  
ASN N    N  N N 41  
ASN CA   C  N S 42  
ASN C    C  N N 43  
ASN O    O  N N 44  
ASN CB   C  N N 45  
ASN CG   C  N N 46  
ASN OD1  O  N N 47  
ASN ND2  N  N N 48  
ASN OXT  O  N N 49  
ASN H    H  N N 50  
ASN H2   H  N N 51  
ASN HA   H  N N 52  
ASN HB2  H  N N 53  
ASN HB3  H  N N 54  
ASN HD21 H  N N 55  
ASN HD22 H  N N 56  
ASN HXT  H  N N 57  
ASP N    N  N N 58  
ASP CA   C  N S 59  
ASP C    C  N N 60  
ASP O    O  N N 61  
ASP CB   C  N N 62  
ASP CG   C  N N 63  
ASP OD1  O  N N 64  
ASP OD2  O  N N 65  
ASP OXT  O  N N 66  
ASP H    H  N N 67  
ASP H2   H  N N 68  
ASP HA   H  N N 69  
ASP HB2  H  N N 70  
ASP HB3  H  N N 71  
ASP HD2  H  N N 72  
ASP HXT  H  N N 73  
CYS N    N  N N 74  
CYS CA   C  N R 75  
CYS C    C  N N 76  
CYS O    O  N N 77  
CYS CB   C  N N 78  
CYS SG   S  N N 79  
CYS OXT  O  N N 80  
CYS H    H  N N 81  
CYS H2   H  N N 82  
CYS HA   H  N N 83  
CYS HB2  H  N N 84  
CYS HB3  H  N N 85  
CYS HG   H  N N 86  
CYS HXT  H  N N 87  
GLN N    N  N N 88  
GLN CA   C  N S 89  
GLN C    C  N N 90  
GLN O    O  N N 91  
GLN CB   C  N N 92  
GLN CG   C  N N 93  
GLN CD   C  N N 94  
GLN OE1  O  N N 95  
GLN NE2  N  N N 96  
GLN OXT  O  N N 97  
GLN H    H  N N 98  
GLN H2   H  N N 99  
GLN HA   H  N N 100 
GLN HB2  H  N N 101 
GLN HB3  H  N N 102 
GLN HG2  H  N N 103 
GLN HG3  H  N N 104 
GLN HE21 H  N N 105 
GLN HE22 H  N N 106 
GLN HXT  H  N N 107 
GLU N    N  N N 108 
GLU CA   C  N S 109 
GLU C    C  N N 110 
GLU O    O  N N 111 
GLU CB   C  N N 112 
GLU CG   C  N N 113 
GLU CD   C  N N 114 
GLU OE1  O  N N 115 
GLU OE2  O  N N 116 
GLU OXT  O  N N 117 
GLU H    H  N N 118 
GLU H2   H  N N 119 
GLU HA   H  N N 120 
GLU HB2  H  N N 121 
GLU HB3  H  N N 122 
GLU HG2  H  N N 123 
GLU HG3  H  N N 124 
GLU HE2  H  N N 125 
GLU HXT  H  N N 126 
GLY N    N  N N 127 
GLY CA   C  N N 128 
GLY C    C  N N 129 
GLY O    O  N N 130 
GLY OXT  O  N N 131 
GLY H    H  N N 132 
GLY H2   H  N N 133 
GLY HA2  H  N N 134 
GLY HA3  H  N N 135 
GLY HXT  H  N N 136 
HIS N    N  N N 137 
HIS CA   C  N S 138 
HIS C    C  N N 139 
HIS O    O  N N 140 
HIS CB   C  N N 141 
HIS CG   C  Y N 142 
HIS ND1  N  Y N 143 
HIS CD2  C  Y N 144 
HIS CE1  C  Y N 145 
HIS NE2  N  Y N 146 
HIS OXT  O  N N 147 
HIS H    H  N N 148 
HIS H2   H  N N 149 
HIS HA   H  N N 150 
HIS HB2  H  N N 151 
HIS HB3  H  N N 152 
HIS HD1  H  N N 153 
HIS HD2  H  N N 154 
HIS HE1  H  N N 155 
HIS HE2  H  N N 156 
HIS HXT  H  N N 157 
HOH O    O  N N 158 
HOH H1   H  N N 159 
HOH H2   H  N N 160 
ILE N    N  N N 161 
ILE CA   C  N S 162 
ILE C    C  N N 163 
ILE O    O  N N 164 
ILE CB   C  N S 165 
ILE CG1  C  N N 166 
ILE CG2  C  N N 167 
ILE CD1  C  N N 168 
ILE OXT  O  N N 169 
ILE H    H  N N 170 
ILE H2   H  N N 171 
ILE HA   H  N N 172 
ILE HB   H  N N 173 
ILE HG12 H  N N 174 
ILE HG13 H  N N 175 
ILE HG21 H  N N 176 
ILE HG22 H  N N 177 
ILE HG23 H  N N 178 
ILE HD11 H  N N 179 
ILE HD12 H  N N 180 
ILE HD13 H  N N 181 
ILE HXT  H  N N 182 
LEU N    N  N N 183 
LEU CA   C  N S 184 
LEU C    C  N N 185 
LEU O    O  N N 186 
LEU CB   C  N N 187 
LEU CG   C  N N 188 
LEU CD1  C  N N 189 
LEU CD2  C  N N 190 
LEU OXT  O  N N 191 
LEU H    H  N N 192 
LEU H2   H  N N 193 
LEU HA   H  N N 194 
LEU HB2  H  N N 195 
LEU HB3  H  N N 196 
LEU HG   H  N N 197 
LEU HD11 H  N N 198 
LEU HD12 H  N N 199 
LEU HD13 H  N N 200 
LEU HD21 H  N N 201 
LEU HD22 H  N N 202 
LEU HD23 H  N N 203 
LEU HXT  H  N N 204 
LYS N    N  N N 205 
LYS CA   C  N S 206 
LYS C    C  N N 207 
LYS O    O  N N 208 
LYS CB   C  N N 209 
LYS CG   C  N N 210 
LYS CD   C  N N 211 
LYS CE   C  N N 212 
LYS NZ   N  N N 213 
LYS OXT  O  N N 214 
LYS H    H  N N 215 
LYS H2   H  N N 216 
LYS HA   H  N N 217 
LYS HB2  H  N N 218 
LYS HB3  H  N N 219 
LYS HG2  H  N N 220 
LYS HG3  H  N N 221 
LYS HD2  H  N N 222 
LYS HD3  H  N N 223 
LYS HE2  H  N N 224 
LYS HE3  H  N N 225 
LYS HZ1  H  N N 226 
LYS HZ2  H  N N 227 
LYS HZ3  H  N N 228 
LYS HXT  H  N N 229 
MET N    N  N N 230 
MET CA   C  N S 231 
MET C    C  N N 232 
MET O    O  N N 233 
MET CB   C  N N 234 
MET CG   C  N N 235 
MET SD   S  N N 236 
MET CE   C  N N 237 
MET OXT  O  N N 238 
MET H    H  N N 239 
MET H2   H  N N 240 
MET HA   H  N N 241 
MET HB2  H  N N 242 
MET HB3  H  N N 243 
MET HG2  H  N N 244 
MET HG3  H  N N 245 
MET HE1  H  N N 246 
MET HE2  H  N N 247 
MET HE3  H  N N 248 
MET HXT  H  N N 249 
MSE N    N  N N 250 
MSE CA   C  N S 251 
MSE C    C  N N 252 
MSE O    O  N N 253 
MSE OXT  O  N N 254 
MSE CB   C  N N 255 
MSE CG   C  N N 256 
MSE SE   SE N N 257 
MSE CE   C  N N 258 
MSE H    H  N N 259 
MSE H2   H  N N 260 
MSE HA   H  N N 261 
MSE HXT  H  N N 262 
MSE HB2  H  N N 263 
MSE HB3  H  N N 264 
MSE HG2  H  N N 265 
MSE HG3  H  N N 266 
MSE HE1  H  N N 267 
MSE HE2  H  N N 268 
MSE HE3  H  N N 269 
PEG C1   C  N N 270 
PEG O1   O  N N 271 
PEG C2   C  N N 272 
PEG O2   O  N N 273 
PEG C3   C  N N 274 
PEG C4   C  N N 275 
PEG O4   O  N N 276 
PEG H11  H  N N 277 
PEG H12  H  N N 278 
PEG HO1  H  N N 279 
PEG H21  H  N N 280 
PEG H22  H  N N 281 
PEG H31  H  N N 282 
PEG H32  H  N N 283 
PEG H41  H  N N 284 
PEG H42  H  N N 285 
PEG HO4  H  N N 286 
PHE N    N  N N 287 
PHE CA   C  N S 288 
PHE C    C  N N 289 
PHE O    O  N N 290 
PHE CB   C  N N 291 
PHE CG   C  Y N 292 
PHE CD1  C  Y N 293 
PHE CD2  C  Y N 294 
PHE CE1  C  Y N 295 
PHE CE2  C  Y N 296 
PHE CZ   C  Y N 297 
PHE OXT  O  N N 298 
PHE H    H  N N 299 
PHE H2   H  N N 300 
PHE HA   H  N N 301 
PHE HB2  H  N N 302 
PHE HB3  H  N N 303 
PHE HD1  H  N N 304 
PHE HD2  H  N N 305 
PHE HE1  H  N N 306 
PHE HE2  H  N N 307 
PHE HZ   H  N N 308 
PHE HXT  H  N N 309 
PRO N    N  N N 310 
PRO CA   C  N S 311 
PRO C    C  N N 312 
PRO O    O  N N 313 
PRO CB   C  N N 314 
PRO CG   C  N N 315 
PRO CD   C  N N 316 
PRO OXT  O  N N 317 
PRO H    H  N N 318 
PRO HA   H  N N 319 
PRO HB2  H  N N 320 
PRO HB3  H  N N 321 
PRO HG2  H  N N 322 
PRO HG3  H  N N 323 
PRO HD2  H  N N 324 
PRO HD3  H  N N 325 
PRO HXT  H  N N 326 
SER N    N  N N 327 
SER CA   C  N S 328 
SER C    C  N N 329 
SER O    O  N N 330 
SER CB   C  N N 331 
SER OG   O  N N 332 
SER OXT  O  N N 333 
SER H    H  N N 334 
SER H2   H  N N 335 
SER HA   H  N N 336 
SER HB2  H  N N 337 
SER HB3  H  N N 338 
SER HG   H  N N 339 
SER HXT  H  N N 340 
THR N    N  N N 341 
THR CA   C  N S 342 
THR C    C  N N 343 
THR O    O  N N 344 
THR CB   C  N R 345 
THR OG1  O  N N 346 
THR CG2  C  N N 347 
THR OXT  O  N N 348 
THR H    H  N N 349 
THR H2   H  N N 350 
THR HA   H  N N 351 
THR HB   H  N N 352 
THR HG1  H  N N 353 
THR HG21 H  N N 354 
THR HG22 H  N N 355 
THR HG23 H  N N 356 
THR HXT  H  N N 357 
TYR N    N  N N 358 
TYR CA   C  N S 359 
TYR C    C  N N 360 
TYR O    O  N N 361 
TYR CB   C  N N 362 
TYR CG   C  Y N 363 
TYR CD1  C  Y N 364 
TYR CD2  C  Y N 365 
TYR CE1  C  Y N 366 
TYR CE2  C  Y N 367 
TYR CZ   C  Y N 368 
TYR OH   O  N N 369 
TYR OXT  O  N N 370 
TYR H    H  N N 371 
TYR H2   H  N N 372 
TYR HA   H  N N 373 
TYR HB2  H  N N 374 
TYR HB3  H  N N 375 
TYR HD1  H  N N 376 
TYR HD2  H  N N 377 
TYR HE1  H  N N 378 
TYR HE2  H  N N 379 
TYR HH   H  N N 380 
TYR HXT  H  N N 381 
VAL N    N  N N 382 
VAL CA   C  N S 383 
VAL C    C  N N 384 
VAL O    O  N N 385 
VAL CB   C  N N 386 
VAL CG1  C  N N 387 
VAL CG2  C  N N 388 
VAL OXT  O  N N 389 
VAL H    H  N N 390 
VAL H2   H  N N 391 
VAL HA   H  N N 392 
VAL HB   H  N N 393 
VAL HG11 H  N N 394 
VAL HG12 H  N N 395 
VAL HG13 H  N N 396 
VAL HG21 H  N N 397 
VAL HG22 H  N N 398 
VAL HG23 H  N N 399 
VAL HXT  H  N N 400 
# 
loop_
_chem_comp_bond.comp_id 
_chem_comp_bond.atom_id_1 
_chem_comp_bond.atom_id_2 
_chem_comp_bond.value_order 
_chem_comp_bond.pdbx_aromatic_flag 
_chem_comp_bond.pdbx_stereo_config 
_chem_comp_bond.pdbx_ordinal 
ALA N   CA   sing N N 1   
ALA N   H    sing N N 2   
ALA N   H2   sing N N 3   
ALA CA  C    sing N N 4   
ALA CA  CB   sing N N 5   
ALA CA  HA   sing N N 6   
ALA C   O    doub N N 7   
ALA C   OXT  sing N N 8   
ALA CB  HB1  sing N N 9   
ALA CB  HB2  sing N N 10  
ALA CB  HB3  sing N N 11  
ALA OXT HXT  sing N N 12  
ARG N   CA   sing N N 13  
ARG N   H    sing N N 14  
ARG N   H2   sing N N 15  
ARG CA  C    sing N N 16  
ARG CA  CB   sing N N 17  
ARG CA  HA   sing N N 18  
ARG C   O    doub N N 19  
ARG C   OXT  sing N N 20  
ARG CB  CG   sing N N 21  
ARG CB  HB2  sing N N 22  
ARG CB  HB3  sing N N 23  
ARG CG  CD   sing N N 24  
ARG CG  HG2  sing N N 25  
ARG CG  HG3  sing N N 26  
ARG CD  NE   sing N N 27  
ARG CD  HD2  sing N N 28  
ARG CD  HD3  sing N N 29  
ARG NE  CZ   sing N N 30  
ARG NE  HE   sing N N 31  
ARG CZ  NH1  sing N N 32  
ARG CZ  NH2  doub N N 33  
ARG NH1 HH11 sing N N 34  
ARG NH1 HH12 sing N N 35  
ARG NH2 HH21 sing N N 36  
ARG NH2 HH22 sing N N 37  
ARG OXT HXT  sing N N 38  
ASN N   CA   sing N N 39  
ASN N   H    sing N N 40  
ASN N   H2   sing N N 41  
ASN CA  C    sing N N 42  
ASN CA  CB   sing N N 43  
ASN CA  HA   sing N N 44  
ASN C   O    doub N N 45  
ASN C   OXT  sing N N 46  
ASN CB  CG   sing N N 47  
ASN CB  HB2  sing N N 48  
ASN CB  HB3  sing N N 49  
ASN CG  OD1  doub N N 50  
ASN CG  ND2  sing N N 51  
ASN ND2 HD21 sing N N 52  
ASN ND2 HD22 sing N N 53  
ASN OXT HXT  sing N N 54  
ASP N   CA   sing N N 55  
ASP N   H    sing N N 56  
ASP N   H2   sing N N 57  
ASP CA  C    sing N N 58  
ASP CA  CB   sing N N 59  
ASP CA  HA   sing N N 60  
ASP C   O    doub N N 61  
ASP C   OXT  sing N N 62  
ASP CB  CG   sing N N 63  
ASP CB  HB2  sing N N 64  
ASP CB  HB3  sing N N 65  
ASP CG  OD1  doub N N 66  
ASP CG  OD2  sing N N 67  
ASP OD2 HD2  sing N N 68  
ASP OXT HXT  sing N N 69  
CYS N   CA   sing N N 70  
CYS N   H    sing N N 71  
CYS N   H2   sing N N 72  
CYS CA  C    sing N N 73  
CYS CA  CB   sing N N 74  
CYS CA  HA   sing N N 75  
CYS C   O    doub N N 76  
CYS C   OXT  sing N N 77  
CYS CB  SG   sing N N 78  
CYS CB  HB2  sing N N 79  
CYS CB  HB3  sing N N 80  
CYS SG  HG   sing N N 81  
CYS OXT HXT  sing N N 82  
GLN N   CA   sing N N 83  
GLN N   H    sing N N 84  
GLN N   H2   sing N N 85  
GLN CA  C    sing N N 86  
GLN CA  CB   sing N N 87  
GLN CA  HA   sing N N 88  
GLN C   O    doub N N 89  
GLN C   OXT  sing N N 90  
GLN CB  CG   sing N N 91  
GLN CB  HB2  sing N N 92  
GLN CB  HB3  sing N N 93  
GLN CG  CD   sing N N 94  
GLN CG  HG2  sing N N 95  
GLN CG  HG3  sing N N 96  
GLN CD  OE1  doub N N 97  
GLN CD  NE2  sing N N 98  
GLN NE2 HE21 sing N N 99  
GLN NE2 HE22 sing N N 100 
GLN OXT HXT  sing N N 101 
GLU N   CA   sing N N 102 
GLU N   H    sing N N 103 
GLU N   H2   sing N N 104 
GLU CA  C    sing N N 105 
GLU CA  CB   sing N N 106 
GLU CA  HA   sing N N 107 
GLU C   O    doub N N 108 
GLU C   OXT  sing N N 109 
GLU CB  CG   sing N N 110 
GLU CB  HB2  sing N N 111 
GLU CB  HB3  sing N N 112 
GLU CG  CD   sing N N 113 
GLU CG  HG2  sing N N 114 
GLU CG  HG3  sing N N 115 
GLU CD  OE1  doub N N 116 
GLU CD  OE2  sing N N 117 
GLU OE2 HE2  sing N N 118 
GLU OXT HXT  sing N N 119 
GLY N   CA   sing N N 120 
GLY N   H    sing N N 121 
GLY N   H2   sing N N 122 
GLY CA  C    sing N N 123 
GLY CA  HA2  sing N N 124 
GLY CA  HA3  sing N N 125 
GLY C   O    doub N N 126 
GLY C   OXT  sing N N 127 
GLY OXT HXT  sing N N 128 
HIS N   CA   sing N N 129 
HIS N   H    sing N N 130 
HIS N   H2   sing N N 131 
HIS CA  C    sing N N 132 
HIS CA  CB   sing N N 133 
HIS CA  HA   sing N N 134 
HIS C   O    doub N N 135 
HIS C   OXT  sing N N 136 
HIS CB  CG   sing N N 137 
HIS CB  HB2  sing N N 138 
HIS CB  HB3  sing N N 139 
HIS CG  ND1  sing Y N 140 
HIS CG  CD2  doub Y N 141 
HIS ND1 CE1  doub Y N 142 
HIS ND1 HD1  sing N N 143 
HIS CD2 NE2  sing Y N 144 
HIS CD2 HD2  sing N N 145 
HIS CE1 NE2  sing Y N 146 
HIS CE1 HE1  sing N N 147 
HIS NE2 HE2  sing N N 148 
HIS OXT HXT  sing N N 149 
HOH O   H1   sing N N 150 
HOH O   H2   sing N N 151 
ILE N   CA   sing N N 152 
ILE N   H    sing N N 153 
ILE N   H2   sing N N 154 
ILE CA  C    sing N N 155 
ILE CA  CB   sing N N 156 
ILE CA  HA   sing N N 157 
ILE C   O    doub N N 158 
ILE C   OXT  sing N N 159 
ILE CB  CG1  sing N N 160 
ILE CB  CG2  sing N N 161 
ILE CB  HB   sing N N 162 
ILE CG1 CD1  sing N N 163 
ILE CG1 HG12 sing N N 164 
ILE CG1 HG13 sing N N 165 
ILE CG2 HG21 sing N N 166 
ILE CG2 HG22 sing N N 167 
ILE CG2 HG23 sing N N 168 
ILE CD1 HD11 sing N N 169 
ILE CD1 HD12 sing N N 170 
ILE CD1 HD13 sing N N 171 
ILE OXT HXT  sing N N 172 
LEU N   CA   sing N N 173 
LEU N   H    sing N N 174 
LEU N   H2   sing N N 175 
LEU CA  C    sing N N 176 
LEU CA  CB   sing N N 177 
LEU CA  HA   sing N N 178 
LEU C   O    doub N N 179 
LEU C   OXT  sing N N 180 
LEU CB  CG   sing N N 181 
LEU CB  HB2  sing N N 182 
LEU CB  HB3  sing N N 183 
LEU CG  CD1  sing N N 184 
LEU CG  CD2  sing N N 185 
LEU CG  HG   sing N N 186 
LEU CD1 HD11 sing N N 187 
LEU CD1 HD12 sing N N 188 
LEU CD1 HD13 sing N N 189 
LEU CD2 HD21 sing N N 190 
LEU CD2 HD22 sing N N 191 
LEU CD2 HD23 sing N N 192 
LEU OXT HXT  sing N N 193 
LYS N   CA   sing N N 194 
LYS N   H    sing N N 195 
LYS N   H2   sing N N 196 
LYS CA  C    sing N N 197 
LYS CA  CB   sing N N 198 
LYS CA  HA   sing N N 199 
LYS C   O    doub N N 200 
LYS C   OXT  sing N N 201 
LYS CB  CG   sing N N 202 
LYS CB  HB2  sing N N 203 
LYS CB  HB3  sing N N 204 
LYS CG  CD   sing N N 205 
LYS CG  HG2  sing N N 206 
LYS CG  HG3  sing N N 207 
LYS CD  CE   sing N N 208 
LYS CD  HD2  sing N N 209 
LYS CD  HD3  sing N N 210 
LYS CE  NZ   sing N N 211 
LYS CE  HE2  sing N N 212 
LYS CE  HE3  sing N N 213 
LYS NZ  HZ1  sing N N 214 
LYS NZ  HZ2  sing N N 215 
LYS NZ  HZ3  sing N N 216 
LYS OXT HXT  sing N N 217 
MET N   CA   sing N N 218 
MET N   H    sing N N 219 
MET N   H2   sing N N 220 
MET CA  C    sing N N 221 
MET CA  CB   sing N N 222 
MET CA  HA   sing N N 223 
MET C   O    doub N N 224 
MET C   OXT  sing N N 225 
MET CB  CG   sing N N 226 
MET CB  HB2  sing N N 227 
MET CB  HB3  sing N N 228 
MET CG  SD   sing N N 229 
MET CG  HG2  sing N N 230 
MET CG  HG3  sing N N 231 
MET SD  CE   sing N N 232 
MET CE  HE1  sing N N 233 
MET CE  HE2  sing N N 234 
MET CE  HE3  sing N N 235 
MET OXT HXT  sing N N 236 
MSE N   CA   sing N N 237 
MSE N   H    sing N N 238 
MSE N   H2   sing N N 239 
MSE CA  C    sing N N 240 
MSE CA  CB   sing N N 241 
MSE CA  HA   sing N N 242 
MSE C   O    doub N N 243 
MSE C   OXT  sing N N 244 
MSE OXT HXT  sing N N 245 
MSE CB  CG   sing N N 246 
MSE CB  HB2  sing N N 247 
MSE CB  HB3  sing N N 248 
MSE CG  SE   sing N N 249 
MSE CG  HG2  sing N N 250 
MSE CG  HG3  sing N N 251 
MSE SE  CE   sing N N 252 
MSE CE  HE1  sing N N 253 
MSE CE  HE2  sing N N 254 
MSE CE  HE3  sing N N 255 
PEG C1  O1   sing N N 256 
PEG C1  C2   sing N N 257 
PEG C1  H11  sing N N 258 
PEG C1  H12  sing N N 259 
PEG O1  HO1  sing N N 260 
PEG C2  O2   sing N N 261 
PEG C2  H21  sing N N 262 
PEG C2  H22  sing N N 263 
PEG O2  C3   sing N N 264 
PEG C3  C4   sing N N 265 
PEG C3  H31  sing N N 266 
PEG C3  H32  sing N N 267 
PEG C4  O4   sing N N 268 
PEG C4  H41  sing N N 269 
PEG C4  H42  sing N N 270 
PEG O4  HO4  sing N N 271 
PHE N   CA   sing N N 272 
PHE N   H    sing N N 273 
PHE N   H2   sing N N 274 
PHE CA  C    sing N N 275 
PHE CA  CB   sing N N 276 
PHE CA  HA   sing N N 277 
PHE C   O    doub N N 278 
PHE C   OXT  sing N N 279 
PHE CB  CG   sing N N 280 
PHE CB  HB2  sing N N 281 
PHE CB  HB3  sing N N 282 
PHE CG  CD1  doub Y N 283 
PHE CG  CD2  sing Y N 284 
PHE CD1 CE1  sing Y N 285 
PHE CD1 HD1  sing N N 286 
PHE CD2 CE2  doub Y N 287 
PHE CD2 HD2  sing N N 288 
PHE CE1 CZ   doub Y N 289 
PHE CE1 HE1  sing N N 290 
PHE CE2 CZ   sing Y N 291 
PHE CE2 HE2  sing N N 292 
PHE CZ  HZ   sing N N 293 
PHE OXT HXT  sing N N 294 
PRO N   CA   sing N N 295 
PRO N   CD   sing N N 296 
PRO N   H    sing N N 297 
PRO CA  C    sing N N 298 
PRO CA  CB   sing N N 299 
PRO CA  HA   sing N N 300 
PRO C   O    doub N N 301 
PRO C   OXT  sing N N 302 
PRO CB  CG   sing N N 303 
PRO CB  HB2  sing N N 304 
PRO CB  HB3  sing N N 305 
PRO CG  CD   sing N N 306 
PRO CG  HG2  sing N N 307 
PRO CG  HG3  sing N N 308 
PRO CD  HD2  sing N N 309 
PRO CD  HD3  sing N N 310 
PRO OXT HXT  sing N N 311 
SER N   CA   sing N N 312 
SER N   H    sing N N 313 
SER N   H2   sing N N 314 
SER CA  C    sing N N 315 
SER CA  CB   sing N N 316 
SER CA  HA   sing N N 317 
SER C   O    doub N N 318 
SER C   OXT  sing N N 319 
SER CB  OG   sing N N 320 
SER CB  HB2  sing N N 321 
SER CB  HB3  sing N N 322 
SER OG  HG   sing N N 323 
SER OXT HXT  sing N N 324 
THR N   CA   sing N N 325 
THR N   H    sing N N 326 
THR N   H2   sing N N 327 
THR CA  C    sing N N 328 
THR CA  CB   sing N N 329 
THR CA  HA   sing N N 330 
THR C   O    doub N N 331 
THR C   OXT  sing N N 332 
THR CB  OG1  sing N N 333 
THR CB  CG2  sing N N 334 
THR CB  HB   sing N N 335 
THR OG1 HG1  sing N N 336 
THR CG2 HG21 sing N N 337 
THR CG2 HG22 sing N N 338 
THR CG2 HG23 sing N N 339 
THR OXT HXT  sing N N 340 
TYR N   CA   sing N N 341 
TYR N   H    sing N N 342 
TYR N   H2   sing N N 343 
TYR CA  C    sing N N 344 
TYR CA  CB   sing N N 345 
TYR CA  HA   sing N N 346 
TYR C   O    doub N N 347 
TYR C   OXT  sing N N 348 
TYR CB  CG   sing N N 349 
TYR CB  HB2  sing N N 350 
TYR CB  HB3  sing N N 351 
TYR CG  CD1  doub Y N 352 
TYR CG  CD2  sing Y N 353 
TYR CD1 CE1  sing Y N 354 
TYR CD1 HD1  sing N N 355 
TYR CD2 CE2  doub Y N 356 
TYR CD2 HD2  sing N N 357 
TYR CE1 CZ   doub Y N 358 
TYR CE1 HE1  sing N N 359 
TYR CE2 CZ   sing Y N 360 
TYR CE2 HE2  sing N N 361 
TYR CZ  OH   sing N N 362 
TYR OH  HH   sing N N 363 
TYR OXT HXT  sing N N 364 
VAL N   CA   sing N N 365 
VAL N   H    sing N N 366 
VAL N   H2   sing N N 367 
VAL CA  C    sing N N 368 
VAL CA  CB   sing N N 369 
VAL CA  HA   sing N N 370 
VAL C   O    doub N N 371 
VAL C   OXT  sing N N 372 
VAL CB  CG1  sing N N 373 
VAL CB  CG2  sing N N 374 
VAL CB  HB   sing N N 375 
VAL CG1 HG11 sing N N 376 
VAL CG1 HG12 sing N N 377 
VAL CG1 HG13 sing N N 378 
VAL CG2 HG21 sing N N 379 
VAL CG2 HG22 sing N N 380 
VAL CG2 HG23 sing N N 381 
VAL OXT HXT  sing N N 382 
# 
_pdbx_initial_refinement_model.id               1 
_pdbx_initial_refinement_model.entity_id_list   ? 
_pdbx_initial_refinement_model.type             'experimental model' 
_pdbx_initial_refinement_model.source_name      PDB 
_pdbx_initial_refinement_model.accession_code   2O3L 
_pdbx_initial_refinement_model.details          'pdb enrty 2o3l' 
# 
_atom_sites.entry_id                    2O4T 
_atom_sites.fract_transf_matrix[1][1]   -0.00154099 
_atom_sites.fract_transf_matrix[1][2]   0.00878382 
_atom_sites.fract_transf_matrix[1][3]   0.01012577 
_atom_sites.fract_transf_matrix[2][1]   -0.00329641 
_atom_sites.fract_transf_matrix[2][2]   -0.00441327 
_atom_sites.fract_transf_matrix[2][3]   0.01231738 
_atom_sites.fract_transf_matrix[3][1]   0.00927281 
_atom_sites.fract_transf_matrix[3][2]   -0.00087328 
_atom_sites.fract_transf_matrix[3][3]   0.00216872 
_atom_sites.fract_transf_vector[1]      0.211158 
_atom_sites.fract_transf_vector[2]      -0.030076 
_atom_sites.fract_transf_vector[3]      0.457077 
# 
loop_
_atom_type.symbol 
C 
N 
O 
S 
# 
loop_
_atom_site.group_PDB 
_atom_site.id 
_atom_site.type_symbol 
_atom_site.label_atom_id 
_atom_site.label_alt_id 
_atom_site.label_comp_id 
_atom_site.label_asym_id 
_atom_site.label_entity_id 
_atom_site.label_seq_id 
_atom_site.pdbx_PDB_ins_code 
_atom_site.Cartn_x 
_atom_site.Cartn_y 
_atom_site.Cartn_z 
_atom_site.occupancy 
_atom_site.B_iso_or_equiv 
_atom_site.pdbx_formal_charge 
_atom_site.auth_seq_id 
_atom_site.auth_comp_id 
_atom_site.auth_asym_id 
_atom_site.auth_atom_id 
_atom_site.pdbx_PDB_model_num 
ATOM   1   N N   . HIS A 1 3  ? -7.171  -9.536  18.455  1.00 59.03 ? 16  HIS A N   1 
ATOM   2   C CA  . HIS A 1 3  ? -6.266  -8.799  17.508  1.00 60.15 ? 16  HIS A CA  1 
ATOM   3   C C   . HIS A 1 3  ? -7.014  -8.445  16.210  1.00 57.79 ? 16  HIS A C   1 
ATOM   4   O O   . HIS A 1 3  ? -7.903  -9.192  15.770  1.00 56.76 ? 16  HIS A O   1 
ATOM   5   C CB  . HIS A 1 3  ? -5.029  -9.653  17.173  1.00 62.17 ? 16  HIS A CB  1 
ATOM   6   C CG  . HIS A 1 3  ? -4.196  -10.040 18.367  1.00 66.82 ? 16  HIS A CG  1 
ATOM   7   N ND1 . HIS A 1 3  ? -2.994  -9.424  18.670  1.00 69.98 ? 16  HIS A ND1 1 
ATOM   8   C CD2 . HIS A 1 3  ? -4.379  -10.995 19.317  1.00 71.18 ? 16  HIS A CD2 1 
ATOM   9   C CE1 . HIS A 1 3  ? -2.480  -9.976  19.758  1.00 72.69 ? 16  HIS A CE1 1 
ATOM   10  N NE2 . HIS A 1 3  ? -3.300  -10.932 20.170  1.00 72.08 ? 16  HIS A NE2 1 
ATOM   11  N N   . VAL A 1 4  ? -6.635  -7.306  15.578  1.00 55.43 ? 17  VAL A N   1 
ATOM   12  C CA  . VAL A 1 4  ? -7.290  -6.928  14.339  1.00 52.35 ? 17  VAL A CA  1 
ATOM   13  C C   . VAL A 1 4  ? -6.320  -6.355  13.308  1.00 51.48 ? 17  VAL A C   1 
ATOM   14  O O   . VAL A 1 4  ? -5.249  -5.871  13.673  1.00 49.42 ? 17  VAL A O   1 
ATOM   15  C CB  . VAL A 1 4  ? -8.499  -5.940  14.545  1.00 53.36 ? 17  VAL A CB  1 
ATOM   16  C CG1 . VAL A 1 4  ? -9.414  -6.435  15.660  1.00 55.36 ? 17  VAL A CG1 1 
ATOM   17  C CG2 . VAL A 1 4  ? -8.039  -4.511  14.828  1.00 49.19 ? 17  VAL A CG2 1 
ATOM   18  N N   . SER A 1 5  ? -6.741  -6.510  12.070  1.00 47.28 ? 18  SER A N   1 
ATOM   19  C CA  . SER A 1 5  ? -5.988  -5.941  11.021  1.00 46.07 ? 18  SER A CA  1 
ATOM   20  C C   . SER A 1 5  ? -5.724  -4.441  11.295  1.00 48.63 ? 18  SER A C   1 
ATOM   21  O O   . SER A 1 5  ? -6.592  -3.672  11.728  1.00 52.27 ? 18  SER A O   1 
ATOM   22  C CB  . SER A 1 5  ? -6.718  -6.130  9.716   1.00 43.39 ? 18  SER A CB  1 
ATOM   23  O OG  . SER A 1 5  ? -6.076  -5.288  8.827   1.00 38.51 ? 18  SER A OG  1 
ATOM   24  N N   . ARG A 1 6  ? -4.478  -4.032  11.043  1.00 47.13 ? 19  ARG A N   1 
ATOM   25  C CA  . ARG A 1 6  ? -4.113  -2.622  11.118  1.00 46.89 ? 19  ARG A CA  1 
ATOM   26  C C   . ARG A 1 6  ? -4.892  -1.743  10.192  1.00 45.26 ? 19  ARG A C   1 
ATOM   27  O O   . ARG A 1 6  ? -4.969  -0.550  10.416  1.00 47.14 ? 19  ARG A O   1 
ATOM   28  C CB  . ARG A 1 6  ? -2.607  -2.437  10.901  1.00 45.27 ? 19  ARG A CB  1 
ATOM   29  C CG  . ARG A 1 6  ? -1.873  -2.787  12.168  1.00 45.72 ? 19  ARG A CG  1 
ATOM   30  C CD  . ARG A 1 6  ? -0.375  -2.569  12.074  1.00 46.84 ? 19  ARG A CD  1 
ATOM   31  N NE  . ARG A 1 6  ? 0.340   -3.417  11.109  1.00 32.17 ? 19  ARG A NE  1 
ATOM   32  C CZ  . ARG A 1 6  ? 0.882   -4.610  11.398  1.00 28.37 ? 19  ARG A CZ  1 
ATOM   33  N NH1 . ARG A 1 6  ? 0.665   -5.180  12.599  1.00 35.80 ? 19  ARG A NH1 1 
ATOM   34  N NH2 . ARG A 1 6  ? 1.562   -5.278  10.488  1.00 46.45 ? 19  ARG A NH2 1 
ATOM   35  N N   . VAL A 1 7  ? -5.469  -2.327  9.148   1.00 46.27 ? 20  VAL A N   1 
ATOM   36  C CA  . VAL A 1 7  ? -6.384  -1.590  8.290   1.00 47.86 ? 20  VAL A CA  1 
ATOM   37  C C   . VAL A 1 7  ? -7.585  -1.063  9.114   1.00 44.22 ? 20  VAL A C   1 
ATOM   38  O O   . VAL A 1 7  ? -7.967  0.113   8.976   1.00 48.69 ? 20  VAL A O   1 
ATOM   39  C CB  . VAL A 1 7  ? -6.866  -2.448  7.081   1.00 45.05 ? 20  VAL A CB  1 
ATOM   40  C CG1 . VAL A 1 7  ? -8.034  -1.748  6.367   1.00 46.53 ? 20  VAL A CG1 1 
ATOM   41  C CG2 . VAL A 1 7  ? -5.701  -2.756  6.145   1.00 47.65 ? 20  VAL A CG2 1 
ATOM   42  N N   . GLU A 1 8  ? -8.134  -1.902  9.987   1.00 48.10 ? 21  GLU A N   1 
ATOM   43  C CA  A GLU A 1 8  ? -9.259  -1.520  10.836  0.50 46.33 ? 21  GLU A CA  1 
ATOM   44  C CA  B GLU A 1 8  ? -9.275  -1.499  10.785  0.50 46.43 ? 21  GLU A CA  1 
ATOM   45  C C   . GLU A 1 8  ? -8.862  -0.503  11.893  1.00 46.35 ? 21  GLU A C   1 
ATOM   46  O O   . GLU A 1 8  ? -9.712  0.069   12.539  1.00 42.91 ? 21  GLU A O   1 
ATOM   47  C CB  A GLU A 1 8  ? -9.887  -2.742  11.529  0.50 47.13 ? 21  GLU A CB  1 
ATOM   48  C CB  B GLU A 1 8  ? -10.020 -2.721  11.365  0.50 48.50 ? 21  GLU A CB  1 
ATOM   49  C CG  A GLU A 1 8  ? -10.874 -3.474  10.645  0.50 48.10 ? 21  GLU A CG  1 
ATOM   50  C CG  B GLU A 1 8  ? -9.997  -4.030  10.507  0.50 52.30 ? 21  GLU A CG  1 
ATOM   51  C CD  A GLU A 1 8  ? -11.118 -4.902  11.084  0.50 47.61 ? 21  GLU A CD  1 
ATOM   52  C CD  B GLU A 1 8  ? -10.223 -3.854  8.998   0.50 57.50 ? 21  GLU A CD  1 
ATOM   53  O OE1 A GLU A 1 8  ? -11.249 -5.164  12.313  0.50 45.92 ? 21  GLU A OE1 1 
ATOM   54  O OE1 B GLU A 1 8  ? -9.677  -4.679  8.225   0.50 60.09 ? 21  GLU A OE1 1 
ATOM   55  O OE2 A GLU A 1 8  ? -11.185 -5.764  10.179  0.50 49.21 ? 21  GLU A OE2 1 
ATOM   56  O OE2 B GLU A 1 8  ? -10.944 -2.925  8.572   0.50 60.51 ? 21  GLU A OE2 1 
ATOM   57  N N   . LYS A 1 9  ? -7.561  -0.295  12.103  1.00 46.13 ? 22  LYS A N   1 
ATOM   58  C CA  . LYS A 1 9  ? -7.098  0.668   13.112  1.00 44.66 ? 22  LYS A CA  1 
ATOM   59  C C   . LYS A 1 9  ? -6.840  2.042   12.494  1.00 44.68 ? 22  LYS A C   1 
ATOM   60  O O   . LYS A 1 9  ? -6.518  2.992   13.203  1.00 41.10 ? 22  LYS A O   1 
ATOM   61  C CB  . LYS A 1 9  ? -5.830  0.176   13.803  1.00 43.54 ? 22  LYS A CB  1 
ATOM   62  C CG  . LYS A 1 9  ? -6.031  -1.025  14.715  1.00 48.13 ? 22  LYS A CG  1 
ATOM   63  C CD  . LYS A 1 9  ? -4.727  -1.506  15.305  1.00 46.63 ? 22  LYS A CD  1 
ATOM   64  C CE  . LYS A 1 9  ? -4.927  -2.767  16.134  1.00 51.92 ? 22  LYS A CE  1 
ATOM   65  N NZ  . LYS A 1 9  ? -3.631  -3.380  16.534  1.00 57.03 ? 22  LYS A NZ  1 
ATOM   66  N N   . LEU A 1 10 ? -6.935  2.150   11.173  1.00 41.91 ? 23  LEU A N   1 
ATOM   67  C CA  . LEU A 1 10 ? -6.790  3.451   10.537  1.00 42.74 ? 23  LEU A CA  1 
ATOM   68  C C   . LEU A 1 10 ? -7.946  4.387   10.872  1.00 44.86 ? 23  LEU A C   1 
ATOM   69  O O   . LEU A 1 10 ? -9.041  3.950   11.130  1.00 39.18 ? 23  LEU A O   1 
ATOM   70  C CB  . LEU A 1 10 ? -6.717  3.315   9.007   1.00 43.50 ? 23  LEU A CB  1 
ATOM   71  C CG  . LEU A 1 10 ? -5.449  2.695   8.454   1.00 41.84 ? 23  LEU A CG  1 
ATOM   72  C CD1 . LEU A 1 10 ? -5.712  2.200   7.004   1.00 40.56 ? 23  LEU A CD1 1 
ATOM   73  C CD2 . LEU A 1 10 ? -4.322  3.683   8.488   1.00 46.24 ? 23  LEU A CD2 1 
ATOM   74  N N   . PRO A 1 11 ? -7.708  5.704   10.804  1.00 45.72 ? 24  PRO A N   1 
ATOM   75  C CA  . PRO A 1 11 ? -8.880  6.587   10.921  1.00 44.43 ? 24  PRO A CA  1 
ATOM   76  C C   . PRO A 1 11 ? -9.901  6.280   9.827   1.00 43.72 ? 24  PRO A C   1 
ATOM   77  O O   . PRO A 1 11 ? -9.539  5.772   8.753   1.00 43.95 ? 24  PRO A O   1 
ATOM   78  C CB  . PRO A 1 11 ? -8.287  7.992   10.739  1.00 42.57 ? 24  PRO A CB  1 
ATOM   79  C CG  . PRO A 1 11 ? -6.814  7.852   11.054  1.00 39.97 ? 24  PRO A CG  1 
ATOM   80  C CD  . PRO A 1 11 ? -6.450  6.448   10.630  1.00 45.39 ? 24  PRO A CD  1 
ATOM   81  N N   . LYS A 1 12 ? -11.164 6.581   10.086  1.00 43.83 ? 25  LYS A N   1 
ATOM   82  C CA  . LYS A 1 12 ? -12.233 6.203   9.166   1.00 45.62 ? 25  LYS A CA  1 
ATOM   83  C C   . LYS A 1 12 ? -12.018 6.727   7.745   1.00 44.14 ? 25  LYS A C   1 
ATOM   84  O O   . LYS A 1 12 ? -12.252 5.990   6.806   1.00 46.01 ? 25  LYS A O   1 
ATOM   85  C CB  . LYS A 1 12 ? -13.606 6.634   9.702   1.00 45.52 ? 25  LYS A CB  1 
ATOM   86  N N   . ASP A 1 13 ? -11.533 7.965   7.588   1.00 44.56 ? 26  ASP A N   1 
ATOM   87  C CA  A ASP A 1 13 ? -11.297 8.592   6.263   0.50 44.09 ? 26  ASP A CA  1 
ATOM   88  C CA  B ASP A 1 13 ? -11.391 8.521   6.244   0.50 44.49 ? 26  ASP A CA  1 
ATOM   89  C C   . ASP A 1 13 ? -10.268 7.823   5.454   1.00 44.67 ? 26  ASP A C   1 
ATOM   90  O O   . ASP A 1 13 ? -10.413 7.598   4.253   1.00 45.75 ? 26  ASP A O   1 
ATOM   91  C CB  A ASP A 1 13 ? -10.852 10.088  6.382   0.50 44.44 ? 26  ASP A CB  1 
ATOM   92  C CB  B ASP A 1 13 ? -11.212 10.045  6.311   0.50 45.84 ? 26  ASP A CB  1 
ATOM   93  C CG  A ASP A 1 13 ? -9.498  10.294  7.131   0.50 42.60 ? 26  ASP A CG  1 
ATOM   94  C CG  B ASP A 1 13 ? -12.390 10.754  7.020   0.50 48.91 ? 26  ASP A CG  1 
ATOM   95  O OD1 A ASP A 1 13 ? -9.238  9.554   8.090   0.50 48.99 ? 26  ASP A OD1 1 
ATOM   96  O OD1 B ASP A 1 13 ? -13.498 10.178  7.090   0.50 50.13 ? 26  ASP A OD1 1 
ATOM   97  O OD2 A ASP A 1 13 ? -8.703  11.222  6.790   0.50 34.25 ? 26  ASP A OD2 1 
ATOM   98  O OD2 B ASP A 1 13 ? -12.204 11.881  7.525   0.50 52.39 ? 26  ASP A OD2 1 
ATOM   99  N N   . TYR A 1 14 ? -9.184  7.451   6.137   1.00 45.06 ? 27  TYR A N   1 
ATOM   100 C CA  . TYR A 1 14 ? -8.139  6.607   5.566   1.00 45.47 ? 27  TYR A CA  1 
ATOM   101 C C   . TYR A 1 14 ? -8.729  5.250   5.126   1.00 44.96 ? 27  TYR A C   1 
ATOM   102 O O   . TYR A 1 14 ? -8.401  4.765   4.053   1.00 41.56 ? 27  TYR A O   1 
ATOM   103 C CB  . TYR A 1 14 ? -6.994  6.376   6.564   1.00 43.33 ? 27  TYR A CB  1 
ATOM   104 C CG  . TYR A 1 14 ? -5.990  7.494   6.623   1.00 42.42 ? 27  TYR A CG  1 
ATOM   105 C CD1 . TYR A 1 14 ? -4.912  7.519   5.761   1.00 44.87 ? 27  TYR A CD1 1 
ATOM   106 C CD2 . TYR A 1 14 ? -6.119  8.531   7.540   1.00 46.46 ? 27  TYR A CD2 1 
ATOM   107 C CE1 . TYR A 1 14 ? -3.993  8.533   5.790   1.00 45.39 ? 27  TYR A CE1 1 
ATOM   108 C CE2 . TYR A 1 14 ? -5.192  9.553   7.602   1.00 45.24 ? 27  TYR A CE2 1 
ATOM   109 C CZ  . TYR A 1 14 ? -4.136  9.557   6.733   1.00 39.95 ? 27  TYR A CZ  1 
ATOM   110 O OH  . TYR A 1 14 ? -3.221  10.579  6.778   1.00 47.46 ? 27  TYR A OH  1 
ATOM   111 N N   . GLN A 1 15 ? -9.588  4.642   5.955   1.00 43.13 ? 28  GLN A N   1 
ATOM   112 C CA  . GLN A 1 15 ? -10.224 3.374   5.567   1.00 42.61 ? 28  GLN A CA  1 
ATOM   113 C C   . GLN A 1 15 ? -11.073 3.484   4.278   1.00 43.54 ? 28  GLN A C   1 
ATOM   114 O O   . GLN A 1 15 ? -11.026 2.628   3.395   1.00 41.30 ? 28  GLN A O   1 
ATOM   115 C CB  . GLN A 1 15 ? -11.085 2.839   6.708   1.00 44.15 ? 28  GLN A CB  1 
ATOM   116 C CG  . GLN A 1 15 ? -10.292 2.509   7.938   1.00 41.06 ? 28  GLN A CG  1 
ATOM   117 C CD  . GLN A 1 15 ? -11.082 1.782   9.007   1.00 42.89 ? 28  GLN A CD  1 
ATOM   118 O OE1 . GLN A 1 15 ? -11.756 0.793   8.741   1.00 47.81 ? 28  GLN A OE1 1 
ATOM   119 N NE2 . GLN A 1 15 ? -10.969 2.255   10.234  1.00 47.62 ? 28  GLN A NE2 1 
ATOM   120 N N   . ILE A 1 16 ? -11.869 4.540   4.184   1.00 43.35 ? 29  ILE A N   1 
ATOM   121 C CA  . ILE A 1 16 ? -12.632 4.787   2.985   1.00 45.29 ? 29  ILE A CA  1 
ATOM   122 C C   . ILE A 1 16 ? -11.703 4.839   1.746   1.00 39.79 ? 29  ILE A C   1 
ATOM   123 O O   . ILE A 1 16 ? -11.967 4.171   0.762   1.00 43.00 ? 29  ILE A O   1 
ATOM   124 C CB  . ILE A 1 16 ? -13.370 6.146   3.050   1.00 44.68 ? 29  ILE A CB  1 
ATOM   125 C CG1 . ILE A 1 16 ? -14.428 6.136   4.176   1.00 45.05 ? 29  ILE A CG1 1 
ATOM   126 C CG2 . ILE A 1 16 ? -13.958 6.488   1.679   1.00 42.40 ? 29  ILE A CG2 1 
ATOM   127 C CD1 . ILE A 1 16 ? -15.311 4.930   4.194   1.00 48.34 ? 29  ILE A CD1 1 
ATOM   128 N N   . VAL A 1 17 ? -10.633 5.599   1.804   1.00 45.19 ? 30  VAL A N   1 
ATOM   129 C CA  . VAL A 1 17 ? -9.761  5.768   0.620   1.00 43.47 ? 30  VAL A CA  1 
ATOM   130 C C   . VAL A 1 17 ? -9.047  4.400   0.383   1.00 44.29 ? 30  VAL A C   1 
ATOM   131 O O   . VAL A 1 17 ? -8.930  3.962   -0.741  1.00 43.01 ? 30  VAL A O   1 
ATOM   132 C CB  . VAL A 1 17 ? -8.764  6.949   0.739   1.00 47.04 ? 30  VAL A CB  1 
ATOM   133 C CG1 . VAL A 1 17 ? -7.779  6.960   -0.434  1.00 44.06 ? 30  VAL A CG1 1 
ATOM   134 C CG2 . VAL A 1 17 ? -9.489  8.300   0.750   1.00 42.65 ? 30  VAL A CG2 1 
ATOM   135 N N   . TYR A 1 18 ? -8.672  3.676   1.445   1.00 46.31 ? 31  TYR A N   1 
ATOM   136 C CA  . TYR A 1 18 ? -8.038  2.359   1.255   1.00 44.19 ? 31  TYR A CA  1 
ATOM   137 C C   . TYR A 1 18 ? -8.935  1.384   0.516   1.00 47.09 ? 31  TYR A C   1 
ATOM   138 O O   . TYR A 1 18 ? -8.463  0.608   -0.337  1.00 39.94 ? 31  TYR A O   1 
ATOM   139 C CB  . TYR A 1 18 ? -7.588  1.753   2.590   1.00 48.55 ? 31  TYR A CB  1 
ATOM   140 C CG  . TYR A 1 18 ? -6.573  0.641   2.467   1.00 42.91 ? 31  TYR A CG  1 
ATOM   141 C CD1 . TYR A 1 18 ? -5.260  0.917   2.072   1.00 47.65 ? 31  TYR A CD1 1 
ATOM   142 C CD2 . TYR A 1 18 ? -6.904  -0.676  2.763   1.00 38.33 ? 31  TYR A CD2 1 
ATOM   143 C CE1 . TYR A 1 18 ? -4.308  -0.083  1.960   1.00 49.67 ? 31  TYR A CE1 1 
ATOM   144 C CE2 . TYR A 1 18 ? -5.935  -1.714  2.659   1.00 51.45 ? 31  TYR A CE2 1 
ATOM   145 C CZ  . TYR A 1 18 ? -4.642  -1.387  2.256   1.00 49.97 ? 31  TYR A CZ  1 
ATOM   146 O OH  . TYR A 1 18 ? -3.668  -2.348  2.146   1.00 45.57 ? 31  TYR A OH  1 
ATOM   147 N N   . LYS A 1 19 ? -10.230 1.401   0.838   1.00 47.45 ? 32  LYS A N   1 
ATOM   148 C CA  . LYS A 1 19 ? -11.174 0.554   0.131   1.00 47.37 ? 32  LYS A CA  1 
ATOM   149 C C   . LYS A 1 19 ? -11.251 0.974   -1.340  1.00 43.45 ? 32  LYS A C   1 
ATOM   150 O O   . LYS A 1 19 ? -11.315 0.135   -2.183  1.00 38.88 ? 32  LYS A O   1 
ATOM   151 C CB  . LYS A 1 19 ? -12.582 0.523   0.762   1.00 45.62 ? 32  LYS A CB  1 
ATOM   152 C CG  . LYS A 1 19 ? -12.641 0.050   2.205   1.00 52.18 ? 32  LYS A CG  1 
ATOM   153 C CD  . LYS A 1 19 ? -14.018 -0.519  2.646   1.00 52.51 ? 32  LYS A CD  1 
ATOM   154 N N   . GLU A 1 20 ? -11.267 2.266   -1.652  1.00 42.12 ? 33  GLU A N   1 
ATOM   155 C CA  . GLU A 1 20 ? -11.262 2.665   -3.057  1.00 43.08 ? 33  GLU A CA  1 
ATOM   156 C C   . GLU A 1 20 ? -10.000 2.063   -3.727  1.00 43.47 ? 33  GLU A C   1 
ATOM   157 O O   . GLU A 1 20 ? -10.051 1.551   -4.862  1.00 42.23 ? 33  GLU A O   1 
ATOM   158 C CB  . GLU A 1 20 ? -11.265 4.191   -3.168  1.00 43.57 ? 33  GLU A CB  1 
ATOM   159 C CG  . GLU A 1 20 ? -12.476 4.911   -2.570  1.00 39.38 ? 33  GLU A CG  1 
ATOM   160 C CD  . GLU A 1 20 ? -12.352 6.438   -2.765  1.00 40.72 ? 33  GLU A CD  1 
ATOM   161 O OE1 . GLU A 1 20 ? -12.741 6.935   -3.804  1.00 54.92 ? 33  GLU A OE1 1 
ATOM   162 O OE2 . GLU A 1 20 ? -11.801 7.094   -1.906  1.00 52.62 ? 33  GLU A OE2 1 
ATOM   163 N N   . ILE A 1 21 ? -8.887  2.123   -3.002  1.00 46.90 ? 34  ILE A N   1 
ATOM   164 C CA  . ILE A 1 21 ? -7.564  1.709   -3.518  1.00 48.73 ? 34  ILE A CA  1 
ATOM   165 C C   . ILE A 1 21 ? -7.499  0.239   -3.852  1.00 45.30 ? 34  ILE A C   1 
ATOM   166 O O   . ILE A 1 21 ? -7.042  -0.118  -4.940  1.00 46.70 ? 34  ILE A O   1 
ATOM   167 C CB  . ILE A 1 21 ? -6.404  2.134   -2.582  1.00 46.98 ? 34  ILE A CB  1 
ATOM   168 C CG1 . ILE A 1 21 ? -6.205  3.635   -2.775  1.00 46.91 ? 34  ILE A CG1 1 
ATOM   169 C CG2 . ILE A 1 21 ? -5.081  1.367   -2.896  1.00 46.81 ? 34  ILE A CG2 1 
ATOM   170 C CD1 . ILE A 1 21 ? -5.296  4.298   -1.818  1.00 46.59 ? 34  ILE A CD1 1 
ATOM   171 N N   . GLN A 1 22 ? -8.023  -0.599  -2.959  1.00 46.70 ? 35  GLN A N   1 
ATOM   172 C CA  . GLN A 1 22 ? -8.058  -2.026  -3.194  1.00 48.12 ? 35  GLN A CA  1 
ATOM   173 C C   . GLN A 1 22 ? -8.763  -2.362  -4.495  1.00 48.32 ? 35  GLN A C   1 
ATOM   174 O O   . GLN A 1 22 ? -8.343  -3.267  -5.217  1.00 46.39 ? 35  GLN A O   1 
ATOM   175 C CB  . GLN A 1 22 ? -8.692  -2.763  -2.004  1.00 46.80 ? 35  GLN A CB  1 
ATOM   176 C CG  . GLN A 1 22 ? -7.993  -2.516  -0.625  1.00 50.65 ? 35  GLN A CG  1 
ATOM   177 C CD  . GLN A 1 22 ? -8.611  -3.325  0.550   1.00 53.39 ? 35  GLN A CD  1 
ATOM   178 O OE1 . GLN A 1 22 ? -9.744  -3.082  0.955   1.00 60.10 ? 35  GLN A OE1 1 
ATOM   179 N NE2 . GLN A 1 22 ? -7.840  -4.249  1.116   1.00 61.78 ? 35  GLN A NE2 1 
ATOM   180 N N   . LYS A 1 23 ? -9.851  -1.658  -4.799  1.00 50.24 ? 36  LYS A N   1 
ATOM   181 C CA  . LYS A 1 23 ? -10.647 -1.925  -6.006  1.00 48.77 ? 36  LYS A CA  1 
ATOM   182 C C   . LYS A 1 23 ? -9.872  -1.536  -7.271  1.00 46.84 ? 36  LYS A C   1 
ATOM   183 O O   . LYS A 1 23 ? -9.782  -2.283  -8.250  1.00 45.37 ? 36  LYS A O   1 
ATOM   184 C CB  . LYS A 1 23 ? -11.981 -1.122  -5.942  1.00 48.73 ? 36  LYS A CB  1 
ATOM   185 C CG  . LYS A 1 23 ? -13.084 -1.541  -6.949  1.00 53.07 ? 36  LYS A CG  1 
ATOM   186 C CD  . LYS A 1 23 ? -13.610 -2.939  -6.607  1.00 59.58 ? 36  LYS A CD  1 
ATOM   187 C CE  . LYS A 1 23 ? -15.006 -3.212  -7.091  1.00 62.00 ? 36  LYS A CE  1 
ATOM   188 N NZ  . LYS A 1 23 ? -15.403 -4.637  -6.739  1.00 60.15 ? 36  LYS A NZ  1 
ATOM   189 N N   . TYR A 1 24 ? -9.370  -0.326  -7.236  1.00 46.67 ? 37  TYR A N   1 
ATOM   190 C CA  . TYR A 1 24 ? -8.540  0.219   -8.288  1.00 46.17 ? 37  TYR A CA  1 
ATOM   191 C C   . TYR A 1 24 ? -7.325  -0.662  -8.611  1.00 45.65 ? 37  TYR A C   1 
ATOM   192 O O   . TYR A 1 24 ? -7.104  -1.009  -9.751  1.00 40.84 ? 37  TYR A O   1 
ATOM   193 C CB  . TYR A 1 24 ? -8.065  1.599   -7.863  1.00 45.41 ? 37  TYR A CB  1 
ATOM   194 C CG  . TYR A 1 24 ? -7.361  2.309   -9.007  1.00 41.79 ? 37  TYR A CG  1 
ATOM   195 C CD1 . TYR A 1 24 ? -8.043  2.637   -10.123 1.00 40.60 ? 37  TYR A CD1 1 
ATOM   196 C CD2 . TYR A 1 24 ? -5.990  2.580   -8.963  1.00 41.47 ? 37  TYR A CD2 1 
ATOM   197 C CE1 . TYR A 1 24 ? -7.412  3.257   -11.217 1.00 42.84 ? 37  TYR A CE1 1 
ATOM   198 C CE2 . TYR A 1 24 ? -5.338  3.201   -10.086 1.00 37.93 ? 37  TYR A CE2 1 
ATOM   199 C CZ  . TYR A 1 24 ? -6.044  3.514   -11.176 1.00 38.63 ? 37  TYR A CZ  1 
ATOM   200 O OH  . TYR A 1 24 ? -5.415  4.210   -12.242 1.00 36.12 ? 37  TYR A OH  1 
ATOM   201 N N   . LEU A 1 25 ? -6.599  -1.092  -7.590  1.00 47.39 ? 38  LEU A N   1 
ATOM   202 C CA  . LEU A 1 25 ? -5.349  -1.812  -7.822  1.00 51.24 ? 38  LEU A CA  1 
ATOM   203 C C   . LEU A 1 25 ? -5.615  -3.189  -8.336  1.00 53.70 ? 38  LEU A C   1 
ATOM   204 O O   . LEU A 1 25 ? -4.904  -3.672  -9.183  1.00 54.61 ? 38  LEU A O   1 
ATOM   205 C CB  . LEU A 1 25 ? -4.522  -1.908  -6.562  1.00 50.79 ? 38  LEU A CB  1 
ATOM   206 C CG  . LEU A 1 25 ? -3.820  -0.631  -6.159  1.00 56.52 ? 38  LEU A CG  1 
ATOM   207 C CD1 . LEU A 1 25 ? -3.081  -0.880  -4.850  1.00 64.28 ? 38  LEU A CD1 1 
ATOM   208 C CD2 . LEU A 1 25 ? -2.887  -0.163  -7.261  1.00 65.93 ? 38  LEU A CD2 1 
ATOM   209 N N   . PHE A 1 26 ? -6.654  -3.818  -7.815  1.00 55.68 ? 39  PHE A N   1 
ATOM   210 C CA  . PHE A 1 26 ? -7.154  -5.044  -8.393  1.00 54.62 ? 39  PHE A CA  1 
ATOM   211 C C   . PHE A 1 26 ? -7.361  -4.933  -9.907  1.00 53.69 ? 39  PHE A C   1 
ATOM   212 O O   . PHE A 1 26 ? -6.984  -5.821  -10.637 1.00 51.81 ? 39  PHE A O   1 
ATOM   213 C CB  . PHE A 1 26 ? -8.465  -5.420  -7.727  1.00 56.81 ? 39  PHE A CB  1 
ATOM   214 C CG  . PHE A 1 26 ? -8.991  -6.715  -8.193  1.00 60.26 ? 39  PHE A CG  1 
ATOM   215 C CD1 . PHE A 1 26 ? -8.404  -7.901  -7.766  1.00 64.06 ? 39  PHE A CD1 1 
ATOM   216 C CD2 . PHE A 1 26 ? -10.024 -6.765  -9.119  1.00 62.78 ? 39  PHE A CD2 1 
ATOM   217 C CE1 . PHE A 1 26 ? -8.872  -9.122  -8.231  1.00 60.26 ? 39  PHE A CE1 1 
ATOM   218 C CE2 . PHE A 1 26 ? -10.485 -7.985  -9.589  1.00 61.56 ? 39  PHE A CE2 1 
ATOM   219 C CZ  . PHE A 1 26 ? -9.915  -9.151  -9.147  1.00 55.72 ? 39  PHE A CZ  1 
ATOM   220 N N   . LYS A 1 27 ? -7.971  -3.843  -10.367 1.00 53.69 ? 40  LYS A N   1 
ATOM   221 C CA  . LYS A 1 27 ? -8.237  -3.614  -11.780 1.00 53.13 ? 40  LYS A CA  1 
ATOM   222 C C   . LYS A 1 27 ? -7.008  -3.144  -12.576 1.00 51.38 ? 40  LYS A C   1 
ATOM   223 O O   . LYS A 1 27 ? -6.929  -3.428  -13.756 1.00 48.61 ? 40  LYS A O   1 
ATOM   224 C CB  . LYS A 1 27 ? -9.411  -2.605  -11.941 1.00 53.22 ? 40  LYS A CB  1 
ATOM   225 C CG  . LYS A 1 27 ? -9.505  -1.871  -13.294 1.00 58.31 ? 40  LYS A CG  1 
ATOM   226 C CD  . LYS A 1 27 ? -10.828 -1.079  -13.499 1.00 58.23 ? 40  LYS A CD  1 
ATOM   227 C CE  . LYS A 1 27 ? -11.218 -0.208  -12.283 1.00 64.38 ? 40  LYS A CE  1 
ATOM   228 N NZ  . LYS A 1 27 ? -11.994 -0.990  -11.262 1.00 65.58 ? 40  LYS A NZ  1 
ATOM   229 N N   . VAL A 1 28 ? -6.081  -2.393  -11.982 1.00 50.57 ? 41  VAL A N   1 
ATOM   230 C CA  . VAL A 1 28 ? -4.890  -1.894  -12.754 1.00 51.27 ? 41  VAL A CA  1 
ATOM   231 C C   . VAL A 1 28 ? -3.505  -2.316  -12.215 1.00 49.68 ? 41  VAL A C   1 
ATOM   232 O O   . VAL A 1 28 ? -2.481  -2.077  -12.858 1.00 45.94 ? 41  VAL A O   1 
ATOM   233 C CB  . VAL A 1 28 ? -4.898  -0.350  -12.943 1.00 50.40 ? 41  VAL A CB  1 
ATOM   234 C CG1 . VAL A 1 28 ? -6.189  0.081   -13.599 1.00 56.06 ? 41  VAL A CG1 1 
ATOM   235 C CG2 . VAL A 1 28 ? -4.683  0.403   -11.602 1.00 52.27 ? 41  VAL A CG2 1 
ATOM   236 N N   . GLY A 1 29 ? -3.469  -2.981  -11.072 1.00 48.44 ? 42  GLY A N   1 
ATOM   237 C CA  . GLY A 1 29 ? -2.186  -3.274  -10.439 1.00 49.37 ? 42  GLY A CA  1 
ATOM   238 C C   . GLY A 1 29 ? -1.686  -4.656  -10.778 1.00 51.17 ? 42  GLY A C   1 
ATOM   239 O O   . GLY A 1 29 ? -2.310  -5.367  -11.563 1.00 46.16 ? 42  GLY A O   1 
ATOM   240 N N   . PRO A 1 30 ? -0.575  -5.070  -10.134 1.00 49.48 ? 43  PRO A N   1 
ATOM   241 C CA  . PRO A 1 30 ? -0.044  -6.405  -10.373 1.00 47.28 ? 43  PRO A CA  1 
ATOM   242 C C   . PRO A 1 30 ? -1.150  -7.440  -10.232 1.00 42.36 ? 43  PRO A C   1 
ATOM   243 O O   . PRO A 1 30 ? -1.945  -7.378  -9.304  1.00 37.25 ? 43  PRO A O   1 
ATOM   244 C CB  . PRO A 1 30 ? 0.992   -6.607  -9.243  1.00 46.82 ? 43  PRO A CB  1 
ATOM   245 C CG  . PRO A 1 30 ? 1.352   -5.250  -8.781  1.00 52.00 ? 43  PRO A CG  1 
ATOM   246 C CD  . PRO A 1 30 ? 0.211   -4.316  -9.146  1.00 48.28 ? 43  PRO A CD  1 
ATOM   247 N N   . VAL A 1 31 ? -1.188  -8.397  -11.138 1.00 40.75 ? 44  VAL A N   1 
ATOM   248 C CA  . VAL A 1 31 ? -2.215  -9.440  -11.100 1.00 39.66 ? 44  VAL A CA  1 
ATOM   249 C C   . VAL A 1 31 ? -1.832  -10.519 -10.110 1.00 41.80 ? 44  VAL A C   1 
ATOM   250 O O   . VAL A 1 31 ? -2.666  -11.369 -9.706  1.00 41.30 ? 44  VAL A O   1 
ATOM   251 C CB  . VAL A 1 31 ? -2.438  -10.069 -12.499 1.00 38.95 ? 44  VAL A CB  1 
ATOM   252 C CG1 . VAL A 1 31 ? -2.705  -8.984  -13.519 1.00 43.03 ? 44  VAL A CG1 1 
ATOM   253 C CG2 . VAL A 1 31 ? -1.268  -10.971 -12.908 1.00 39.42 ? 44  VAL A CG2 1 
ATOM   254 N N   . GLU A 1 32 ? -0.565  -10.551 -9.736  1.00 42.38 ? 45  GLU A N   1 
ATOM   255 C CA  . GLU A 1 32 ? -0.080  -11.697 -8.974  1.00 38.37 ? 45  GLU A CA  1 
ATOM   256 C C   . GLU A 1 32 ? -0.465  -11.449 -7.541  1.00 36.87 ? 45  GLU A C   1 
ATOM   257 O O   . GLU A 1 32 ? -0.380  -10.338 -7.061  1.00 36.03 ? 45  GLU A O   1 
ATOM   258 C CB  . GLU A 1 32 ? 1.441   -11.855 -9.055  1.00 40.26 ? 45  GLU A CB  1 
ATOM   259 C CG  . GLU A 1 32 ? 1.990   -12.195 -10.408 1.00 47.47 ? 45  GLU A CG  1 
ATOM   260 C CD  . GLU A 1 32 ? 2.258   -10.990 -11.283 1.00 44.84 ? 45  GLU A CD  1 
ATOM   261 O OE1 . GLU A 1 32 ? 2.048   -9.814  -10.835 1.00 46.89 ? 45  GLU A OE1 1 
ATOM   262 O OE2 . GLU A 1 32 ? 2.700   -11.248 -12.439 1.00 49.89 ? 45  GLU A OE2 1 
ATOM   263 N N   . LEU A 1 33 ? -0.882  -12.488 -6.846  1.00 33.85 ? 46  LEU A N   1 
ATOM   264 C CA  . LEU A 1 33 ? -1.392  -12.362 -5.459  1.00 36.04 ? 46  LEU A CA  1 
ATOM   265 C C   . LEU A 1 33 ? -0.396  -11.715 -4.519  1.00 35.70 ? 46  LEU A C   1 
ATOM   266 O O   . LEU A 1 33 ? -0.710  -10.786 -3.785  1.00 45.57 ? 46  LEU A O   1 
ATOM   267 C CB  . LEU A 1 33 ? -1.673  -13.795 -4.953  1.00 37.54 ? 46  LEU A CB  1 
ATOM   268 C CG  . LEU A 1 33 ? -2.409  -13.853 -3.622  1.00 47.35 ? 46  LEU A CG  1 
ATOM   269 C CD1 . LEU A 1 33 ? -3.878  -13.457 -3.812  1.00 56.80 ? 46  LEU A CD1 1 
ATOM   270 C CD2 . LEU A 1 33 ? -2.297  -15.256 -3.064  1.00 42.07 ? 46  LEU A CD2 1 
ATOM   271 N N   . ASN A 1 34 ? 0.836   -12.187 -4.570  1.00 38.72 ? 47  ASN A N   1 
ATOM   272 C CA  . ASN A 1 34 ? 1.887   -11.750 -3.647  1.00 41.31 ? 47  ASN A CA  1 
ATOM   273 C C   . ASN A 1 34 ? 2.401   -10.377 -3.895  1.00 39.87 ? 47  ASN A C   1 
ATOM   274 O O   . ASN A 1 34 ? 2.582   -9.575  -2.965  1.00 39.91 ? 47  ASN A O   1 
ATOM   275 C CB  . ASN A 1 34 ? 3.048   -12.736 -3.723  1.00 43.53 ? 47  ASN A CB  1 
ATOM   276 C CG  . ASN A 1 34 ? 2.682   -14.063 -3.184  1.00 45.16 ? 47  ASN A CG  1 
ATOM   277 O OD1 . ASN A 1 34 ? 1.926   -14.165 -2.194  1.00 45.45 ? 47  ASN A OD1 1 
ATOM   278 N ND2 . ASN A 1 34 ? 3.193   -15.119 -3.826  1.00 47.65 ? 47  ASN A ND2 1 
ATOM   279 N N   . GLU A 1 35 ? 2.639   -10.069 -5.156  1.00 40.16 ? 48  GLU A N   1 
ATOM   280 C CA  . GLU A 1 35 ? 3.043   -8.722  -5.475  1.00 40.80 ? 48  GLU A CA  1 
ATOM   281 C C   . GLU A 1 35 ? 1.911   -7.720  -5.180  1.00 42.01 ? 48  GLU A C   1 
ATOM   282 O O   . GLU A 1 35 ? 2.162   -6.548  -4.802  1.00 46.50 ? 48  GLU A O   1 
ATOM   283 C CB  . GLU A 1 35 ? 3.459   -8.632  -6.941  1.00 43.15 ? 48  GLU A CB  1 
ATOM   284 C CG  . GLU A 1 35 ? 4.316   -9.832  -7.415  1.00 53.97 ? 48  GLU A CG  1 
ATOM   285 C CD  . GLU A 1 35 ? 5.082   -9.495  -8.678  1.00 54.49 ? 48  GLU A CD  1 
ATOM   286 O OE1 . GLU A 1 35 ? 5.123   -8.270  -8.986  1.00 61.70 ? 48  GLU A OE1 1 
ATOM   287 O OE2 . GLU A 1 35 ? 5.620   -10.449 -9.333  1.00 49.55 ? 48  GLU A OE2 1 
ATOM   288 N N   . GLY A 1 36 ? 0.676   -8.146  -5.452  1.00 42.86 ? 49  GLY A N   1 
ATOM   289 C CA  . GLY A 1 36 ? -0.526  -7.390  -5.110  1.00 42.07 ? 49  GLY A CA  1 
ATOM   290 C C   . GLY A 1 36 ? -0.613  -7.060  -3.625  1.00 38.03 ? 49  GLY A C   1 
ATOM   291 O O   . GLY A 1 36 ? -0.849  -5.942  -3.248  1.00 38.53 ? 49  GLY A O   1 
ATOM   292 N N   . ILE A 1 37 ? -0.437  -8.034  -2.765  1.00 40.57 ? 50  ILE A N   1 
ATOM   293 C CA  . ILE A 1 37 ? -0.455  -7.755  -1.321  1.00 41.74 ? 50  ILE A CA  1 
ATOM   294 C C   . ILE A 1 37 ? 0.739   -6.938  -0.858  1.00 42.59 ? 50  ILE A C   1 
ATOM   295 O O   . ILE A 1 37 ? 0.648   -6.151  0.089   1.00 45.75 ? 50  ILE A O   1 
ATOM   296 C CB  . ILE A 1 37 ? -0.471  -9.081  -0.515  1.00 41.91 ? 50  ILE A CB  1 
ATOM   297 C CG1 . ILE A 1 37 ? -1.761  -9.808  -0.783  1.00 36.99 ? 50  ILE A CG1 1 
ATOM   298 C CG2 . ILE A 1 37 ? -0.338  -8.821  0.999   1.00 48.38 ? 50  ILE A CG2 1 
ATOM   299 C CD1 . ILE A 1 37 ? -1.689  -11.284 -0.495  1.00 37.94 ? 50  ILE A CD1 1 
ATOM   300 N N   . GLY A 1 38 ? 1.874   -7.106  -1.511  1.00 43.70 ? 51  GLY A N   1 
ATOM   301 C CA  . GLY A 1 38 ? 3.008   -6.271  -1.192  1.00 44.76 ? 51  GLY A CA  1 
ATOM   302 C C   . GLY A 1 38 ? 2.692   -4.823  -1.464  1.00 42.27 ? 51  GLY A C   1 
ATOM   303 O O   . GLY A 1 38 ? 3.110   -3.928  -0.738  1.00 41.42 ? 51  GLY A O   1 
ATOM   304 N N   . LEU A 1 39 ? 1.980   -4.563  -2.543  1.00 46.31 ? 52  LEU A N   1 
ATOM   305 C CA  . LEU A 1 39 ? 1.711   -3.176  -2.935  1.00 43.86 ? 52  LEU A CA  1 
ATOM   306 C C   . LEU A 1 39 ? 0.726   -2.502  -1.916  1.00 43.39 ? 52  LEU A C   1 
ATOM   307 O O   . LEU A 1 39 ? 0.897   -1.371  -1.457  1.00 45.02 ? 52  LEU A O   1 
ATOM   308 C CB  . LEU A 1 39 ? 1.170   -3.205  -4.355  1.00 44.47 ? 52  LEU A CB  1 
ATOM   309 C CG  . LEU A 1 39 ? 0.832   -1.861  -4.983  1.00 49.64 ? 52  LEU A CG  1 
ATOM   310 C CD1 . LEU A 1 39 ? 1.985   -0.914  -4.888  1.00 50.42 ? 52  LEU A CD1 1 
ATOM   311 C CD2 . LEU A 1 39 ? 0.372   -2.053  -6.371  1.00 50.05 ? 52  LEU A CD2 1 
ATOM   312 N N   . LEU A 1 40 ? -0.323  -3.239  -1.619  1.00 45.39 ? 53  LEU A N   1 
ATOM   313 C CA  . LEU A 1 40 ? -1.334  -2.936  -0.627  1.00 45.01 ? 53  LEU A CA  1 
ATOM   314 C C   . LEU A 1 40 ? -0.708  -2.711  0.719   1.00 47.67 ? 53  LEU A C   1 
ATOM   315 O O   . LEU A 1 40 ? -1.070  -1.725  1.395   1.00 47.67 ? 53  LEU A O   1 
ATOM   316 C CB  . LEU A 1 40 ? -2.301  -4.135  -0.518  1.00 45.67 ? 53  LEU A CB  1 
ATOM   317 C CG  . LEU A 1 40 ? -3.385  -4.174  -1.609  1.00 49.82 ? 53  LEU A CG  1 
ATOM   318 C CD1 . LEU A 1 40 ? -4.274  -5.357  -1.377  1.00 48.37 ? 53  LEU A CD1 1 
ATOM   319 C CD2 . LEU A 1 40 ? -4.212  -2.898  -1.654  1.00 52.96 ? 53  LEU A CD2 1 
ATOM   320 N N   . SER A 1 41 ? 0.243   -3.592  1.103   1.00 43.44 ? 54  SER A N   1 
ATOM   321 C CA  . SER A 1 41 ? 0.967   -3.421  2.388   1.00 41.60 ? 54  SER A CA  1 
ATOM   322 C C   . SER A 1 41 ? 1.704   -2.097  2.406   1.00 40.99 ? 54  SER A C   1 
ATOM   323 O O   . SER A 1 41 ? 1.659   -1.368  3.342   1.00 46.56 ? 54  SER A O   1 
ATOM   324 C CB  . SER A 1 41 ? 1.947   -4.525  2.616   1.00 40.48 ? 54  SER A CB  1 
ATOM   325 O OG  . SER A 1 41 ? 1.254   -5.766  2.678   1.00 33.18 ? 54  SER A OG  1 
ATOM   326 N N   . GLU A 1 42 ? 2.399   -1.811  1.335   1.00 39.23 ? 55  GLU A N   1 
ATOM   327 C CA  . GLU A 1 42 ? 3.082   -0.548  1.213   1.00 41.86 ? 55  GLU A CA  1 
ATOM   328 C C   . GLU A 1 42 ? 2.169   0.683   1.314   1.00 44.14 ? 55  GLU A C   1 
ATOM   329 O O   . GLU A 1 42 ? 2.506   1.672   1.992   1.00 45.78 ? 55  GLU A O   1 
ATOM   330 C CB  . GLU A 1 42 ? 3.838   -0.555  -0.094  1.00 40.12 ? 55  GLU A CB  1 
ATOM   331 C CG  . GLU A 1 42 ? 4.669   0.725   -0.308  1.00 44.06 ? 55  GLU A CG  1 
ATOM   332 C CD  . GLU A 1 42 ? 5.522   0.656   -1.516  1.00 38.70 ? 55  GLU A CD  1 
ATOM   333 O OE1 . GLU A 1 42 ? 5.453   -0.375  -2.201  1.00 50.80 ? 55  GLU A OE1 1 
ATOM   334 O OE2 . GLU A 1 42 ? 6.213   1.655   -1.864  1.00 46.49 ? 55  GLU A OE2 1 
ATOM   335 N N   . ILE A 1 43 ? 1.014   0.628   0.664   1.00 44.44 ? 56  ILE A N   1 
ATOM   336 C CA  . ILE A 1 43 ? 0.094   1.744   0.696   1.00 44.68 ? 56  ILE A CA  1 
ATOM   337 C C   . ILE A 1 43 ? -0.413  1.886   2.088   1.00 42.65 ? 56  ILE A C   1 
ATOM   338 O O   . ILE A 1 43 ? -0.514  2.978   2.590   1.00 43.65 ? 56  ILE A O   1 
ATOM   339 C CB  . ILE A 1 43 ? -1.056  1.588   -0.290  1.00 44.82 ? 56  ILE A CB  1 
ATOM   340 C CG1 . ILE A 1 43 ? -0.475  1.679   -1.700  1.00 36.44 ? 56  ILE A CG1 1 
ATOM   341 C CG2 . ILE A 1 43 ? -2.054  2.716   -0.090  1.00 50.99 ? 56  ILE A CG2 1 
ATOM   342 C CD1 . ILE A 1 43 ? -1.429  1.317   -2.811  1.00 41.97 ? 56  ILE A CD1 1 
ATOM   343 N N   . LEU A 1 44 ? -0.746  0.767   2.727   1.00 40.32 ? 57  LEU A N   1 
ATOM   344 C CA  . LEU A 1 44 ? -1.113  0.795   4.125   1.00 40.47 ? 57  LEU A CA  1 
ATOM   345 C C   . LEU A 1 44 ? -0.114  1.521   5.035   1.00 41.83 ? 57  LEU A C   1 
ATOM   346 O O   . LEU A 1 44 ? -0.515  2.301   5.919   1.00 44.40 ? 57  LEU A O   1 
ATOM   347 C CB  . LEU A 1 44 ? -1.375  -0.644  4.633   1.00 37.78 ? 57  LEU A CB  1 
ATOM   348 C CG  . LEU A 1 44 ? -1.692  -0.744  6.136   1.00 42.67 ? 57  LEU A CG  1 
ATOM   349 C CD1 . LEU A 1 44 ? -3.022  -0.057  6.476   1.00 44.71 ? 57  LEU A CD1 1 
ATOM   350 C CD2 . LEU A 1 44 ? -1.756  -2.196  6.560   1.00 43.54 ? 57  LEU A CD2 1 
ATOM   351 N N   . GLY A 1 45 ? 1.176   1.269   4.873   1.00 44.10 ? 58  GLY A N   1 
ATOM   352 C CA  . GLY A 1 45 ? 2.180   2.002   5.627   1.00 37.86 ? 58  GLY A CA  1 
ATOM   353 C C   . GLY A 1 45 ? 2.242   3.499   5.347   1.00 43.49 ? 58  GLY A C   1 
ATOM   354 O O   . GLY A 1 45 ? 2.478   4.287   6.254   1.00 42.58 ? 58  GLY A O   1 
ATOM   355 N N   . PHE A 1 46 ? 2.126   3.905   4.087   1.00 41.04 ? 59  PHE A N   1 
ATOM   356 C CA  . PHE A 1 46 ? 1.928   5.344   3.788   1.00 46.43 ? 59  PHE A CA  1 
ATOM   357 C C   . PHE A 1 46 ? 0.821   5.869   4.701   1.00 43.95 ? 59  PHE A C   1 
ATOM   358 O O   . PHE A 1 46 ? 0.950   6.924   5.301   1.00 45.84 ? 59  PHE A O   1 
ATOM   359 C CB  . PHE A 1 46 ? 1.435   5.568   2.378   1.00 48.63 ? 59  PHE A CB  1 
ATOM   360 C CG  . PHE A 1 46 ? 2.501   5.765   1.340   1.00 49.31 ? 59  PHE A CG  1 
ATOM   361 C CD1 . PHE A 1 46 ? 3.013   4.678   0.662   1.00 50.95 ? 59  PHE A CD1 1 
ATOM   362 C CD2 . PHE A 1 46 ? 2.927   7.046   0.994   1.00 47.38 ? 59  PHE A CD2 1 
ATOM   363 C CE1 . PHE A 1 46 ? 3.949   4.834   -0.296  1.00 36.14 ? 59  PHE A CE1 1 
ATOM   364 C CE2 . PHE A 1 46 ? 3.865   7.230   0.015   1.00 45.33 ? 59  PHE A CE2 1 
ATOM   365 C CZ  . PHE A 1 46 ? 4.360   6.100   -0.670  1.00 45.09 ? 59  PHE A CZ  1 
ATOM   366 N N   . PHE A 1 47 ? -0.261  5.106   4.813   1.00 45.46 ? 60  PHE A N   1 
ATOM   367 C CA  . PHE A 1 47 ? -1.457  5.574   5.478   1.00 46.52 ? 60  PHE A CA  1 
ATOM   368 C C   . PHE A 1 47 ? -1.290  5.624   6.973   1.00 47.67 ? 60  PHE A C   1 
ATOM   369 O O   . PHE A 1 47 ? -1.740  6.571   7.654   1.00 48.30 ? 60  PHE A O   1 
ATOM   370 C CB  . PHE A 1 47 ? -2.649  4.675   5.096   1.00 45.19 ? 60  PHE A CB  1 
ATOM   371 C CG  . PHE A 1 47 ? -3.301  5.046   3.793   1.00 43.94 ? 60  PHE A CG  1 
ATOM   372 C CD1 . PHE A 1 47 ? -2.611  5.714   2.808   1.00 48.07 ? 60  PHE A CD1 1 
ATOM   373 C CD2 . PHE A 1 47 ? -4.600  4.670   3.532   1.00 41.42 ? 60  PHE A CD2 1 
ATOM   374 C CE1 . PHE A 1 47 ? -3.207  6.038   1.637   1.00 50.15 ? 60  PHE A CE1 1 
ATOM   375 C CE2 . PHE A 1 47 ? -5.182  4.969   2.343   1.00 45.79 ? 60  PHE A CE2 1 
ATOM   376 C CZ  . PHE A 1 47 ? -4.498  5.661   1.404   1.00 48.89 ? 60  PHE A CZ  1 
ATOM   377 N N   . GLU A 1 48 ? -0.678  4.581   7.502   1.00 46.26 ? 61  GLU A N   1 
ATOM   378 C CA  . GLU A 1 48 ? -0.373  4.543   8.909   1.00 42.69 ? 61  GLU A CA  1 
ATOM   379 C C   . GLU A 1 48 ? 0.524   5.711   9.332   1.00 42.59 ? 61  GLU A C   1 
ATOM   380 O O   . GLU A 1 48 ? 0.277   6.326   10.375  1.00 45.83 ? 61  GLU A O   1 
ATOM   381 C CB  . GLU A 1 48 ? 0.301   3.224   9.229   1.00 44.07 ? 61  GLU A CB  1 
ATOM   382 C CG  . GLU A 1 48 ? -0.639  2.016   9.227   1.00 39.55 ? 61  GLU A CG  1 
ATOM   383 C CD  . GLU A 1 48 ? 0.070   0.713   9.581   1.00 41.21 ? 61  GLU A CD  1 
ATOM   384 O OE1 . GLU A 1 48 ? 0.651   0.080   8.697   1.00 44.23 ? 61  GLU A OE1 1 
ATOM   385 O OE2 . GLU A 1 48 ? 0.093   0.333   10.764  1.00 49.39 ? 61  GLU A OE2 1 
ATOM   386 N N   . GLU A 1 49 ? 1.579   5.991   8.561   1.00 45.10 ? 62  GLU A N   1 
ATOM   387 C CA  . GLU A 1 49 ? 2.482   7.114   8.891   1.00 44.69 ? 62  GLU A CA  1 
ATOM   388 C C   . GLU A 1 49 ? 1.799   8.452   8.679   1.00 42.11 ? 62  GLU A C   1 
ATOM   389 O O   . GLU A 1 49 ? 2.009   9.380   9.476   1.00 45.87 ? 62  GLU A O   1 
ATOM   390 C CB  . GLU A 1 49 ? 3.800   7.072   8.100   1.00 44.40 ? 62  GLU A CB  1 
ATOM   391 C CG  . GLU A 1 49 ? 4.709   8.314   8.307   1.00 45.56 ? 62  GLU A CG  1 
ATOM   392 C CD  . GLU A 1 49 ? 5.053   8.582   9.777   1.00 40.94 ? 62  GLU A CD  1 
ATOM   393 O OE1 . GLU A 1 49 ? 4.952   7.645   10.613  1.00 43.26 ? 62  GLU A OE1 1 
ATOM   394 O OE2 . GLU A 1 49 ? 5.407   9.744   10.124  1.00 42.68 ? 62  GLU A OE2 1 
ATOM   395 N N   . GLY A 1 50 ? 0.976   8.543   7.632   1.00 44.18 ? 63  GLY A N   1 
ATOM   396 C CA  . GLY A 1 50 ? 0.068   9.680   7.453   1.00 42.66 ? 63  GLY A CA  1 
ATOM   397 C C   . GLY A 1 50 ? -0.779  9.994   8.676   1.00 44.79 ? 63  GLY A C   1 
ATOM   398 O O   . GLY A 1 50 ? -0.764  11.116  9.187   1.00 43.23 ? 63  GLY A O   1 
ATOM   399 N N   . ALA A 1 51 ? -1.505  9.002   9.163   1.00 42.91 ? 64  ALA A N   1 
ATOM   400 C CA  . ALA A 1 51 ? -2.248  9.144   10.418  1.00 46.82 ? 64  ALA A CA  1 
ATOM   401 C C   . ALA A 1 51 ? -1.397  9.611   11.574  1.00 46.25 ? 64  ALA A C   1 
ATOM   402 O O   . ALA A 1 51 ? -1.769  10.560  12.270  1.00 48.13 ? 64  ALA A O   1 
ATOM   403 C CB  . ALA A 1 51 ? -2.937  7.823   10.776  1.00 48.08 ? 64  ALA A CB  1 
ATOM   404 N N   . ALA A 1 52 ? -0.264  8.950   11.798  1.00 44.68 ? 65  ALA A N   1 
ATOM   405 C CA  . ALA A 1 52 ? 0.647   9.273   12.926  1.00 43.52 ? 65  ALA A CA  1 
ATOM   406 C C   . ALA A 1 52 ? 1.218   10.689  12.835  1.00 42.15 ? 65  ALA A C   1 
ATOM   407 O O   . ALA A 1 52 ? 1.469   11.359  13.849  1.00 39.59 ? 65  ALA A O   1 
ATOM   408 C CB  . ALA A 1 52 ? 1.801   8.259   12.973  1.00 44.12 ? 65  ALA A CB  1 
ATOM   409 N N   . ALA A 1 53 ? 1.416   11.135  11.604  1.00 43.66 ? 66  ALA A N   1 
ATOM   410 C CA  . ALA A 1 53 ? 1.920   12.466  11.322  1.00 46.39 ? 66  ALA A CA  1 
ATOM   411 C C   . ALA A 1 53 ? 0.829   13.548  11.434  1.00 47.74 ? 66  ALA A C   1 
ATOM   412 O O   . ALA A 1 53 ? 1.132   14.720  11.314  1.00 45.53 ? 66  ALA A O   1 
ATOM   413 C CB  . ALA A 1 53 ? 2.556   12.480  9.936   1.00 46.13 ? 66  ALA A CB  1 
ATOM   414 N N   . GLY A 1 54 ? -0.429  13.156  11.664  1.00 48.71 ? 67  GLY A N   1 
ATOM   415 C CA  . GLY A 1 54 ? -1.531  14.119  11.781  1.00 47.08 ? 67  GLY A CA  1 
ATOM   416 C C   . GLY A 1 54 ? -2.058  14.672  10.462  1.00 47.16 ? 67  GLY A C   1 
ATOM   417 O O   . GLY A 1 54 ? -2.722  15.700  10.441  1.00 46.97 ? 67  GLY A O   1 
ATOM   418 N N   . LYS A 1 55 ? -1.763  13.968  9.367   1.00 45.96 ? 68  LYS A N   1 
ATOM   419 C CA  . LYS A 1 55 ? -2.187  14.322  8.017   1.00 45.80 ? 68  LYS A CA  1 
ATOM   420 C C   . LYS A 1 55 ? -3.567  13.751  7.775   1.00 45.63 ? 68  LYS A C   1 
ATOM   421 O O   . LYS A 1 55 ? -3.912  12.684  8.304   1.00 48.12 ? 68  LYS A O   1 
ATOM   422 C CB  . LYS A 1 55 ? -1.264  13.678  6.946   1.00 43.28 ? 68  LYS A CB  1 
ATOM   423 C CG  . LYS A 1 55 ? 0.207   14.094  6.929   1.00 43.71 ? 68  LYS A CG  1 
ATOM   424 C CD  . LYS A 1 55 ? 0.348   15.593  6.750   1.00 46.89 ? 68  LYS A CD  1 
ATOM   425 C CE  . LYS A 1 55 ? 1.793   16.017  6.472   1.00 45.02 ? 68  LYS A CE  1 
ATOM   426 N NZ  . LYS A 1 55 ? 1.941   17.494  6.578   1.00 52.90 ? 68  LYS A NZ  1 
ATOM   427 N N   . GLY A 1 56 ? -4.348  14.450  6.954   1.00 44.67 ? 69  GLY A N   1 
ATOM   428 C CA  . GLY A 1 56 ? -5.578  13.880  6.410   1.00 46.41 ? 69  GLY A CA  1 
ATOM   429 C C   . GLY A 1 56 ? -5.168  13.001  5.242   1.00 44.51 ? 69  GLY A C   1 
ATOM   430 O O   . GLY A 1 56 ? -4.178  13.286  4.567   1.00 43.19 ? 69  GLY A O   1 
ATOM   431 N N   . VAL A 1 57 ? -5.940  11.953  4.985   1.00 46.12 ? 70  VAL A N   1 
ATOM   432 C CA  . VAL A 1 57 ? -5.639  11.028  3.904   1.00 44.16 ? 70  VAL A CA  1 
ATOM   433 C C   . VAL A 1 57 ? -5.334  11.674  2.568   1.00 44.13 ? 70  VAL A C   1 
ATOM   434 O O   . VAL A 1 57 ? -4.463  11.188  1.828   1.00 40.82 ? 70  VAL A O   1 
ATOM   435 C CB  . VAL A 1 57 ? -6.762  9.959   3.703   1.00 44.69 ? 70  VAL A CB  1 
ATOM   436 C CG1 . VAL A 1 57 ? -8.099  10.598  3.268   1.00 47.76 ? 70  VAL A CG1 1 
ATOM   437 C CG2 . VAL A 1 57 ? -6.344  8.901   2.666   1.00 44.70 ? 70  VAL A CG2 1 
ATOM   438 N N   . LEU A 1 58 ? -6.071  12.710  2.193   1.00 44.61 ? 71  LEU A N   1 
ATOM   439 C CA  . LEU A 1 58 ? -5.837  13.318  0.890   1.00 43.08 ? 71  LEU A CA  1 
ATOM   440 C C   . LEU A 1 58 ? -4.558  14.131  0.862   1.00 44.96 ? 71  LEU A C   1 
ATOM   441 O O   . LEU A 1 58 ? -4.044  14.446  -0.224  1.00 45.66 ? 71  LEU A O   1 
ATOM   442 C CB  . LEU A 1 58 ? -7.041  14.136  0.443   1.00 46.52 ? 71  LEU A CB  1 
ATOM   443 C CG  . LEU A 1 58 ? -8.311  13.348  0.067   1.00 44.25 ? 71  LEU A CG  1 
ATOM   444 C CD1 . LEU A 1 58 ? -9.367  14.304  -0.471  1.00 43.20 ? 71  LEU A CD1 1 
ATOM   445 C CD2 . LEU A 1 58 ? -8.029  12.293  -0.962  1.00 46.11 ? 71  LEU A CD2 1 
ATOM   446 N N   . ASP A 1 59 ? -4.030  14.474  2.038   1.00 46.80 ? 72  ASP A N   1 
ATOM   447 C CA  . ASP A 1 59 ? -2.680  15.029  2.135   1.00 47.72 ? 72  ASP A CA  1 
ATOM   448 C C   . ASP A 1 59 ? -1.566  13.993  1.890   1.00 47.49 ? 72  ASP A C   1 
ATOM   449 O O   . ASP A 1 59 ? -0.428  14.360  1.626   1.00 52.96 ? 72  ASP A O   1 
ATOM   450 C CB  . ASP A 1 59 ? -2.456  15.675  3.506   1.00 48.39 ? 72  ASP A CB  1 
ATOM   451 C CG  . ASP A 1 59 ? -3.341  16.860  3.736   1.00 47.50 ? 72  ASP A CG  1 
ATOM   452 O OD1 . ASP A 1 59 ? -3.435  17.744  2.831   1.00 48.22 ? 72  ASP A OD1 1 
ATOM   453 O OD2 . ASP A 1 59 ? -3.919  16.910  4.834   1.00 57.44 ? 72  ASP A OD2 1 
ATOM   454 N N   . VAL A 1 60 ? -1.890  12.726  2.032   1.00 47.81 ? 73  VAL A N   1 
ATOM   455 C CA  . VAL A 1 60 ? -0.984  11.627  1.701   1.00 46.75 ? 73  VAL A CA  1 
ATOM   456 C C   . VAL A 1 60 ? -1.077  11.271  0.215   1.00 47.27 ? 73  VAL A C   1 
ATOM   457 O O   . VAL A 1 60 ? -0.072  11.226  -0.502  1.00 44.72 ? 73  VAL A O   1 
ATOM   458 C CB  . VAL A 1 60 ? -1.309  10.388  2.546   1.00 47.12 ? 73  VAL A CB  1 
ATOM   459 C CG1 . VAL A 1 60 ? -0.459  9.204   2.110   1.00 43.90 ? 73  VAL A CG1 1 
ATOM   460 C CG2 . VAL A 1 60 ? -1.110  10.687  4.027   1.00 46.79 ? 73  VAL A CG2 1 
ATOM   461 N N   . THR A 1 61 ? -2.291  11.025  -0.253  1.00 48.04 ? 74  THR A N   1 
ATOM   462 C CA  . THR A 1 61 ? -2.494  10.608  -1.652  1.00 47.83 ? 74  THR A CA  1 
ATOM   463 C C   . THR A 1 61 ? -2.568  11.754  -2.619  1.00 47.57 ? 74  THR A C   1 
ATOM   464 O O   . THR A 1 61 ? -2.235  11.600  -3.809  1.00 49.90 ? 74  THR A O   1 
ATOM   465 C CB  . THR A 1 61 ? -3.808  9.830   -1.813  1.00 47.94 ? 74  THR A CB  1 
ATOM   466 O OG1 . THR A 1 61 ? -4.884  10.575  -1.236  1.00 47.62 ? 74  THR A OG1 1 
ATOM   467 C CG2 . THR A 1 61 ? -3.715  8.486   -1.165  1.00 42.14 ? 74  THR A CG2 1 
ATOM   468 N N   . GLY A 1 62 ? -2.987  12.927  -2.148  1.00 47.19 ? 75  GLY A N   1 
ATOM   469 C CA  . GLY A 1 62 ? -3.485  13.968  -3.075  1.00 43.25 ? 75  GLY A CA  1 
ATOM   470 C C   . GLY A 1 62 ? -4.934  13.659  -3.492  1.00 42.20 ? 75  GLY A C   1 
ATOM   471 O O   . GLY A 1 62 ? -5.428  12.546  -3.241  1.00 48.54 ? 75  GLY A O   1 
ATOM   472 N N   . THR A 1 63 ? -5.629  14.605  -4.124  1.00 45.65 ? 76  THR A N   1 
ATOM   473 C CA  . THR A 1 63 ? -7.059  14.424  -4.453  1.00 46.70 ? 76  THR A CA  1 
ATOM   474 C C   . THR A 1 63 ? -7.257  13.413  -5.585  1.00 47.42 ? 76  THR A C   1 
ATOM   475 O O   . THR A 1 63 ? -8.284  12.710  -5.661  1.00 48.55 ? 76  THR A O   1 
ATOM   476 C CB  . THR A 1 63 ? -7.767  15.746  -4.750  1.00 47.18 ? 76  THR A CB  1 
ATOM   477 O OG1 . THR A 1 63 ? -7.134  16.414  -5.837  1.00 53.61 ? 76  THR A OG1 1 
ATOM   478 C CG2 . THR A 1 63 ? -7.720  16.645  -3.521  1.00 49.91 ? 76  THR A CG2 1 
ATOM   479 N N   . ASP A 1 64 ? -6.219  13.297  -6.406  1.00 46.46 ? 77  ASP A N   1 
ATOM   480 C CA  . ASP A 1 64 ? -6.141  12.330  -7.484  1.00 42.53 ? 77  ASP A CA  1 
ATOM   481 C C   . ASP A 1 64 ? -5.527  11.065  -6.950  1.00 47.46 ? 77  ASP A C   1 
ATOM   482 O O   . ASP A 1 64 ? -4.329  10.796  -7.125  1.00 49.52 ? 77  ASP A O   1 
ATOM   483 C CB  . ASP A 1 64 ? -5.338  12.939  -8.640  1.00 40.28 ? 77  ASP A CB  1 
ATOM   484 C CG  . ASP A 1 64 ? -5.478  12.188  -9.921  1.00 35.18 ? 77  ASP A CG  1 
ATOM   485 O OD1 . ASP A 1 64 ? -5.908  11.083  -9.976  1.00 30.25 ? 77  ASP A OD1 1 
ATOM   486 O OD2 . ASP A 1 64 ? -5.167  12.719  -10.982 1.00 28.25 ? 77  ASP A OD2 1 
ATOM   487 N N   . VAL A 1 65 ? -6.356  10.303  -6.226  1.00 45.03 ? 78  VAL A N   1 
ATOM   488 C CA  . VAL A 1 65 ? -5.944  9.051   -5.684  1.00 46.03 ? 78  VAL A CA  1 
ATOM   489 C C   . VAL A 1 65 ? -5.492  8.034   -6.722  1.00 41.23 ? 78  VAL A C   1 
ATOM   490 O O   . VAL A 1 65 ? -4.588  7.232   -6.447  1.00 50.98 ? 78  VAL A O   1 
ATOM   491 C CB  . VAL A 1 65 ? -7.042  8.441   -4.776  1.00 44.84 ? 78  VAL A CB  1 
ATOM   492 C CG1 . VAL A 1 65 ? -6.600  7.144   -4.228  1.00 54.11 ? 78  VAL A CG1 1 
ATOM   493 C CG2 . VAL A 1 65 ? -7.399  9.457   -3.638  1.00 45.09 ? 78  VAL A CG2 1 
ATOM   494 N N   . ALA A 1 66 ? -6.156  7.954   -7.847  1.00 40.16 ? 79  ALA A N   1 
ATOM   495 C CA  . ALA A 1 66 ? -5.689  7.036   -8.892  1.00 36.02 ? 79  ALA A CA  1 
ATOM   496 C C   . ALA A 1 66 ? -4.255  7.403   -9.307  1.00 40.87 ? 79  ALA A C   1 
ATOM   497 O O   . ALA A 1 66 ? -3.441  6.516   -9.459  1.00 43.36 ? 79  ALA A O   1 
ATOM   498 C CB  . ALA A 1 66 ? -6.621  7.000   -10.091 1.00 38.62 ? 79  ALA A CB  1 
ATOM   499 N N   . ALA A 1 67 ? -3.947  8.697   -9.494  1.00 40.95 ? 80  ALA A N   1 
ATOM   500 C CA  . ALA A 1 67 ? -2.556  9.089   -9.797  1.00 39.93 ? 80  ALA A CA  1 
ATOM   501 C C   . ALA A 1 67 ? -1.513  8.635   -8.763  1.00 45.48 ? 80  ALA A C   1 
ATOM   502 O O   . ALA A 1 67 ? -0.372  8.335   -9.137  1.00 46.02 ? 80  ALA A O   1 
ATOM   503 C CB  . ALA A 1 67 ? -2.446  10.575  -10.048 1.00 40.81 ? 80  ALA A CB  1 
ATOM   504 N N   . PHE A 1 68 ? -1.938  8.523   -7.495  1.00 43.97 ? 81  PHE A N   1 
ATOM   505 C CA  . PHE A 1 68 ? -1.118  8.066   -6.392  1.00 45.47 ? 81  PHE A CA  1 
ATOM   506 C C   . PHE A 1 68 ? -0.820  6.616   -6.579  1.00 46.14 ? 81  PHE A C   1 
ATOM   507 O O   . PHE A 1 68 ? 0.317   6.197   -6.469  1.00 45.88 ? 81  PHE A O   1 
ATOM   508 C CB  . PHE A 1 68 ? -1.867  8.250   -5.062  1.00 47.68 ? 81  PHE A CB  1 
ATOM   509 C CG  . PHE A 1 68 ? -1.158  7.676   -3.857  1.00 45.21 ? 81  PHE A CG  1 
ATOM   510 C CD1 . PHE A 1 68 ? -0.095  8.335   -3.264  1.00 48.92 ? 81  PHE A CD1 1 
ATOM   511 C CD2 . PHE A 1 68 ? -1.569  6.464   -3.305  1.00 52.32 ? 81  PHE A CD2 1 
ATOM   512 C CE1 . PHE A 1 68 ? 0.555   7.795   -2.149  1.00 52.66 ? 81  PHE A CE1 1 
ATOM   513 C CE2 . PHE A 1 68 ? -0.931  5.935   -2.191  1.00 54.12 ? 81  PHE A CE2 1 
ATOM   514 C CZ  . PHE A 1 68 ? 0.115   6.604   -1.612  1.00 52.13 ? 81  PHE A CZ  1 
ATOM   515 N N   . CYS A 1 69 ? -1.858  5.843   -6.839  1.00 43.73 ? 82  CYS A N   1 
ATOM   516 C CA  . CYS A 1 69 ? -1.695  4.434   -7.108  1.00 45.06 ? 82  CYS A CA  1 
ATOM   517 C C   . CYS A 1 69 ? -0.806  4.212   -8.334  1.00 44.47 ? 82  CYS A C   1 
ATOM   518 O O   . CYS A 1 69 ? 0.085   3.370   -8.290  1.00 51.01 ? 82  CYS A O   1 
ATOM   519 C CB  . CYS A 1 69 ? -3.049  3.801   -7.318  1.00 47.68 ? 82  CYS A CB  1 
ATOM   520 S SG  . CYS A 1 69 ? -4.018  3.848   -5.831  1.00 45.00 ? 82  CYS A SG  1 
ATOM   521 N N   . ASP A 1 70 ? -1.081  4.942   -9.403  1.00 46.09 ? 83  ASP A N   1 
ATOM   522 C CA  . ASP A 1 70 ? -0.363  4.810   -10.682 1.00 45.58 ? 83  ASP A CA  1 
ATOM   523 C C   . ASP A 1 70 ? 1.166   4.996   -10.524 1.00 49.23 ? 83  ASP A C   1 
ATOM   524 O O   . ASP A 1 70 ? 1.956   4.365   -11.208 1.00 48.13 ? 83  ASP A O   1 
ATOM   525 C CB  . ASP A 1 70 ? -0.872  5.848   -11.689 1.00 47.59 ? 83  ASP A CB  1 
ATOM   526 C CG  . ASP A 1 70 ? -2.262  5.529   -12.232 1.00 50.28 ? 83  ASP A CG  1 
ATOM   527 O OD1 . ASP A 1 70 ? -2.811  4.449   -12.007 1.00 39.92 ? 83  ASP A OD1 1 
ATOM   528 O OD2 . ASP A 1 70 ? -2.833  6.369   -12.910 1.00 38.15 ? 83  ASP A OD2 1 
ATOM   529 N N   . ALA A 1 71 ? 1.579   5.878   -9.621  1.00 49.59 ? 84  ALA A N   1 
ATOM   530 C CA  . ALA A 1 71 ? 3.002   6.124   -9.407  1.00 49.33 ? 84  ALA A CA  1 
ATOM   531 C C   . ALA A 1 71 ? 3.711   4.969   -8.694  1.00 48.17 ? 84  ALA A C   1 
ATOM   532 O O   . ALA A 1 71 ? 4.929   4.852   -8.769  1.00 49.74 ? 84  ALA A O   1 
ATOM   533 C CB  . ALA A 1 71 ? 3.220   7.482   -8.686  1.00 47.21 ? 84  ALA A CB  1 
ATOM   534 N N   . LEU A 1 72 ? 2.951   4.073   -8.069  1.00 48.10 ? 85  LEU A N   1 
ATOM   535 C CA  . LEU A 1 72 ? 3.534   2.895   -7.424  1.00 49.77 ? 85  LEU A CA  1 
ATOM   536 C C   . LEU A 1 72 ? 3.471   1.609   -8.258  1.00 52.17 ? 85  LEU A C   1 
ATOM   537 O O   . LEU A 1 72 ? 3.995   0.586   -7.853  1.00 51.35 ? 85  LEU A O   1 
ATOM   538 C CB  . LEU A 1 72 ? 2.899   2.669   -6.064  1.00 47.89 ? 85  LEU A CB  1 
ATOM   539 C CG  . LEU A 1 72 ? 2.897   3.837   -5.082  1.00 44.24 ? 85  LEU A CG  1 
ATOM   540 C CD1 . LEU A 1 72 ? 2.041   3.542   -3.910  1.00 48.36 ? 85  LEU A CD1 1 
ATOM   541 C CD2 . LEU A 1 72 ? 4.306   4.154   -4.623  1.00 54.36 ? 85  LEU A CD2 1 
ATOM   542 N N   . ILE A 1 73 ? 2.878   1.687   -9.446  1.00 57.43 ? 86  ILE A N   1 
ATOM   543 C CA  . ILE A 1 73 ? 2.703   0.533   -10.331 1.00 60.55 ? 86  ILE A CA  1 
ATOM   544 C C   . ILE A 1 73 ? 3.634   0.600   -11.555 1.00 62.10 ? 86  ILE A C   1 
ATOM   545 O O   . ILE A 1 73 ? 3.743   -0.376  -12.296 1.00 66.57 ? 86  ILE A O   1 
ATOM   546 C CB  . ILE A 1 73 ? 1.241   0.482   -10.814 1.00 59.73 ? 86  ILE A CB  1 
ATOM   547 C CG1 . ILE A 1 73 ? 0.314   0.151   -9.659  1.00 60.27 ? 86  ILE A CG1 1 
ATOM   548 C CG2 . ILE A 1 73 ? 1.036   -0.556  -11.892 1.00 66.18 ? 86  ILE A CG2 1 
ATOM   549 C CD1 . ILE A 1 73 ? -1.122  0.470   -10.002 1.00 62.48 ? 86  ILE A CD1 1 
ATOM   550 N N   . GLY A 1 74 ? 4.296   1.736   -11.778 1.00 61.12 ? 87  GLY A N   1 
ATOM   551 C CA  . GLY A 1 74 ? 5.214   1.901   -12.920 1.00 63.28 ? 87  GLY A CA  1 
ATOM   552 C C   . GLY A 1 74 ? 6.225   0.787   -13.219 1.00 64.17 ? 87  GLY A C   1 
ATOM   553 O O   . GLY A 1 74 ? 6.783   0.741   -14.326 1.00 65.43 ? 87  GLY A O   1 
ATOM   554 N N   . ASP A 1 75 ? 6.491   -0.081  -12.236 1.00 62.42 ? 88  ASP A N   1 
ATOM   555 C CA  . ASP A 1 75 ? 7.379   -1.247  -12.397 1.00 61.05 ? 88  ASP A CA  1 
ATOM   556 C C   . ASP A 1 75 ? 7.228   -2.165  -11.163 1.00 59.20 ? 88  ASP A C   1 
ATOM   557 O O   . ASP A 1 75 ? 6.440   -1.873  -10.236 1.00 58.27 ? 88  ASP A O   1 
ATOM   558 C CB  . ASP A 1 75 ? 8.862   -0.804  -12.578 1.00 61.90 ? 88  ASP A CB  1 
ATOM   559 C CG  . ASP A 1 75 ? 9.457   -0.110  -11.311 1.00 66.84 ? 88  ASP A CG  1 
ATOM   560 O OD1 . ASP A 1 75 ? 9.352   -0.664  -10.200 1.00 60.08 ? 88  ASP A OD1 1 
ATOM   561 O OD2 . ASP A 1 75 ? 10.050  0.981   -11.433 1.00 75.72 ? 88  ASP A OD2 1 
ATOM   562 N N   . SER A 1 76 ? 7.988   -3.256  -11.125 1.00 55.00 ? 89  SER A N   1 
ATOM   563 C CA  . SER A 1 76 ? 8.013   -4.112  -9.928  1.00 52.55 ? 89  SER A CA  1 
ATOM   564 C C   . SER A 1 76 ? 9.441   -4.257  -9.365  1.00 49.24 ? 89  SER A C   1 
ATOM   565 O O   . SER A 1 76 ? 9.789   -5.309  -8.815  1.00 49.01 ? 89  SER A O   1 
ATOM   566 C CB  . SER A 1 76 ? 7.454   -5.487  -10.290 1.00 53.35 ? 89  SER A CB  1 
ATOM   567 O OG  . SER A 1 76 ? 8.261   -6.067  -11.303 1.00 56.34 ? 89  SER A OG  1 
ATOM   568 N N   . LYS A 1 77 ? 10.277  -3.231  -9.554  1.00 46.95 ? 90  LYS A N   1 
ATOM   569 C CA  . LYS A 1 77 ? 11.669  -3.254  -9.053  1.00 45.16 ? 90  LYS A CA  1 
ATOM   570 C C   . LYS A 1 77 ? 11.693  -3.330  -7.528  1.00 39.72 ? 90  LYS A C   1 
ATOM   571 O O   . LYS A 1 77 ? 12.584  -3.919  -6.916  1.00 37.60 ? 90  LYS A O   1 
ATOM   572 C CB  . LYS A 1 77 ? 12.430  -2.003  -9.475  1.00 43.45 ? 90  LYS A CB  1 
ATOM   573 C CG  . LYS A 1 77 ? 12.913  -2.026  -10.909 1.00 48.14 ? 90  LYS A CG  1 
ATOM   574 N N   . THR A 1 78 ? 10.696  -2.709  -6.944  1.00 40.07 ? 91  THR A N   1 
ATOM   575 C CA  . THR A 1 78 ? 10.618  -2.586  -5.499  1.00 44.69 ? 91  THR A CA  1 
ATOM   576 C C   . THR A 1 78 ? 10.317  -3.942  -4.883  1.00 43.73 ? 91  THR A C   1 
ATOM   577 O O   . THR A 1 78 ? 10.983  -4.371  -3.957  1.00 45.51 ? 91  THR A O   1 
ATOM   578 C CB  . THR A 1 78 ? 9.555   -1.580  -5.135  1.00 42.84 ? 91  THR A CB  1 
ATOM   579 O OG1 . THR A 1 78 ? 9.909   -0.298  -5.666  1.00 40.71 ? 91  THR A OG1 1 
ATOM   580 C CG2 . THR A 1 78 ? 9.408   -1.443  -3.651  1.00 46.74 ? 91  THR A CG2 1 
ATOM   581 N N   . TYR A 1 79 ? 9.315   -4.619  -5.417  1.00 45.13 ? 92  TYR A N   1 
ATOM   582 C CA  . TYR A 1 79 ? 9.011   -5.991  -4.987  1.00 41.64 ? 92  TYR A CA  1 
ATOM   583 C C   . TYR A 1 79 ? 10.174  -6.899  -5.181  1.00 38.04 ? 92  TYR A C   1 
ATOM   584 O O   . TYR A 1 79 ? 10.499  -7.714  -4.322  1.00 37.13 ? 92  TYR A O   1 
ATOM   585 C CB  . TYR A 1 79 ? 7.795   -6.566  -5.725  1.00 43.31 ? 92  TYR A CB  1 
ATOM   586 C CG  . TYR A 1 79 ? 7.405   -7.957  -5.234  1.00 38.44 ? 92  TYR A CG  1 
ATOM   587 C CD1 . TYR A 1 79 ? 6.725   -8.142  -4.020  1.00 44.71 ? 92  TYR A CD1 1 
ATOM   588 C CD2 . TYR A 1 79 ? 7.720   -9.069  -5.975  1.00 48.67 ? 92  TYR A CD2 1 
ATOM   589 C CE1 . TYR A 1 79 ? 6.402   -9.418  -3.575  1.00 36.40 ? 92  TYR A CE1 1 
ATOM   590 C CE2 . TYR A 1 79 ? 7.390   -10.336 -5.521  1.00 44.58 ? 92  TYR A CE2 1 
ATOM   591 C CZ  . TYR A 1 79 ? 6.740   -10.495 -4.330  1.00 43.19 ? 92  TYR A CZ  1 
ATOM   592 O OH  . TYR A 1 79 ? 6.438   -11.799 -3.972  1.00 44.24 ? 92  TYR A OH  1 
ATOM   593 N N   . ALA A 1 80 ? 10.775  -6.827  -6.360  1.00 37.68 ? 93  ALA A N   1 
ATOM   594 C CA  . ALA A 1 80 ? 11.908  -7.679  -6.729  1.00 36.33 ? 93  ALA A CA  1 
ATOM   595 C C   . ALA A 1 80 ? 13.094  -7.590  -5.762  1.00 36.58 ? 93  ALA A C   1 
ATOM   596 O O   . ALA A 1 80 ? 13.730  -8.601  -5.413  1.00 34.68 ? 93  ALA A O   1 
ATOM   597 C CB  . ALA A 1 80 ? 12.396  -7.285  -8.141  1.00 36.64 ? 93  ALA A CB  1 
ATOM   598 N N   . ASP A 1 81 ? 13.383  -6.351  -5.373  1.00 39.04 ? 94  ASP A N   1 
ATOM   599 C CA  . ASP A 1 81 ? 14.416  -6.024  -4.383  1.00 42.49 ? 94  ASP A CA  1 
ATOM   600 C C   . ASP A 1 81 ? 14.110  -6.743  -3.044  1.00 37.93 ? 94  ASP A C   1 
ATOM   601 O O   . ASP A 1 81 ? 14.934  -7.473  -2.512  1.00 39.40 ? 94  ASP A O   1 
ATOM   602 C CB  . ASP A 1 81 ? 14.410  -4.495  -4.180  1.00 45.98 ? 94  ASP A CB  1 
ATOM   603 C CG  . ASP A 1 81 ? 15.341  -4.019  -3.061  1.00 49.96 ? 94  ASP A CG  1 
ATOM   604 O OD1 . ASP A 1 81 ? 16.286  -4.752  -2.703  1.00 64.42 ? 94  ASP A OD1 1 
ATOM   605 O OD2 . ASP A 1 81 ? 15.115  -2.894  -2.558  1.00 55.27 ? 94  ASP A OD2 1 
ATOM   606 N N   . LEU A 1 82 ? 12.934  -6.516  -2.528  1.00 39.09 ? 95  LEU A N   1 
ATOM   607 C CA  . LEU A 1 82 ? 12.538  -7.087  -1.245  1.00 42.66 ? 95  LEU A CA  1 
ATOM   608 C C   . LEU A 1 82 ? 12.528  -8.595  -1.275  1.00 43.84 ? 95  LEU A C   1 
ATOM   609 O O   . LEU A 1 82 ? 12.924  -9.258  -0.294  1.00 43.97 ? 95  LEU A O   1 
ATOM   610 C CB  . LEU A 1 82 ? 11.198  -6.524  -0.806  1.00 41.42 ? 95  LEU A CB  1 
ATOM   611 C CG  . LEU A 1 82 ? 11.184  -5.027  -0.581  1.00 48.63 ? 95  LEU A CG  1 
ATOM   612 C CD1 . LEU A 1 82 ? 9.876   -4.600  0.005   1.00 46.53 ? 95  LEU A CD1 1 
ATOM   613 C CD2 . LEU A 1 82 ? 12.327  -4.583  0.307   1.00 53.89 ? 95  LEU A CD2 1 
ATOM   614 N N   . TYR A 1 83 ? 12.137  -9.145  -2.425  1.00 43.69 ? 96  TYR A N   1 
ATOM   615 C CA  . TYR A 1 83 ? 12.156  -10.578 -2.634  1.00 42.90 ? 96  TYR A CA  1 
ATOM   616 C C   . TYR A 1 83 ? 13.558  -11.145 -2.631  1.00 42.89 ? 96  TYR A C   1 
ATOM   617 O O   . TYR A 1 83 ? 13.847  -12.113 -1.923  1.00 42.07 ? 96  TYR A O   1 
ATOM   618 C CB  . TYR A 1 83 ? 11.448  -10.892 -3.957  1.00 42.12 ? 96  TYR A CB  1 
ATOM   619 C CG  . TYR A 1 83 ? 11.209  -12.343 -4.180  1.00 39.26 ? 96  TYR A CG  1 
ATOM   620 C CD1 . TYR A 1 83 ? 12.225  -13.166 -4.635  1.00 35.01 ? 96  TYR A CD1 1 
ATOM   621 C CD2 . TYR A 1 83 ? 9.950   -12.905 -3.977  1.00 39.75 ? 96  TYR A CD2 1 
ATOM   622 C CE1 . TYR A 1 83 ? 12.017  -14.502 -4.861  1.00 43.64 ? 96  TYR A CE1 1 
ATOM   623 C CE2 . TYR A 1 83 ? 9.741   -14.243 -4.184  1.00 35.39 ? 96  TYR A CE2 1 
ATOM   624 C CZ  . TYR A 1 83 ? 10.779  -15.039 -4.631  1.00 42.20 ? 96  TYR A CZ  1 
ATOM   625 O OH  . TYR A 1 83 ? 10.610  -16.370 -4.872  1.00 44.09 ? 96  TYR A OH  1 
ATOM   626 N N   . GLN A 1 84 ? 14.436  -10.562 -3.448  1.00 43.39 ? 97  GLN A N   1 
ATOM   627 C CA  . GLN A 1 84 ? 15.808  -11.047 -3.561  1.00 46.05 ? 97  GLN A CA  1 
ATOM   628 C C   . GLN A 1 84 ? 16.569  -10.906 -2.245  1.00 45.99 ? 97  GLN A C   1 
ATOM   629 O O   . GLN A 1 84 ? 17.402  -11.756 -1.906  1.00 48.30 ? 97  GLN A O   1 
ATOM   630 C CB  . GLN A 1 84 ? 16.547  -10.343 -4.711  1.00 44.48 ? 97  GLN A CB  1 
ATOM   631 C CG  . GLN A 1 84 ? 17.696  -11.158 -5.330  1.00 53.23 ? 97  GLN A CG  1 
ATOM   632 C CD  . GLN A 1 84 ? 18.339  -10.448 -6.539  1.00 52.13 ? 97  GLN A CD  1 
ATOM   633 O OE1 . GLN A 1 84 ? 17.988  -9.304  -6.859  1.00 68.84 ? 97  GLN A OE1 1 
ATOM   634 N NE2 . GLN A 1 84 ? 19.278  -11.124 -7.205  1.00 57.66 ? 97  GLN A NE2 1 
ATOM   635 N N   . GLU A 1 85 ? 16.268  -9.864  -1.484  1.00 49.09 ? 98  GLU A N   1 
ATOM   636 C CA  . GLU A 1 85 ? 16.984  -9.634  -0.234  1.00 52.96 ? 98  GLU A CA  1 
ATOM   637 C C   . GLU A 1 85 ? 16.605  -10.711 0.799   1.00 52.60 ? 98  GLU A C   1 
ATOM   638 O O   . GLU A 1 85 ? 17.481  -11.226 1.503   1.00 53.47 ? 98  GLU A O   1 
ATOM   639 C CB  . GLU A 1 85 ? 16.778  -8.189  0.280   1.00 52.06 ? 98  GLU A CB  1 
ATOM   640 C CG  . GLU A 1 85 ? 15.568  -7.936  1.170   1.00 62.84 ? 98  GLU A CG  1 
ATOM   641 N N   . SER A 1 86 ? 15.321  -11.080 0.835   1.00 52.16 ? 99  SER A N   1 
ATOM   642 C CA  A SER A 1 86 ? 14.837  -12.072 1.780   0.50 53.34 ? 99  SER A CA  1 
ATOM   643 C CA  B SER A 1 86 ? 14.820  -12.090 1.765   0.50 52.16 ? 99  SER A CA  1 
ATOM   644 C C   . SER A 1 86 ? 15.498  -13.432 1.541   1.00 54.04 ? 99  SER A C   1 
ATOM   645 O O   . SER A 1 86 ? 15.917  -14.097 2.487   1.00 55.41 ? 99  SER A O   1 
ATOM   646 C CB  A SER A 1 86 ? 13.314  -12.171 1.726   0.50 53.32 ? 99  SER A CB  1 
ATOM   647 C CB  B SER A 1 86 ? 13.307  -12.248 1.634   0.50 52.16 ? 99  SER A CB  1 
ATOM   648 O OG  A SER A 1 86 ? 12.824  -12.933 2.814   0.50 55.27 ? 99  SER A OG  1 
ATOM   649 O OG  B SER A 1 86 ? 12.636  -11.085 2.063   0.50 44.62 ? 99  SER A OG  1 
ATOM   650 N N   . ILE A 1 87 ? 15.621  -13.828 0.283   1.00 54.93 ? 100 ILE A N   1 
ATOM   651 C CA  . ILE A 1 87 ? 16.360  -15.052 -0.065  1.00 56.23 ? 100 ILE A CA  1 
ATOM   652 C C   . ILE A 1 87 ? 17.830  -14.985 0.377   1.00 57.14 ? 100 ILE A C   1 
ATOM   653 O O   . ILE A 1 87 ? 18.288  -15.835 1.140   1.00 56.28 ? 100 ILE A O   1 
ATOM   654 C CB  . ILE A 1 87 ? 16.322  -15.298 -1.570  1.00 55.73 ? 100 ILE A CB  1 
ATOM   655 C CG1 . ILE A 1 87 ? 14.891  -15.592 -2.013  1.00 49.88 ? 100 ILE A CG1 1 
ATOM   656 C CG2 . ILE A 1 87 ? 17.225  -16.430 -1.941  1.00 55.32 ? 100 ILE A CG2 1 
ATOM   657 C CD1 . ILE A 1 87 ? 14.698  -15.343 -3.443  1.00 54.14 ? 100 ILE A CD1 1 
ATOM   658 N N   . GLN A 1 88 ? 18.563  -13.974 -0.099  1.00 59.52 ? 101 GLN A N   1 
ATOM   659 C CA  . GLN A 1 88 ? 19.954  -13.745 0.347   1.00 60.25 ? 101 GLN A CA  1 
ATOM   660 C C   . GLN A 1 88 ? 20.095  -13.933 1.856   1.00 61.30 ? 101 GLN A C   1 
ATOM   661 O O   . GLN A 1 88 ? 21.107  -14.452 2.319   1.00 62.03 ? 101 GLN A O   1 
ATOM   662 C CB  . GLN A 1 88 ? 20.452  -12.337 -0.037  1.00 61.34 ? 101 GLN A CB  1 
ATOM   663 C CG  . GLN A 1 88 ? 21.728  -11.838 0.719   1.00 60.83 ? 101 GLN A CG  1 
ATOM   664 C CD  . GLN A 1 88 ? 23.036  -12.450 0.208   1.00 67.86 ? 101 GLN A CD  1 
ATOM   665 O OE1 . GLN A 1 88 ? 23.522  -12.078 -0.863  1.00 72.33 ? 101 GLN A OE1 1 
ATOM   666 N NE2 . GLN A 1 88 ? 23.625  -13.369 0.988   1.00 68.62 ? 101 GLN A NE2 1 
ATOM   667 N N   . GLN A 1 89 ? 19.098  -13.483 2.614   1.00 60.94 ? 102 GLN A N   1 
ATOM   668 C CA  . GLN A 1 89 ? 19.094  -13.697 4.050   1.00 59.87 ? 102 GLN A CA  1 
ATOM   669 C C   . GLN A 1 89 ? 18.733  -15.128 4.443   1.00 60.55 ? 102 GLN A C   1 
ATOM   670 O O   . GLN A 1 89 ? 19.478  -15.755 5.192   1.00 57.58 ? 102 GLN A O   1 
ATOM   671 C CB  . GLN A 1 89 ? 18.177  -12.693 4.733   1.00 58.94 ? 102 GLN A CB  1 
ATOM   672 C CG  . GLN A 1 89 ? 18.727  -11.285 4.609   1.00 63.66 ? 102 GLN A CG  1 
ATOM   673 C CD  . GLN A 1 89 ? 18.019  -10.279 5.483   1.00 60.35 ? 102 GLN A CD  1 
ATOM   674 O OE1 . GLN A 1 89 ? 16.793  -10.161 5.450   1.00 65.94 ? 102 GLN A OE1 1 
ATOM   675 N NE2 . GLN A 1 89 ? 18.793  -9.533  6.262   1.00 49.89 ? 102 GLN A NE2 1 
ATOM   676 N N   . HIS A 1 90 ? 17.611  -15.660 3.953   1.00 62.79 ? 103 HIS A N   1 
ATOM   677 C CA  . HIS A 1 90 ? 17.169  -16.997 4.395   1.00 62.89 ? 103 HIS A CA  1 
ATOM   678 C C   . HIS A 1 90 ? 18.308  -17.995 4.363   1.00 66.01 ? 103 HIS A C   1 
ATOM   679 O O   . HIS A 1 90 ? 18.245  -18.999 5.066   1.00 67.82 ? 103 HIS A O   1 
ATOM   680 C CB  . HIS A 1 90 ? 15.938  -17.499 3.640   1.00 61.16 ? 103 HIS A CB  1 
ATOM   681 C CG  . HIS A 1 90 ? 14.633  -17.053 4.239   1.00 56.97 ? 103 HIS A CG  1 
ATOM   682 N ND1 . HIS A 1 90 ? 13.987  -15.898 3.850   1.00 64.43 ? 103 HIS A ND1 1 
ATOM   683 C CD2 . HIS A 1 90 ? 13.848  -17.612 5.190   1.00 60.03 ? 103 HIS A CD2 1 
ATOM   684 C CE1 . HIS A 1 90 ? 12.864  -15.763 4.535   1.00 61.83 ? 103 HIS A CE1 1 
ATOM   685 N NE2 . HIS A 1 90 ? 12.753  -16.794 5.352   1.00 58.22 ? 103 HIS A NE2 1 
ATOM   686 N N   . VAL A 1 91 ? 19.341  -17.714 3.558   1.00 69.26 ? 104 VAL A N   1 
ATOM   687 C CA  . VAL A 1 91 ? 20.678  -18.340 3.701   1.00 70.39 ? 104 VAL A CA  1 
ATOM   688 C C   . VAL A 1 91 ? 21.147  -18.260 5.175   1.00 71.43 ? 104 VAL A C   1 
ATOM   689 O O   . VAL A 1 91 ? 21.492  -19.270 5.799   1.00 71.71 ? 104 VAL A O   1 
ATOM   690 C CB  . VAL A 1 91 ? 21.724  -17.645 2.771   1.00 69.19 ? 104 VAL A CB  1 
ATOM   691 C CG1 . VAL A 1 91 ? 23.151  -18.059 3.112   1.00 70.94 ? 104 VAL A CG1 1 
ATOM   692 C CG2 . VAL A 1 91 ? 21.428  -17.932 1.303   1.00 68.61 ? 104 VAL A CG2 1 
ATOM   693 N N   . ASP A 1 92 ? 21.142  -17.037 5.701   1.00 73.39 ? 105 ASP A N   1 
ATOM   694 C CA  . ASP A 1 92 ? 21.457  -16.741 7.110   1.00 74.21 ? 105 ASP A CA  1 
ATOM   695 C C   . ASP A 1 92 ? 20.428  -17.373 8.074   1.00 74.50 ? 105 ASP A C   1 
ATOM   696 O O   . ASP A 1 92 ? 20.695  -18.378 8.744   1.00 73.91 ? 105 ASP A O   1 
ATOM   697 C CB  . ASP A 1 92 ? 21.483  -15.210 7.346   1.00 75.15 ? 105 ASP A CB  1 
ATOM   698 C CG  . ASP A 1 92 ? 22.112  -14.417 6.178   1.00 76.45 ? 105 ASP A CG  1 
ATOM   699 O OD1 . ASP A 1 92 ? 23.045  -14.978 5.471   1.00 73.52 ? 105 ASP A OD1 1 
ATOM   700 O OD2 . ASP A 1 92 ? 21.658  -13.223 5.985   1.00 62.03 ? 105 ASP A OD2 1 
HETATM 701 C C1  . PEG B 2 .  ? -9.594  6.307   -6.176  0.50 47.96 ? 1   PEG A C1  1 
HETATM 702 O O1  . PEG B 2 .  ? -8.787  5.155   -5.895  0.50 49.04 ? 1   PEG A O1  1 
HETATM 703 C C2  . PEG B 2 .  ? -10.835 5.915   -6.960  0.50 49.94 ? 1   PEG A C2  1 
HETATM 704 O O2  . PEG B 2 .  ? -11.633 7.083   -7.200  0.50 52.79 ? 1   PEG A O2  1 
HETATM 705 C C3  . PEG B 2 .  ? -11.597 7.574   -8.546  0.50 45.46 ? 1   PEG A C3  1 
HETATM 706 C C4  . PEG B 2 .  ? -11.743 9.089   -8.512  0.50 43.38 ? 1   PEG A C4  1 
HETATM 707 O O4  . PEG B 2 .  ? -13.114 9.467   -8.679  0.50 44.00 ? 1   PEG A O4  1 
HETATM 708 C C1  . PEG C 2 .  ? 1.031   14.397  -1.823  1.00 64.57 ? 2   PEG A C1  1 
HETATM 709 O O1  . PEG C 2 .  ? 0.335   15.619  -1.547  1.00 63.10 ? 2   PEG A O1  1 
HETATM 710 C C2  . PEG C 2 .  ? 0.772   13.964  -3.264  1.00 63.55 ? 2   PEG A C2  1 
HETATM 711 O O2  . PEG C 2 .  ? 1.336   12.664  -3.509  1.00 68.67 ? 2   PEG A O2  1 
HETATM 712 C C3  . PEG C 2 .  ? 1.053   12.246  -4.850  1.00 70.35 ? 2   PEG A C3  1 
HETATM 713 C C4  . PEG C 2 .  ? 1.927   11.086  -5.309  1.00 72.91 ? 2   PEG A C4  1 
HETATM 714 O O4  . PEG C 2 .  ? 1.455   10.645  -6.594  1.00 72.27 ? 2   PEG A O4  1 
HETATM 715 O O   . HOH D 3 .  ? -0.852  -4.692  14.927  1.00 41.80 ? 114 HOH A O   1 
HETATM 716 O O   . HOH D 3 .  ? -3.281  1.458   11.716  1.00 38.01 ? 115 HOH A O   1 
HETATM 717 O O   . HOH D 3 .  ? -1.874  0.527   14.155  1.00 45.92 ? 116 HOH A O   1 
HETATM 718 O O   . HOH D 3 .  ? -10.291 4.019   13.438  1.00 54.80 ? 117 HOH A O   1 
HETATM 719 O O   . HOH D 3 .  ? -11.852 8.142   12.691  1.00 53.99 ? 118 HOH A O   1 
HETATM 720 O O   . HOH D 3 .  ? -7.953  11.165  9.933   1.00 55.38 ? 119 HOH A O   1 
HETATM 721 O O   . HOH D 3 .  ? -9.076  13.971  6.228   1.00 48.23 ? 120 HOH A O   1 
HETATM 722 O O   . HOH D 3 .  ? -7.890  14.608  3.567   1.00 37.66 ? 121 HOH A O   1 
HETATM 723 O O   . HOH D 3 .  ? -10.265 0.084   4.214   1.00 42.23 ? 122 HOH A O   1 
HETATM 724 O O   . HOH D 3 .  ? -10.360 -2.414  3.475   1.00 45.49 ? 123 HOH A O   1 
HETATM 725 O O   . HOH D 3 .  ? 3.122   -8.825  -13.554 1.00 56.26 ? 124 HOH A O   1 
HETATM 726 O O   . HOH D 3 .  ? 1.875   -14.433 -6.388  1.00 43.88 ? 125 HOH A O   1 
HETATM 727 O O   . HOH D 3 .  ? -0.934  5.108   12.404  1.00 38.48 ? 126 HOH A O   1 
HETATM 728 O O   . HOH D 3 .  ? 5.938   10.358  12.602  1.00 40.41 ? 127 HOH A O   1 
HETATM 729 O O   . HOH D 3 .  ? 3.080   14.774  13.974  1.00 64.42 ? 128 HOH A O   1 
HETATM 730 O O   . HOH D 3 .  ? 3.322   16.491  9.864   0.50 35.46 ? 129 HOH A O   1 
HETATM 731 O O   . HOH D 3 .  ? -0.103  18.332  4.709   1.00 64.48 ? 130 HOH A O   1 
HETATM 732 O O   . HOH D 3 .  ? 2.559   11.310  0.113   1.00 39.59 ? 131 HOH A O   1 
HETATM 733 O O   . HOH D 3 .  ? -2.244  12.229  -6.405  1.00 41.13 ? 132 HOH A O   1 
HETATM 734 O O   . HOH D 3 .  ? 2.776   7.877   -4.884  1.00 50.38 ? 133 HOH A O   1 
HETATM 735 O O   . HOH D 3 .  ? 8.767   -0.763  -8.059  1.00 44.42 ? 134 HOH A O   1 
HETATM 736 O O   . HOH D 3 .  ? 4.913   -5.804  -8.791  1.00 59.89 ? 135 HOH A O   1 
HETATM 737 O O   . HOH D 3 .  ? 5.412   -11.831 -1.840  1.00 38.70 ? 136 HOH A O   1 
HETATM 738 O O   . HOH D 3 .  ? 3.722   -10.512 -0.334  0.50 35.20 ? 137 HOH A O   1 
HETATM 739 O O   . HOH D 3 .  ? -3.473  3.875   11.957  1.00 42.69 ? 138 HOH A O   1 
HETATM 740 O O   . HOH D 3 .  ? -8.767  -5.216  3.380   1.00 59.39 ? 139 HOH A O   1 
HETATM 741 O O   . HOH D 3 .  ? -4.330  15.208  -11.110 1.00 54.17 ? 140 HOH A O   1 
HETATM 742 O O   . HOH D 3 .  ? -4.003  -6.044  -14.130 1.00 64.58 ? 141 HOH A O   1 
HETATM 743 O O   . HOH D 3 .  ? -4.228  -5.940  -5.182  1.00 45.12 ? 142 HOH A O   1 
HETATM 744 O O   . HOH D 3 .  ? 5.946   -2.550  -3.255  1.00 50.88 ? 143 HOH A O   1 
HETATM 745 O O   . HOH D 3 .  ? 0.499   1.017   13.190  1.00 51.04 ? 144 HOH A O   1 
HETATM 746 O O   . HOH D 3 .  ? -4.047  11.258  12.719  1.00 51.97 ? 145 HOH A O   1 
HETATM 747 O O   . HOH D 3 .  ? -5.154  11.891  10.588  1.00 62.31 ? 146 HOH A O   1 
HETATM 748 O O   . HOH D 3 .  ? -9.860  12.248  -7.977  1.00 45.07 ? 147 HOH A O   1 
HETATM 749 O O   . HOH D 3 .  ? -8.572  9.665   -8.510  1.00 52.14 ? 148 HOH A O   1 
HETATM 750 O O   . HOH D 3 .  ? -1.608  8.658   -13.230 1.00 54.26 ? 149 HOH A O   1 
HETATM 751 O O   . HOH D 3 .  ? -1.977  2.607   -14.000 1.00 55.49 ? 150 HOH A O   1 
HETATM 752 O O   . HOH D 3 .  ? 6.344   2.600   -10.138 1.00 48.19 ? 151 HOH A O   1 
HETATM 753 O O   . HOH D 3 .  ? -3.903  -6.641  16.801  1.00 61.82 ? 152 HOH A O   1 
HETATM 754 O O   . HOH D 3 .  ? -8.087  5.812   14.633  1.00 62.19 ? 153 HOH A O   1 
HETATM 755 O O   . HOH D 3 .  ? -11.245 9.919   9.997   1.00 52.00 ? 154 HOH A O   1 
HETATM 756 O O   . HOH D 3 .  ? -11.807 -0.838  6.621   1.00 48.15 ? 155 HOH A O   1 
HETATM 757 O O   . HOH D 3 .  ? -2.808  -5.403  -7.767  1.00 42.31 ? 156 HOH A O   1 
HETATM 758 O O   . HOH D 3 .  ? 4.520   -5.487  -4.729  1.00 47.86 ? 157 HOH A O   1 
HETATM 759 O O   . HOH D 3 .  ? 3.621   5.003   14.324  1.00 40.34 ? 158 HOH A O   1 
HETATM 760 O O   . HOH D 3 .  ? 1.910   17.247  3.218   1.00 62.84 ? 159 HOH A O   1 
HETATM 761 O O   . HOH D 3 .  ? -3.685  15.261  -6.657  1.00 55.51 ? 160 HOH A O   1 
HETATM 762 O O   . HOH D 3 .  ? -8.658  9.611   -11.639 1.00 45.65 ? 161 HOH A O   1 
HETATM 763 O O   . HOH D 3 .  ? 0.834   9.010   -11.262 1.00 44.15 ? 162 HOH A O   1 
HETATM 764 O O   . HOH D 3 .  ? 6.934   -3.612  -7.054  1.00 55.86 ? 163 HOH A O   1 
HETATM 765 O O   . HOH D 3 .  ? 6.582   -9.100  -12.299 0.50 68.18 ? 164 HOH A O   1 
HETATM 766 O O   . HOH D 3 .  ? 1.301   3.609   13.401  1.00 48.09 ? 165 HOH A O   1 
HETATM 767 O O   . HOH D 3 .  ? 0.334   -16.742 -6.166  1.00 49.24 ? 166 HOH A O   1 
HETATM 768 O O   . HOH D 3 .  ? -9.138  -7.480  11.511  1.00 50.63 ? 167 HOH A O   1 
HETATM 769 O O   . HOH D 3 .  ? -5.971  19.415  -5.800  1.00 62.39 ? 168 HOH A O   1 
HETATM 770 O O   . HOH D 3 .  ? 5.205   7.535   -5.257  1.00 54.49 ? 169 HOH A O   1 
# 
